data_7TJO
#
_entry.id   7TJO
#
_cell.length_a   71.339
_cell.length_b   121.826
_cell.length_c   195.724
_cell.angle_alpha   90.000
_cell.angle_beta   90.000
_cell.angle_gamma   90.000
#
_symmetry.space_group_name_H-M   'P 21 21 21'
#
loop_
_entity.id
_entity.type
_entity.pdbx_description
1 polymer 'Glycoprotein 120'
2 non-polymer N~1~-[(1R,2R)-5-{[(3R)-3-aminopyrrolidin-1-yl]methyl}-2-(carbamimidamidomethyl)-2,3-dihydro-1H-inden-1-yl]-N~2~-(4-chloro-3-fluorophenyl)ethanediamide
3 non-polymer 2-acetamido-2-deoxy-beta-D-glucopyranose
4 non-polymer IMIDAZOLE
5 water water
#
_entity_poly.entity_id   1
_entity_poly.type   'polypeptide(L)'
_entity_poly.pdbx_seq_one_letter_code
;VWKEAKTTLFCASDAKAYEKEVHNVWATHACVPTDPNPQEMVLANVTENFNMWKNDMVEQMHEDIISLWDESLKPCVKLT
GGSAITQACPKVSFDPIPLHYCAPAGFAILKCNNKTFNGTGPCRNVSTVQCTHGIKPVVSTQLLLNGSLAEEEIIIRSEN
LTNNAKTIIVHLNESVNIVCTRPNNGGSGSGGNIRQAHCNINESKWNNTLQKVGEELAKHFPSKTIKFEPSSGGDLEITT
HSFNCRGEFFYCNTSDLFNGTYRNGTYNHTGRSSNGTITLQCKIKQIINMWQEVGRAIYAPPIEGEITCNSNITGLLLLR
DGGQSNETNDTETFRPGGGDMRDNWRSELYKYKVVEIK
;
_entity_poly.pdbx_strand_id   D,A,C,B
#
# COMPACT_ATOMS: atom_id res chain seq x y z
N LYS A 6 47.91 -8.78 7.34
CA LYS A 6 47.61 -9.50 6.11
C LYS A 6 48.47 -9.01 4.94
N THR A 7 48.22 -7.78 4.51
CA THR A 7 48.95 -7.16 3.40
C THR A 7 48.77 -5.65 3.50
N THR A 8 49.24 -4.93 2.48
CA THR A 8 49.12 -3.48 2.41
C THR A 8 47.94 -3.11 1.52
N LEU A 9 46.91 -2.52 2.11
CA LEU A 9 45.76 -2.01 1.38
C LEU A 9 46.05 -0.60 0.90
N PHE A 10 45.49 -0.25 -0.26
CA PHE A 10 45.61 1.11 -0.77
C PHE A 10 44.25 1.80 -0.71
N CYS A 11 44.23 3.10 -1.01
CA CYS A 11 43.03 3.90 -0.87
C CYS A 11 42.66 4.53 -2.21
N ALA A 12 41.41 4.37 -2.60
CA ALA A 12 40.83 5.05 -3.75
C ALA A 12 39.80 6.04 -3.25
N SER A 13 40.01 7.31 -3.55
CA SER A 13 39.10 8.38 -3.19
C SER A 13 38.37 8.87 -4.43
N ASP A 14 37.59 9.92 -4.25
CA ASP A 14 36.94 10.60 -5.35
C ASP A 14 37.25 12.09 -5.29
N ALA A 15 38.45 12.42 -4.84
CA ALA A 15 38.80 13.80 -4.55
C ALA A 15 39.13 14.55 -5.83
N LYS A 16 38.94 15.86 -5.77
CA LYS A 16 39.24 16.77 -6.86
C LYS A 16 40.52 17.53 -6.53
N ALA A 17 41.43 17.61 -7.52
CA ALA A 17 42.74 18.19 -7.26
C ALA A 17 42.67 19.71 -7.07
N TYR A 18 41.73 20.38 -7.73
CA TYR A 18 41.60 21.83 -7.59
C TYR A 18 41.18 22.26 -6.19
N GLU A 19 40.56 21.37 -5.42
CA GLU A 19 40.04 21.75 -4.11
C GLU A 19 41.19 22.04 -3.15
N LYS A 20 41.08 23.14 -2.39
CA LYS A 20 42.04 23.46 -1.36
C LYS A 20 41.69 22.80 -0.02
N GLU A 21 40.63 22.01 0.02
CA GLU A 21 40.27 21.30 1.23
C GLU A 21 41.31 20.24 1.56
N VAL A 22 41.70 20.17 2.84
CA VAL A 22 42.84 19.34 3.24
C VAL A 22 42.59 17.87 2.90
N HIS A 23 41.37 17.40 3.11
CA HIS A 23 41.06 16.00 2.80
C HIS A 23 41.31 15.71 1.32
N ASN A 24 40.84 16.59 0.44
CA ASN A 24 41.04 16.39 -0.99
C ASN A 24 42.52 16.38 -1.36
N VAL A 25 43.30 17.30 -0.77
CA VAL A 25 44.73 17.36 -1.07
C VAL A 25 45.42 16.06 -0.65
N TRP A 26 45.24 15.67 0.61
CA TRP A 26 45.87 14.44 1.07
C TRP A 26 45.45 13.26 0.21
N ALA A 27 44.16 13.17 -0.13
CA ALA A 27 43.69 12.04 -0.94
C ALA A 27 44.35 12.02 -2.30
N THR A 28 44.32 13.15 -3.02
CA THR A 28 44.93 13.18 -4.35
C THR A 28 46.41 12.90 -4.30
N HIS A 29 47.08 13.15 -3.17
CA HIS A 29 48.49 12.77 -3.11
C HIS A 29 48.69 11.30 -2.75
N ALA A 30 47.81 10.71 -1.95
CA ALA A 30 48.02 9.34 -1.48
C ALA A 30 46.97 8.35 -1.96
N CYS A 31 45.83 8.81 -2.48
CA CYS A 31 44.76 7.91 -2.88
C CYS A 31 44.62 7.92 -4.40
N VAL A 32 44.39 6.73 -4.96
CA VAL A 32 44.20 6.60 -6.40
C VAL A 32 42.76 6.95 -6.76
N PRO A 33 42.44 7.12 -8.03
CA PRO A 33 41.06 7.43 -8.41
C PRO A 33 40.13 6.25 -8.18
N THR A 34 38.86 6.57 -7.92
CA THR A 34 37.85 5.55 -7.64
C THR A 34 37.41 4.89 -8.93
N ASP A 35 37.28 3.56 -8.90
CA ASP A 35 36.93 2.80 -10.09
C ASP A 35 35.44 3.00 -10.39
N PRO A 36 35.07 3.41 -11.61
CA PRO A 36 33.67 3.76 -11.86
C PRO A 36 32.73 2.57 -11.79
N ASN A 37 33.08 1.41 -12.44
CA ASN A 37 32.22 0.23 -12.43
C ASN A 37 32.42 -0.59 -11.15
N PRO A 38 31.35 -1.05 -10.53
CA PRO A 38 31.48 -1.76 -9.25
C PRO A 38 31.66 -3.26 -9.46
N GLN A 39 32.85 -3.77 -9.13
CA GLN A 39 33.16 -5.19 -9.25
C GLN A 39 32.80 -5.87 -7.93
N GLU A 40 31.65 -6.53 -7.90
CA GLU A 40 31.23 -7.29 -6.73
C GLU A 40 30.84 -8.70 -7.13
N MET A 41 31.16 -9.66 -6.28
CA MET A 41 31.06 -11.08 -6.59
C MET A 41 30.30 -11.78 -5.47
N VAL A 42 29.06 -12.16 -5.72
CA VAL A 42 28.20 -12.66 -4.65
C VAL A 42 28.47 -14.15 -4.43
N LEU A 43 28.01 -14.65 -3.28
CA LEU A 43 28.13 -16.05 -2.90
C LEU A 43 27.07 -16.35 -1.84
N ALA A 44 26.29 -17.42 -2.03
CA ALA A 44 25.11 -17.73 -1.22
C ALA A 44 25.45 -18.40 0.11
N ASN A 45 26.17 -19.52 0.07
CA ASN A 45 26.43 -20.34 1.25
C ASN A 45 27.91 -20.38 1.64
N VAL A 46 28.71 -19.44 1.14
CA VAL A 46 30.14 -19.43 1.40
C VAL A 46 30.41 -18.88 2.80
N THR A 47 30.07 -19.67 3.82
CA THR A 47 30.21 -19.22 5.20
C THR A 47 31.66 -18.85 5.51
N GLU A 48 31.83 -17.74 6.24
CA GLU A 48 33.13 -17.23 6.66
C GLU A 48 32.98 -16.53 8.00
N ASN A 49 34.10 -16.39 8.71
CA ASN A 49 34.12 -15.76 10.02
C ASN A 49 34.82 -14.40 9.97
N PHE A 50 34.29 -13.46 10.76
CA PHE A 50 34.85 -12.12 10.90
C PHE A 50 35.05 -11.80 12.37
N ASN A 51 35.97 -10.88 12.64
CA ASN A 51 36.11 -10.27 13.96
C ASN A 51 36.47 -8.81 13.76
N MET A 52 35.48 -7.93 13.87
CA MET A 52 35.73 -6.50 13.71
C MET A 52 36.77 -6.01 14.69
N TRP A 53 36.87 -6.65 15.85
CA TRP A 53 37.73 -6.18 16.94
C TRP A 53 39.20 -6.54 16.75
N LYS A 54 39.50 -7.51 15.89
CA LYS A 54 40.88 -7.85 15.54
C LYS A 54 41.22 -7.51 14.10
N ASN A 55 40.30 -6.85 13.39
CA ASN A 55 40.55 -6.42 12.01
C ASN A 55 41.83 -5.60 11.90
N ASP A 56 42.61 -5.89 10.85
CA ASP A 56 43.83 -5.14 10.57
C ASP A 56 43.58 -3.98 9.62
N MET A 57 42.52 -4.08 8.81
CA MET A 57 42.07 -2.95 8.01
C MET A 57 41.92 -1.71 8.89
N VAL A 58 41.33 -1.90 10.08
CA VAL A 58 41.13 -0.78 10.99
C VAL A 58 42.46 -0.11 11.30
N GLU A 59 43.50 -0.91 11.55
CA GLU A 59 44.80 -0.35 11.88
C GLU A 59 45.39 0.41 10.71
N GLN A 60 45.30 -0.13 9.50
CA GLN A 60 45.83 0.59 8.35
C GLN A 60 45.12 1.92 8.16
N MET A 61 43.79 1.91 8.23
CA MET A 61 43.06 3.16 8.06
C MET A 61 43.38 4.15 9.17
N HIS A 62 43.59 3.66 10.39
CA HIS A 62 44.00 4.53 11.49
C HIS A 62 45.32 5.21 11.17
N GLU A 63 46.29 4.46 10.68
CA GLU A 63 47.55 5.05 10.25
C GLU A 63 47.32 6.14 9.21
N ASP A 64 46.53 5.83 8.18
CA ASP A 64 46.33 6.81 7.12
C ASP A 64 45.62 8.06 7.62
N ILE A 65 44.62 7.90 8.50
CA ILE A 65 43.92 9.05 9.04
C ILE A 65 44.85 9.90 9.89
N ILE A 66 45.77 9.25 10.64
CA ILE A 66 46.75 10.01 11.41
C ILE A 66 47.65 10.81 10.48
N SER A 67 48.07 10.19 9.38
CA SER A 67 48.91 10.92 8.42
C SER A 67 48.15 12.11 7.84
N LEU A 68 46.88 11.91 7.53
CA LEU A 68 46.02 13.00 7.07
C LEU A 68 46.04 14.16 8.07
N TRP A 69 45.63 13.88 9.31
CA TRP A 69 45.52 14.95 10.30
C TRP A 69 46.86 15.62 10.57
N ASP A 70 47.95 14.86 10.57
CA ASP A 70 49.25 15.47 10.85
C ASP A 70 49.81 16.22 9.66
N GLU A 71 49.27 15.99 8.45
CA GLU A 71 49.64 16.81 7.30
C GLU A 71 48.70 17.98 7.07
N SER A 72 47.49 17.97 7.63
CA SER A 72 46.48 18.97 7.31
C SER A 72 46.22 19.93 8.47
N LEU A 73 45.85 19.42 9.65
CA LEU A 73 45.59 20.27 10.81
C LEU A 73 46.87 20.43 11.63
N LYS A 74 47.83 21.11 11.04
CA LYS A 74 49.07 21.39 11.74
C LYS A 74 48.79 22.33 12.90
N PRO A 75 49.17 21.97 14.13
CA PRO A 75 48.97 22.85 15.28
C PRO A 75 50.11 23.86 15.46
N CYS A 76 49.75 25.01 16.03
CA CYS A 76 50.75 26.00 16.42
C CYS A 76 51.84 25.35 17.27
N VAL A 77 51.44 24.56 18.26
CA VAL A 77 52.41 23.87 19.10
C VAL A 77 51.95 22.44 19.30
N LYS A 78 52.93 21.54 19.46
CA LYS A 78 52.66 20.14 19.75
C LYS A 78 53.59 19.72 20.87
N LEU A 79 53.02 19.31 22.01
CA LEU A 79 53.77 18.85 23.17
C LEU A 79 53.70 17.33 23.20
N THR A 80 54.82 16.67 22.96
CA THR A 80 54.91 15.22 23.03
C THR A 80 56.01 14.86 24.02
N GLY A 81 55.62 14.39 25.19
CA GLY A 81 56.61 14.12 26.22
C GLY A 81 57.34 15.39 26.59
N GLY A 82 58.66 15.37 26.44
CA GLY A 82 59.44 16.57 26.69
C GLY A 82 59.49 17.54 25.52
N SER A 83 59.25 17.05 24.31
CA SER A 83 59.42 17.87 23.11
C SER A 83 58.26 18.84 22.94
N ALA A 84 58.57 20.04 22.47
CA ALA A 84 57.59 21.03 22.04
C ALA A 84 57.98 21.51 20.65
N ILE A 85 57.17 21.14 19.65
CA ILE A 85 57.41 21.47 18.26
C ILE A 85 56.46 22.58 17.83
N THR A 86 56.98 23.59 17.14
CA THR A 86 56.16 24.69 16.65
C THR A 86 56.18 24.73 15.12
N GLN A 87 55.03 25.01 14.52
CA GLN A 87 54.88 25.06 13.08
C GLN A 87 53.95 26.20 12.72
N ALA A 88 53.64 26.32 11.44
CA ALA A 88 52.56 27.22 10.99
C ALA A 88 51.23 26.53 11.20
N CYS A 89 50.26 27.24 11.78
CA CYS A 89 48.93 26.71 12.06
C CYS A 89 47.90 27.48 11.26
N PRO A 90 48.02 27.51 9.93
CA PRO A 90 47.08 28.30 9.14
C PRO A 90 45.69 27.66 9.14
N LYS A 91 44.67 28.50 9.26
CA LYS A 91 43.30 28.00 9.16
C LYS A 91 43.09 27.41 7.77
N VAL A 92 42.26 26.37 7.69
CA VAL A 92 42.10 25.65 6.43
C VAL A 92 40.68 25.13 6.32
N SER A 93 40.21 24.99 5.07
CA SER A 93 38.90 24.39 4.85
C SER A 93 38.97 22.90 5.20
N PHE A 94 37.99 22.43 5.98
CA PHE A 94 38.07 21.11 6.60
C PHE A 94 36.70 20.45 6.56
N ASP A 95 36.53 19.49 5.65
CA ASP A 95 35.29 18.75 5.53
C ASP A 95 35.56 17.33 5.06
N PRO A 96 35.27 16.33 5.89
CA PRO A 96 35.66 14.95 5.56
C PRO A 96 35.12 14.51 4.21
N ILE A 97 35.93 13.77 3.47
CA ILE A 97 35.53 13.21 2.18
C ILE A 97 35.59 11.70 2.27
N PRO A 98 34.67 10.97 1.63
CA PRO A 98 34.70 9.52 1.71
C PRO A 98 35.97 8.95 1.11
N LEU A 99 36.52 7.93 1.76
CA LEU A 99 37.68 7.18 1.28
C LEU A 99 37.30 5.71 1.17
N HIS A 100 37.69 5.08 0.06
CA HIS A 100 37.53 3.64 -0.08
C HIS A 100 38.86 2.96 0.13
N TYR A 101 38.84 1.83 0.84
CA TYR A 101 40.04 1.02 1.02
C TYR A 101 39.94 -0.22 0.14
N CYS A 102 40.92 -0.39 -0.74
CA CYS A 102 40.94 -1.41 -1.76
C CYS A 102 42.12 -2.35 -1.52
N ALA A 103 41.90 -3.68 -1.84
CA ALA A 103 42.79 -4.83 -1.79
C ALA A 103 43.69 -4.86 -3.03
N PRO A 104 45.02 -4.88 -2.87
CA PRO A 104 45.92 -4.94 -4.03
C PRO A 104 45.78 -6.22 -4.84
N ALA A 105 46.61 -6.38 -5.87
CA ALA A 105 46.53 -7.57 -6.72
C ALA A 105 46.86 -8.83 -5.95
N GLY A 106 46.12 -9.90 -6.24
CA GLY A 106 46.28 -11.15 -5.51
C GLY A 106 45.60 -11.18 -4.16
N PHE A 107 44.68 -10.25 -3.91
CA PHE A 107 44.02 -10.11 -2.62
C PHE A 107 42.59 -9.63 -2.87
N ALA A 108 41.69 -10.05 -1.98
CA ALA A 108 40.28 -9.68 -2.08
C ALA A 108 39.80 -9.12 -0.76
N ILE A 109 38.64 -8.46 -0.76
CA ILE A 109 38.02 -7.98 0.46
C ILE A 109 36.66 -8.66 0.57
N LEU A 110 36.50 -9.53 1.56
CA LEU A 110 35.22 -10.16 1.83
C LEU A 110 34.32 -9.20 2.60
N LYS A 111 33.04 -9.20 2.24
CA LYS A 111 32.05 -8.31 2.80
C LYS A 111 30.87 -9.13 3.31
N CYS A 112 30.61 -9.08 4.61
CA CYS A 112 29.48 -9.79 5.19
C CYS A 112 28.18 -9.04 4.87
N ASN A 113 27.18 -9.77 4.37
CA ASN A 113 25.94 -9.17 3.93
C ASN A 113 24.76 -9.47 4.86
N ASN A 114 25.01 -10.16 5.97
CA ASN A 114 23.97 -10.37 6.98
C ASN A 114 23.62 -9.02 7.61
N LYS A 115 22.44 -8.50 7.29
CA LYS A 115 22.05 -7.19 7.77
C LYS A 115 21.96 -7.08 9.30
N THR A 116 22.19 -8.17 10.06
CA THR A 116 22.18 -8.08 11.51
C THR A 116 23.47 -8.58 12.15
N PHE A 117 24.50 -8.85 11.34
CA PHE A 117 25.80 -9.28 11.83
C PHE A 117 26.31 -8.36 12.93
N ASN A 118 26.63 -8.93 14.08
CA ASN A 118 27.09 -8.14 15.22
C ASN A 118 28.60 -8.02 15.26
N GLY A 119 29.28 -8.33 14.15
CA GLY A 119 30.70 -8.11 14.01
C GLY A 119 31.61 -9.23 14.49
N THR A 120 31.10 -10.16 15.30
CA THR A 120 31.87 -11.30 15.78
C THR A 120 31.23 -12.58 15.26
N GLY A 121 32.04 -13.46 14.67
CA GLY A 121 31.58 -14.79 14.37
C GLY A 121 31.30 -15.03 12.90
N PRO A 122 30.41 -15.98 12.60
CA PRO A 122 30.21 -16.42 11.22
C PRO A 122 29.14 -15.63 10.48
N CYS A 123 29.30 -15.59 9.16
CA CYS A 123 28.43 -14.84 8.27
C CYS A 123 27.87 -15.78 7.21
N ARG A 124 26.57 -15.66 6.96
CA ARG A 124 25.91 -16.51 5.96
C ARG A 124 26.25 -16.07 4.54
N ASN A 125 25.87 -14.84 4.19
CA ASN A 125 25.99 -14.31 2.83
C ASN A 125 27.24 -13.43 2.76
N VAL A 126 28.29 -13.92 2.10
CA VAL A 126 29.58 -13.23 2.02
C VAL A 126 29.91 -12.94 0.58
N SER A 127 30.20 -11.67 0.28
CA SER A 127 30.55 -11.22 -1.06
C SER A 127 32.04 -10.91 -1.16
N THR A 128 32.49 -10.73 -2.40
CA THR A 128 33.89 -10.44 -2.72
C THR A 128 33.96 -9.12 -3.47
N VAL A 129 34.72 -8.18 -2.94
CA VAL A 129 34.85 -6.87 -3.55
C VAL A 129 36.32 -6.49 -3.66
N GLN A 130 36.58 -5.50 -4.51
CA GLN A 130 37.89 -4.91 -4.66
C GLN A 130 38.11 -3.74 -3.69
N CYS A 131 37.03 -3.04 -3.33
CA CYS A 131 37.12 -1.83 -2.51
C CYS A 131 36.01 -1.82 -1.47
N THR A 132 36.33 -1.33 -0.28
CA THR A 132 35.30 -1.04 0.71
C THR A 132 34.46 0.15 0.25
N HIS A 133 33.26 0.25 0.80
CA HIS A 133 32.43 1.41 0.49
C HIS A 133 33.13 2.70 0.90
N GLY A 134 32.52 3.82 0.53
CA GLY A 134 33.08 5.12 0.84
C GLY A 134 32.94 5.48 2.30
N ILE A 135 34.05 5.50 3.04
CA ILE A 135 34.04 5.73 4.48
C ILE A 135 34.58 7.12 4.77
N LYS A 136 33.91 7.84 5.66
CA LYS A 136 34.31 9.19 6.03
C LYS A 136 35.10 9.17 7.33
N PRO A 137 36.37 9.54 7.32
CA PRO A 137 37.14 9.53 8.57
C PRO A 137 36.71 10.65 9.51
N VAL A 138 35.60 10.47 10.20
CA VAL A 138 35.05 11.47 11.11
C VAL A 138 35.52 11.18 12.52
N VAL A 139 36.32 12.10 13.06
CA VAL A 139 36.90 11.97 14.40
C VAL A 139 35.93 12.57 15.42
N SER A 140 35.43 11.74 16.33
CA SER A 140 34.49 12.22 17.35
C SER A 140 34.44 11.23 18.50
N THR A 141 33.80 11.66 19.60
CA THR A 141 33.60 10.83 20.77
C THR A 141 32.12 10.82 21.12
N GLN A 142 31.74 9.91 22.02
CA GLN A 142 30.36 9.78 22.48
C GLN A 142 29.41 9.45 21.32
N LEU A 143 29.29 10.36 20.36
CA LEU A 143 28.40 10.18 19.22
C LEU A 143 29.22 9.94 17.95
N LEU A 144 28.86 8.90 17.21
CA LEU A 144 29.44 8.63 15.89
C LEU A 144 28.69 9.45 14.85
N LEU A 145 29.41 10.26 14.08
CA LEU A 145 28.81 11.22 13.16
C LEU A 145 29.04 10.84 11.70
N ASN A 146 28.04 11.17 10.87
CA ASN A 146 28.15 11.08 9.42
C ASN A 146 28.63 9.69 8.97
N GLY A 147 28.01 8.66 9.54
CA GLY A 147 28.31 7.29 9.17
C GLY A 147 27.19 6.64 8.39
N SER A 148 27.39 5.35 8.10
CA SER A 148 26.37 4.54 7.44
C SER A 148 25.50 3.86 8.48
N LEU A 149 24.22 3.69 8.14
CA LEU A 149 23.24 3.20 9.09
C LEU A 149 23.06 1.69 8.97
N ALA A 150 22.39 1.12 9.98
CA ALA A 150 22.02 -0.29 9.92
C ALA A 150 20.83 -0.46 8.99
N GLU A 151 20.93 -1.46 8.09
CA GLU A 151 19.92 -1.58 7.05
C GLU A 151 18.58 -2.06 7.61
N GLU A 152 18.60 -2.92 8.63
CA GLU A 152 17.38 -3.50 9.15
C GLU A 152 17.11 -2.89 10.53
N GLU A 153 17.56 -3.51 11.61
CA GLU A 153 17.30 -3.02 12.96
C GLU A 153 18.62 -2.61 13.61
N ILE A 154 18.50 -1.96 14.78
CA ILE A 154 19.68 -1.56 15.54
C ILE A 154 20.53 -2.77 15.87
N ILE A 155 21.85 -2.60 15.82
CA ILE A 155 22.79 -3.64 16.25
C ILE A 155 23.60 -3.13 17.43
N ILE A 156 23.96 -4.05 18.32
CA ILE A 156 24.83 -3.78 19.46
C ILE A 156 26.11 -4.58 19.25
N ARG A 157 27.21 -3.89 18.94
CA ARG A 157 28.50 -4.52 18.73
C ARG A 157 29.35 -4.38 20.00
N SER A 158 30.10 -5.42 20.32
CA SER A 158 31.05 -5.35 21.41
C SER A 158 31.90 -6.61 21.39
N GLU A 159 33.16 -6.46 21.80
CA GLU A 159 34.07 -7.60 21.86
C GLU A 159 33.65 -8.58 22.94
N ASN A 160 33.15 -8.07 24.07
CA ASN A 160 32.73 -8.90 25.20
C ASN A 160 31.65 -8.14 25.96
N LEU A 161 30.39 -8.48 25.68
CA LEU A 161 29.31 -7.71 26.26
C LEU A 161 29.28 -7.79 27.78
N THR A 162 29.99 -8.75 28.37
CA THR A 162 30.00 -8.92 29.82
C THR A 162 31.25 -8.33 30.47
N ASN A 163 32.08 -7.64 29.69
CA ASN A 163 33.26 -6.95 30.19
C ASN A 163 32.98 -5.45 30.19
N ASN A 164 32.87 -4.85 31.38
CA ASN A 164 32.59 -3.42 31.45
C ASN A 164 33.59 -2.61 30.64
N ALA A 165 34.83 -3.10 30.53
CA ALA A 165 35.87 -2.32 29.86
C ALA A 165 35.66 -2.24 28.36
N LYS A 166 35.08 -3.28 27.75
CA LYS A 166 34.89 -3.28 26.31
C LYS A 166 33.91 -2.18 25.89
N THR A 167 34.37 -1.33 24.98
CA THR A 167 33.52 -0.29 24.42
C THR A 167 32.38 -0.91 23.64
N ILE A 168 31.15 -0.46 23.91
CA ILE A 168 29.98 -0.87 23.17
C ILE A 168 29.75 0.10 22.03
N ILE A 169 29.56 -0.43 20.82
CA ILE A 169 29.18 0.38 19.66
C ILE A 169 27.73 0.10 19.36
N VAL A 170 26.88 1.09 19.58
CA VAL A 170 25.48 1.01 19.18
C VAL A 170 25.38 1.53 17.75
N HIS A 171 24.95 0.67 16.83
CA HIS A 171 24.80 1.02 15.42
C HIS A 171 23.32 1.20 15.12
N LEU A 172 22.92 2.44 14.83
CA LEU A 172 21.53 2.80 14.61
C LEU A 172 21.08 2.49 13.19
N ASN A 173 19.75 2.51 12.99
CA ASN A 173 19.18 2.38 11.65
C ASN A 173 18.44 3.63 11.20
N GLU A 174 18.16 4.57 12.11
CA GLU A 174 17.51 5.83 11.78
C GLU A 174 18.36 6.97 12.32
N SER A 175 18.89 7.79 11.41
CA SER A 175 19.79 8.86 11.83
C SER A 175 19.02 9.92 12.63
N VAL A 176 19.77 10.68 13.43
CA VAL A 176 19.24 11.71 14.31
C VAL A 176 20.00 13.00 14.05
N ASN A 177 19.28 14.07 13.71
CA ASN A 177 19.92 15.29 13.30
C ASN A 177 20.49 16.04 14.51
N ILE A 178 21.78 16.38 14.45
CA ILE A 178 22.40 17.26 15.43
C ILE A 178 23.00 18.45 14.69
N VAL A 179 22.63 19.66 15.09
CA VAL A 179 23.15 20.87 14.47
C VAL A 179 23.94 21.65 15.51
N CYS A 180 25.19 21.97 15.19
CA CYS A 180 26.06 22.67 16.12
C CYS A 180 26.54 23.96 15.48
N THR A 181 26.62 25.03 16.27
CA THR A 181 26.89 26.34 15.70
C THR A 181 27.48 27.29 16.73
N ARG A 182 28.43 28.09 16.28
CA ARG A 182 28.94 29.28 16.97
C ARG A 182 28.61 30.47 16.09
N PRO A 183 27.64 31.31 16.45
CA PRO A 183 27.21 32.38 15.54
C PRO A 183 27.97 33.68 15.76
N ASN A 184 27.42 34.79 15.28
CA ASN A 184 28.02 36.12 15.50
C ASN A 184 27.42 36.81 16.73
N ASN A 193 31.78 36.03 24.36
CA ASN A 193 32.61 34.83 24.28
C ASN A 193 32.64 34.28 22.86
N ILE A 194 33.82 34.35 22.22
CA ILE A 194 33.96 33.84 20.87
C ILE A 194 34.01 32.32 20.83
N ARG A 195 34.23 31.67 21.96
CA ARG A 195 34.29 30.21 22.02
C ARG A 195 32.99 29.58 22.48
N GLN A 196 31.93 30.37 22.68
CA GLN A 196 30.64 29.84 23.09
C GLN A 196 29.83 29.40 21.88
N ALA A 197 29.34 28.16 21.91
CA ALA A 197 28.51 27.64 20.84
C ALA A 197 27.49 26.68 21.43
N HIS A 198 26.58 26.21 20.59
CA HIS A 198 25.48 25.37 21.07
C HIS A 198 25.08 24.38 20.00
N CYS A 199 24.47 23.28 20.45
CA CYS A 199 23.97 22.23 19.56
C CYS A 199 22.51 21.95 19.87
N ASN A 200 21.75 21.60 18.84
CA ASN A 200 20.34 21.28 18.97
C ASN A 200 20.03 19.92 18.36
N ILE A 201 19.24 19.15 19.12
CA ILE A 201 18.72 17.85 18.71
C ILE A 201 17.23 17.82 19.00
N ASN A 202 16.50 17.00 18.25
CA ASN A 202 15.05 16.87 18.44
C ASN A 202 14.77 15.92 19.60
N GLU A 203 14.03 16.40 20.61
CA GLU A 203 13.75 15.55 21.76
C GLU A 203 12.91 14.33 21.38
N SER A 204 12.04 14.45 20.39
CA SER A 204 11.19 13.32 20.02
C SER A 204 12.00 12.20 19.36
N LYS A 205 12.89 12.56 18.44
CA LYS A 205 13.65 11.52 17.76
C LYS A 205 14.69 10.93 18.70
N TRP A 206 15.23 11.75 19.62
CA TRP A 206 16.08 11.20 20.66
C TRP A 206 15.30 10.22 21.54
N ASN A 207 14.08 10.59 21.93
CA ASN A 207 13.15 9.64 22.54
C ASN A 207 13.24 8.29 21.88
N ASN A 208 12.77 8.25 20.63
CA ASN A 208 12.61 6.98 19.94
C ASN A 208 13.94 6.24 19.87
N THR A 209 15.02 6.96 19.55
CA THR A 209 16.31 6.30 19.40
C THR A 209 16.75 5.65 20.69
N LEU A 210 16.69 6.39 21.80
CA LEU A 210 17.14 5.84 23.07
C LEU A 210 16.19 4.75 23.57
N GLN A 211 14.91 4.85 23.25
CA GLN A 211 13.99 3.79 23.70
C GLN A 211 14.24 2.49 22.95
N LYS A 212 14.48 2.57 21.64
CA LYS A 212 14.74 1.34 20.90
C LYS A 212 16.13 0.78 21.24
N VAL A 213 17.10 1.66 21.47
CA VAL A 213 18.40 1.19 21.96
C VAL A 213 18.23 0.53 23.31
N GLY A 214 17.34 1.05 24.15
CA GLY A 214 17.08 0.43 25.44
C GLY A 214 16.44 -0.94 25.30
N GLU A 215 15.51 -1.08 24.35
CA GLU A 215 14.93 -2.40 24.10
C GLU A 215 16.02 -3.41 23.73
N GLU A 216 16.90 -3.03 22.80
CA GLU A 216 17.95 -3.96 22.38
C GLU A 216 18.92 -4.27 23.53
N LEU A 217 19.34 -3.23 24.24
CA LEU A 217 20.21 -3.43 25.39
C LEU A 217 19.55 -4.33 26.43
N ALA A 218 18.22 -4.31 26.51
CA ALA A 218 17.53 -5.20 27.43
C ALA A 218 17.51 -6.62 26.90
N LYS A 219 17.36 -6.78 25.58
CA LYS A 219 17.60 -8.10 24.98
C LYS A 219 18.92 -8.67 25.47
N HIS A 220 19.98 -7.85 25.54
CA HIS A 220 21.25 -8.38 26.02
C HIS A 220 21.36 -8.39 27.55
N PHE A 221 20.85 -7.38 28.23
CA PHE A 221 20.75 -7.39 29.70
C PHE A 221 19.28 -7.44 30.10
N PRO A 222 18.75 -8.59 30.49
CA PRO A 222 17.29 -8.75 30.58
C PRO A 222 16.67 -8.23 31.86
N SER A 223 17.00 -8.85 32.99
CA SER A 223 16.33 -8.53 34.25
C SER A 223 16.49 -7.05 34.61
N LYS A 224 17.74 -6.58 34.66
CA LYS A 224 18.00 -5.23 35.14
C LYS A 224 17.35 -4.20 34.21
N THR A 225 17.00 -3.05 34.79
CA THR A 225 16.37 -1.97 34.04
C THR A 225 17.46 -1.01 33.55
N ILE A 226 17.39 -0.62 32.27
CA ILE A 226 18.47 0.12 31.62
C ILE A 226 18.46 1.57 32.06
N LYS A 227 19.65 2.17 32.15
CA LYS A 227 19.75 3.56 32.56
C LYS A 227 20.82 4.23 31.71
N PHE A 228 20.56 5.47 31.28
CA PHE A 228 21.53 6.25 30.52
C PHE A 228 21.94 7.46 31.35
N GLU A 229 23.23 7.58 31.63
CA GLU A 229 23.74 8.65 32.47
C GLU A 229 24.92 9.34 31.81
N PRO A 230 25.23 10.57 32.23
CA PRO A 230 26.30 11.33 31.57
C PRO A 230 27.67 10.73 31.83
N SER A 231 28.67 11.28 31.14
CA SER A 231 30.01 10.72 31.18
C SER A 231 30.62 10.84 32.57
N SER A 232 31.12 9.72 33.11
CA SER A 232 31.65 9.67 34.46
C SER A 232 32.79 10.68 34.67
N GLY A 233 33.95 10.42 34.09
CA GLY A 233 35.08 11.33 34.25
C GLY A 233 36.19 11.01 33.27
N GLY A 234 37.13 11.94 33.18
CA GLY A 234 38.27 11.83 32.31
C GLY A 234 38.56 13.16 31.65
N ASP A 235 39.53 13.14 30.73
CA ASP A 235 39.85 14.33 29.95
C ASP A 235 38.59 14.94 29.35
N LEU A 236 38.60 16.26 29.20
CA LEU A 236 37.44 16.93 28.63
C LEU A 236 37.05 16.35 27.27
N GLU A 237 38.03 15.82 26.53
CA GLU A 237 37.74 15.32 25.19
C GLU A 237 36.86 14.07 25.21
N ILE A 238 36.78 13.35 26.33
CA ILE A 238 35.95 12.15 26.40
C ILE A 238 34.74 12.33 27.30
N THR A 239 34.78 13.23 28.27
CA THR A 239 33.61 13.51 29.09
C THR A 239 32.59 14.37 28.35
N THR A 240 32.90 14.82 27.14
CA THR A 240 31.98 15.57 26.31
C THR A 240 32.01 15.01 24.89
N HIS A 241 30.96 15.32 24.13
CA HIS A 241 30.93 15.03 22.70
C HIS A 241 31.84 16.02 22.01
N SER A 242 33.00 15.55 21.56
CA SER A 242 34.00 16.42 20.95
C SER A 242 34.16 16.06 19.49
N PHE A 243 34.50 17.06 18.68
CA PHE A 243 34.64 16.83 17.25
C PHE A 243 35.25 18.05 16.58
N ASN A 244 35.60 17.91 15.31
CA ASN A 244 36.14 19.02 14.54
C ASN A 244 35.13 19.44 13.49
N CYS A 245 34.92 20.74 13.38
CA CYS A 245 33.87 21.29 12.54
C CYS A 245 34.44 22.49 11.78
N ARG A 246 34.45 22.40 10.45
CA ARG A 246 35.00 23.47 9.63
C ARG A 246 36.42 23.82 10.04
N GLY A 247 36.98 23.08 11.00
CA GLY A 247 38.33 23.33 11.45
C GLY A 247 38.44 23.45 12.96
N GLU A 248 37.46 24.08 13.59
CA GLU A 248 37.54 24.33 15.03
C GLU A 248 37.19 23.07 15.82
N PHE A 249 37.78 22.96 17.01
CA PHE A 249 37.52 21.84 17.90
C PHE A 249 36.38 22.19 18.85
N PHE A 250 35.24 21.51 18.70
CA PHE A 250 34.08 21.72 19.53
C PHE A 250 34.09 20.69 20.65
N TYR A 251 33.78 21.15 21.87
CA TYR A 251 33.55 20.28 23.02
C TYR A 251 32.15 20.59 23.53
N CYS A 252 31.27 19.60 23.51
CA CYS A 252 29.86 19.80 23.82
C CYS A 252 29.43 18.94 25.00
N ASN A 253 28.61 19.52 25.87
CA ASN A 253 28.10 18.84 27.04
C ASN A 253 26.94 17.93 26.65
N THR A 254 26.94 16.70 27.18
CA THR A 254 25.93 15.72 26.83
C THR A 254 25.04 15.31 27.99
N SER A 255 25.15 15.98 29.15
CA SER A 255 24.41 15.51 30.32
C SER A 255 22.90 15.60 30.09
N ASP A 256 22.47 16.55 29.29
CA ASP A 256 21.07 16.62 28.89
C ASP A 256 20.73 15.68 27.75
N LEU A 257 21.66 14.81 27.36
CA LEU A 257 21.43 13.88 26.28
C LEU A 257 21.41 12.43 26.77
N PHE A 258 22.50 11.98 27.38
CA PHE A 258 22.54 10.65 28.01
C PHE A 258 22.02 10.81 29.43
N ASN A 259 20.70 10.69 29.59
CA ASN A 259 20.03 11.06 30.83
C ASN A 259 18.59 10.56 30.81
N GLY A 260 18.41 9.25 30.98
CA GLY A 260 17.07 8.68 30.95
C GLY A 260 17.05 7.31 31.59
N THR A 261 15.84 6.74 31.67
CA THR A 261 15.65 5.44 32.30
C THR A 261 14.69 4.61 31.48
N TYR A 262 14.98 3.31 31.37
CA TYR A 262 14.19 2.35 30.62
C TYR A 262 13.68 1.27 31.58
N ARG A 263 12.37 1.24 31.79
CA ARG A 263 11.70 0.30 32.67
C ARG A 263 10.41 -0.17 32.00
N ASN A 264 10.18 -1.48 32.01
CA ASN A 264 9.02 -2.09 31.35
C ASN A 264 8.72 -1.43 30.00
N GLY A 265 9.63 -1.54 29.04
CA GLY A 265 9.38 -1.07 27.69
C GLY A 265 9.13 0.41 27.56
N THR A 266 9.19 1.15 28.67
CA THR A 266 9.01 2.59 28.68
C THR A 266 10.35 3.26 28.90
N TYR A 267 10.75 4.13 27.96
CA TYR A 267 11.93 4.97 28.15
C TYR A 267 11.44 6.37 28.50
N ASN A 268 11.70 6.79 29.74
CA ASN A 268 11.42 8.14 30.20
C ASN A 268 12.74 8.91 30.14
N HIS A 269 12.76 9.98 29.35
CA HIS A 269 13.95 10.82 29.23
C HIS A 269 13.94 11.85 30.35
N THR A 270 14.99 11.84 31.18
CA THR A 270 15.10 12.72 32.33
C THR A 270 16.04 13.91 32.08
N GLY A 271 16.30 14.24 30.80
CA GLY A 271 17.10 15.41 30.47
C GLY A 271 16.25 16.64 30.24
N ARG A 272 16.89 17.81 30.36
CA ARG A 272 16.18 19.09 30.30
C ARG A 272 16.00 19.50 28.84
N SER A 273 14.81 19.27 28.30
CA SER A 273 14.48 19.74 26.96
C SER A 273 13.85 21.13 27.06
N SER A 274 13.32 21.63 25.95
CA SER A 274 12.74 22.97 25.92
C SER A 274 12.15 23.29 24.55
N ASN A 275 10.83 23.43 24.49
CA ASN A 275 10.11 23.65 23.23
C ASN A 275 10.29 22.48 22.26
N GLY A 276 10.73 21.34 22.75
CA GLY A 276 10.87 20.14 21.94
C GLY A 276 12.27 19.86 21.43
N THR A 277 13.26 20.67 21.80
CA THR A 277 14.64 20.46 21.36
C THR A 277 15.60 20.56 22.54
N ILE A 278 16.56 19.64 22.56
CA ILE A 278 17.64 19.66 23.55
C ILE A 278 18.79 20.47 22.96
N THR A 279 19.26 21.46 23.72
CA THR A 279 20.46 22.18 23.35
C THR A 279 21.59 21.79 24.28
N LEU A 280 22.80 21.77 23.71
CA LEU A 280 24.04 21.41 24.39
C LEU A 280 24.96 22.62 24.37
N GLN A 281 25.54 22.95 25.52
CA GLN A 281 26.49 24.05 25.62
C GLN A 281 27.88 23.55 25.23
N CYS A 282 28.56 24.30 24.37
CA CYS A 282 29.84 23.89 23.81
C CYS A 282 30.84 25.03 23.91
N LYS A 283 32.08 24.64 24.13
CA LYS A 283 33.23 25.55 24.08
C LYS A 283 34.16 25.10 22.96
N ILE A 284 34.78 26.07 22.29
CA ILE A 284 35.76 25.81 21.26
C ILE A 284 37.13 25.94 21.92
N LYS A 285 37.71 24.81 22.31
CA LYS A 285 38.96 24.84 23.04
C LYS A 285 40.14 24.98 22.09
N GLN A 286 41.24 25.51 22.59
CA GLN A 286 42.47 25.66 21.82
C GLN A 286 43.55 24.66 22.21
N ILE A 287 43.52 24.16 23.44
CA ILE A 287 44.46 23.15 23.91
C ILE A 287 43.76 21.80 23.82
N ILE A 288 44.09 21.04 22.80
CA ILE A 288 43.44 19.76 22.51
C ILE A 288 44.31 18.63 23.02
N ASN A 289 43.67 17.57 23.51
CA ASN A 289 44.37 16.36 23.93
C ASN A 289 44.35 15.41 22.74
N MET A 290 45.50 15.26 22.10
CA MET A 290 45.57 14.56 20.82
C MET A 290 45.03 13.14 20.93
N TRP A 291 44.28 12.71 19.91
CA TRP A 291 43.84 11.33 19.83
C TRP A 291 44.85 10.45 19.14
N GLN A 292 45.72 11.04 18.32
CA GLN A 292 46.71 10.28 17.58
C GLN A 292 47.74 9.65 18.51
N GLU A 293 48.17 10.39 19.52
CA GLU A 293 49.20 9.93 20.45
C GLU A 293 49.01 10.68 21.77
N VAL A 294 49.74 10.23 22.79
CA VAL A 294 49.61 10.86 24.10
C VAL A 294 50.39 12.16 24.06
N GLY A 295 49.67 13.27 23.95
CA GLY A 295 50.30 14.58 23.88
C GLY A 295 49.22 15.64 23.77
N ARG A 296 49.67 16.89 23.69
CA ARG A 296 48.76 18.01 23.59
C ARG A 296 49.08 18.82 22.34
N ALA A 297 48.08 19.51 21.82
CA ALA A 297 48.24 20.32 20.62
C ALA A 297 47.55 21.66 20.84
N ILE A 298 48.29 22.74 20.65
CA ILE A 298 47.74 24.09 20.79
C ILE A 298 47.53 24.66 19.39
N TYR A 299 46.28 25.00 19.09
CA TYR A 299 45.85 25.52 17.81
C TYR A 299 45.53 27.01 17.93
N ALA A 300 45.33 27.65 16.78
CA ALA A 300 45.05 29.07 16.70
C ALA A 300 43.63 29.39 17.15
N PRO A 301 43.40 30.61 17.64
CA PRO A 301 42.06 30.98 18.12
C PRO A 301 41.02 30.84 17.02
N PRO A 302 39.75 30.69 17.39
CA PRO A 302 38.71 30.43 16.38
C PRO A 302 38.56 31.59 15.39
N ILE A 303 38.24 31.24 14.16
CA ILE A 303 38.00 32.20 13.09
C ILE A 303 36.75 33.01 13.40
N GLU A 304 36.29 33.80 12.42
CA GLU A 304 35.06 34.58 12.55
C GLU A 304 33.99 34.05 11.60
N GLY A 305 32.80 34.62 11.73
CA GLY A 305 31.62 34.12 11.06
C GLY A 305 30.91 33.12 11.94
N GLU A 306 29.77 32.64 11.46
CA GLU A 306 29.06 31.58 12.15
C GLU A 306 29.59 30.25 11.65
N ILE A 307 30.26 29.51 12.53
CA ILE A 307 30.76 28.18 12.20
C ILE A 307 29.65 27.19 12.55
N THR A 308 29.18 26.44 11.56
CA THR A 308 28.06 25.54 11.80
C THR A 308 28.23 24.24 11.03
N CYS A 309 27.91 23.14 11.72
CA CYS A 309 27.93 21.79 11.15
C CYS A 309 26.58 21.12 11.38
N ASN A 310 26.05 20.51 10.34
CA ASN A 310 24.77 19.82 10.38
C ASN A 310 25.08 18.34 10.16
N SER A 311 25.04 17.55 11.23
CA SER A 311 25.55 16.19 11.22
C SER A 311 24.45 15.19 11.55
N ASN A 312 24.68 13.94 11.16
CA ASN A 312 23.81 12.81 11.51
C ASN A 312 24.47 12.00 12.62
N ILE A 313 23.72 11.72 13.68
CA ILE A 313 24.16 10.82 14.73
C ILE A 313 23.80 9.41 14.27
N THR A 314 24.76 8.70 13.67
CA THR A 314 24.53 7.35 13.16
C THR A 314 24.99 6.25 14.11
N GLY A 315 25.47 6.61 15.30
CA GLY A 315 25.93 5.59 16.23
C GLY A 315 26.24 6.18 17.59
N LEU A 316 26.44 5.28 18.55
CA LEU A 316 26.80 5.66 19.90
C LEU A 316 27.98 4.83 20.38
N LEU A 317 28.78 5.41 21.25
CA LEU A 317 29.84 4.69 21.97
C LEU A 317 29.51 4.73 23.45
N LEU A 318 29.23 3.57 24.03
CA LEU A 318 28.80 3.50 25.42
C LEU A 318 29.70 2.56 26.23
N LEU A 319 29.65 2.73 27.55
CA LEU A 319 30.40 1.91 28.48
C LEU A 319 29.54 1.65 29.71
N ARG A 320 29.24 0.37 29.97
CA ARG A 320 28.48 -0.02 31.14
C ARG A 320 29.35 0.17 32.39
N ASP A 321 28.83 -0.21 33.55
CA ASP A 321 29.62 -0.17 34.78
C ASP A 321 29.67 -1.55 35.43
N ASP A 330 18.96 -3.53 41.65
CA ASP A 330 20.04 -3.79 40.70
C ASP A 330 19.59 -3.52 39.26
N THR A 331 20.28 -2.60 38.61
CA THR A 331 20.01 -2.20 37.24
C THR A 331 21.32 -1.84 36.56
N GLU A 332 21.32 -1.94 35.23
CA GLU A 332 22.51 -1.68 34.42
C GLU A 332 22.46 -0.27 33.86
N THR A 333 23.55 0.47 34.02
CA THR A 333 23.64 1.86 33.59
C THR A 333 24.79 2.03 32.60
N PHE A 334 24.54 2.80 31.55
CA PHE A 334 25.47 3.03 30.46
C PHE A 334 25.78 4.52 30.33
N ARG A 335 26.99 4.82 29.88
CA ARG A 335 27.49 6.17 29.83
C ARG A 335 28.19 6.41 28.50
N PRO A 336 28.25 7.66 28.04
CA PRO A 336 28.94 7.94 26.78
C PRO A 336 30.44 7.72 26.92
N GLY A 337 31.01 6.97 25.99
CA GLY A 337 32.44 6.74 25.99
C GLY A 337 33.10 7.12 24.67
N GLY A 338 34.35 6.69 24.48
CA GLY A 338 35.09 7.00 23.27
C GLY A 338 36.52 7.38 23.58
N GLY A 339 37.30 7.68 22.53
CA GLY A 339 38.67 8.11 22.74
C GLY A 339 39.67 7.31 21.93
N ASP A 340 39.37 6.02 21.72
CA ASP A 340 40.15 5.19 20.81
C ASP A 340 39.57 5.35 19.41
N MET A 341 40.06 6.35 18.68
CA MET A 341 39.53 6.66 17.35
C MET A 341 39.46 5.46 16.45
N ARG A 342 40.12 4.37 16.83
CA ARG A 342 40.03 3.13 16.08
C ARG A 342 38.62 2.55 16.14
N ASP A 343 37.89 2.78 17.24
CA ASP A 343 36.53 2.27 17.32
C ASP A 343 35.63 2.92 16.26
N ASN A 344 35.88 4.20 15.95
CA ASN A 344 35.14 4.82 14.85
C ASN A 344 35.34 4.03 13.56
N TRP A 345 36.60 3.80 13.17
CA TRP A 345 36.86 3.05 11.95
C TRP A 345 36.23 1.67 12.01
N ARG A 346 36.36 1.00 13.16
CA ARG A 346 35.75 -0.32 13.34
C ARG A 346 34.26 -0.29 13.05
N SER A 347 33.57 0.75 13.54
CA SER A 347 32.14 0.87 13.34
C SER A 347 31.73 0.82 11.88
N GLU A 348 32.68 1.00 10.96
CA GLU A 348 32.40 0.98 9.53
C GLU A 348 33.04 -0.19 8.80
N LEU A 349 34.24 -0.59 9.23
CA LEU A 349 34.96 -1.70 8.63
C LEU A 349 34.57 -3.05 9.23
N TYR A 350 33.58 -3.07 10.13
CA TYR A 350 33.19 -4.33 10.77
C TYR A 350 32.85 -5.41 9.73
N LYS A 351 32.21 -5.03 8.63
CA LYS A 351 31.75 -6.03 7.65
C LYS A 351 32.78 -6.26 6.54
N TYR A 352 34.07 -6.31 6.85
CA TYR A 352 35.08 -6.48 5.81
C TYR A 352 36.23 -7.30 6.35
N LYS A 353 36.95 -7.96 5.46
CA LYS A 353 38.11 -8.76 5.85
C LYS A 353 38.99 -8.99 4.63
N VAL A 354 40.29 -8.75 4.78
CA VAL A 354 41.22 -8.90 3.66
C VAL A 354 41.65 -10.37 3.56
N VAL A 355 41.72 -10.89 2.34
CA VAL A 355 41.87 -12.33 2.13
C VAL A 355 42.82 -12.61 0.97
N GLU A 356 43.47 -13.78 1.06
CA GLU A 356 44.28 -14.36 -0.01
C GLU A 356 45.66 -13.73 -0.14
N LYS B 6 -42.00 -34.35 22.18
CA LYS B 6 -41.47 -35.66 22.52
C LYS B 6 -41.93 -36.10 23.92
N THR B 7 -41.44 -35.41 24.94
CA THR B 7 -41.76 -35.71 26.33
C THR B 7 -41.45 -34.47 27.17
N THR B 8 -41.55 -34.62 28.50
CA THR B 8 -41.26 -33.54 29.43
C THR B 8 -39.84 -33.73 29.98
N LEU B 9 -38.95 -32.81 29.65
CA LEU B 9 -37.60 -32.79 30.18
C LEU B 9 -37.59 -32.05 31.52
N PHE B 10 -36.70 -32.47 32.41
CA PHE B 10 -36.52 -31.77 33.67
C PHE B 10 -35.16 -31.08 33.69
N CYS B 11 -34.92 -30.29 34.73
CA CYS B 11 -33.72 -29.48 34.80
C CYS B 11 -32.94 -29.81 36.07
N ALA B 12 -31.65 -30.08 35.91
CA ALA B 12 -30.73 -30.25 37.02
C ALA B 12 -29.75 -29.09 37.00
N SER B 13 -29.73 -28.33 38.08
CA SER B 13 -28.83 -27.19 38.23
C SER B 13 -27.75 -27.55 39.25
N ASP B 14 -26.92 -26.57 39.57
CA ASP B 14 -25.94 -26.70 40.63
C ASP B 14 -26.08 -25.55 41.61
N ALA B 15 -27.31 -25.10 41.82
CA ALA B 15 -27.57 -23.90 42.59
C ALA B 15 -27.46 -24.16 44.08
N LYS B 16 -27.13 -23.10 44.81
CA LYS B 16 -27.03 -23.14 46.26
C LYS B 16 -28.26 -22.46 46.85
N ALA B 17 -28.86 -23.10 47.87
CA ALA B 17 -30.12 -22.60 48.41
C ALA B 17 -29.93 -21.32 49.22
N TYR B 18 -28.78 -21.15 49.86
CA TYR B 18 -28.53 -19.94 50.64
C TYR B 18 -28.44 -18.68 49.78
N GLU B 19 -28.15 -18.81 48.48
CA GLU B 19 -27.96 -17.64 47.65
C GLU B 19 -29.28 -16.90 47.45
N LYS B 20 -29.25 -15.58 47.57
CA LYS B 20 -30.41 -14.74 47.29
C LYS B 20 -30.51 -14.36 45.81
N GLU B 21 -29.59 -14.86 44.99
CA GLU B 21 -29.64 -14.60 43.56
C GLU B 21 -30.84 -15.28 42.93
N VAL B 22 -31.57 -14.55 42.08
CA VAL B 22 -32.86 -15.03 41.58
C VAL B 22 -32.70 -16.34 40.82
N HIS B 23 -31.64 -16.47 40.02
CA HIS B 23 -31.42 -17.71 39.29
C HIS B 23 -31.30 -18.90 40.24
N ASN B 24 -30.51 -18.74 41.31
CA ASN B 24 -30.35 -19.83 42.27
C ASN B 24 -31.68 -20.20 42.93
N VAL B 25 -32.47 -19.19 43.30
CA VAL B 25 -33.75 -19.46 43.95
C VAL B 25 -34.67 -20.24 43.01
N TRP B 26 -34.88 -19.72 41.81
CA TRP B 26 -35.74 -20.41 40.86
C TRP B 26 -35.25 -21.83 40.62
N ALA B 27 -33.93 -22.02 40.46
CA ALA B 27 -33.41 -23.34 40.19
C ALA B 27 -33.68 -24.29 41.35
N THR B 28 -33.32 -23.88 42.58
CA THR B 28 -33.55 -24.76 43.72
C THR B 28 -35.02 -25.07 43.93
N HIS B 29 -35.93 -24.22 43.45
CA HIS B 29 -37.34 -24.59 43.55
C HIS B 29 -37.80 -25.50 42.41
N ALA B 30 -37.23 -25.36 41.21
CA ALA B 30 -37.70 -26.13 40.07
C ALA B 30 -36.70 -27.10 39.50
N CYS B 31 -35.42 -26.99 39.84
CA CYS B 31 -34.38 -27.83 39.27
C CYS B 31 -33.84 -28.79 40.34
N VAL B 32 -33.61 -30.03 39.94
CA VAL B 32 -33.07 -31.04 40.84
C VAL B 32 -31.56 -30.88 40.91
N PRO B 33 -30.89 -31.54 41.86
CA PRO B 33 -29.43 -31.42 41.95
C PRO B 33 -28.74 -32.09 40.78
N THR B 34 -27.56 -31.58 40.45
CA THR B 34 -26.78 -32.10 39.33
C THR B 34 -26.09 -33.39 39.72
N ASP B 35 -26.12 -34.37 38.81
CA ASP B 35 -25.55 -35.68 39.10
C ASP B 35 -24.03 -35.60 39.03
N PRO B 36 -23.32 -36.04 40.08
CA PRO B 36 -21.86 -35.80 40.08
C PRO B 36 -21.11 -36.60 39.02
N ASN B 37 -21.41 -37.92 38.86
CA ASN B 37 -20.73 -38.75 37.86
C ASN B 37 -21.35 -38.57 36.48
N PRO B 38 -20.54 -38.43 35.44
CA PRO B 38 -21.09 -38.17 34.09
C PRO B 38 -21.37 -39.47 33.35
N GLN B 39 -22.65 -39.74 33.11
CA GLN B 39 -23.09 -40.94 32.39
C GLN B 39 -23.16 -40.58 30.91
N GLU B 40 -22.15 -40.97 30.14
CA GLU B 40 -22.13 -40.76 28.70
C GLU B 40 -21.82 -42.07 28.00
N MET B 41 -22.46 -42.29 26.85
CA MET B 41 -22.44 -43.57 26.16
C MET B 41 -22.10 -43.31 24.69
N VAL B 42 -20.88 -43.66 24.29
CA VAL B 42 -20.40 -43.29 22.97
C VAL B 42 -20.88 -44.31 21.94
N LEU B 43 -20.81 -43.92 20.66
CA LEU B 43 -21.17 -44.77 19.53
C LEU B 43 -20.47 -44.22 18.29
N ALA B 44 -19.81 -45.10 17.53
CA ALA B 44 -18.93 -44.71 16.43
C ALA B 44 -19.68 -44.41 15.12
N ASN B 45 -20.50 -45.36 14.64
CA ASN B 45 -21.14 -45.25 13.34
C ASN B 45 -22.66 -45.14 13.44
N VAL B 46 -23.19 -44.83 14.62
CA VAL B 46 -24.63 -44.77 14.83
C VAL B 46 -25.19 -43.48 14.23
N THR B 47 -25.23 -43.40 12.91
CA THR B 47 -25.67 -42.19 12.24
C THR B 47 -27.10 -41.83 12.65
N GLU B 48 -27.32 -40.53 12.87
CA GLU B 48 -28.63 -39.99 13.24
C GLU B 48 -28.76 -38.58 12.68
N ASN B 49 -30.00 -38.11 12.55
CA ASN B 49 -30.30 -36.79 12.02
C ASN B 49 -30.79 -35.84 13.10
N PHE B 50 -30.40 -34.57 12.99
CA PHE B 50 -30.81 -33.52 13.90
C PHE B 50 -31.36 -32.34 13.09
N ASN B 51 -32.20 -31.55 13.73
CA ASN B 51 -32.62 -30.25 13.19
C ASN B 51 -32.74 -29.30 14.37
N MET B 52 -31.71 -28.46 14.57
CA MET B 52 -31.76 -27.50 15.66
C MET B 52 -32.96 -26.58 15.55
N TRP B 53 -33.44 -26.34 14.34
CA TRP B 53 -34.49 -25.37 14.08
C TRP B 53 -35.89 -25.88 14.40
N LYS B 54 -36.06 -27.20 14.49
CA LYS B 54 -37.33 -27.79 14.91
C LYS B 54 -37.23 -28.49 16.26
N ASN B 55 -36.09 -28.35 16.94
CA ASN B 55 -35.92 -28.93 18.27
C ASN B 55 -37.02 -28.48 19.22
N ASP B 56 -37.53 -29.44 20.00
CA ASP B 56 -38.53 -29.16 21.02
C ASP B 56 -37.91 -28.85 22.37
N MET B 57 -36.70 -29.35 22.61
CA MET B 57 -35.93 -28.96 23.78
C MET B 57 -35.87 -27.44 23.89
N VAL B 58 -35.63 -26.77 22.75
CA VAL B 58 -35.56 -25.31 22.75
C VAL B 58 -36.84 -24.72 23.32
N GLU B 59 -37.99 -25.27 22.91
CA GLU B 59 -39.27 -24.73 23.38
C GLU B 59 -39.43 -24.94 24.88
N GLN B 60 -39.09 -26.14 25.37
CA GLN B 60 -39.21 -26.36 26.81
C GLN B 60 -38.32 -25.40 27.60
N MET B 61 -37.06 -25.24 27.18
CA MET B 61 -36.18 -24.33 27.90
C MET B 61 -36.68 -22.90 27.81
N HIS B 62 -37.25 -22.51 26.67
CA HIS B 62 -37.83 -21.18 26.54
C HIS B 62 -38.93 -20.97 27.56
N GLU B 63 -39.83 -21.96 27.71
CA GLU B 63 -40.85 -21.87 28.74
C GLU B 63 -40.23 -21.69 30.12
N ASP B 64 -39.23 -22.51 30.45
CA ASP B 64 -38.66 -22.43 31.79
C ASP B 64 -37.96 -21.08 32.01
N ILE B 65 -37.26 -20.57 31.00
CA ILE B 65 -36.59 -19.28 31.15
C ILE B 65 -37.62 -18.16 31.33
N ILE B 66 -38.76 -18.26 30.64
CA ILE B 66 -39.81 -17.28 30.82
C ILE B 66 -40.35 -17.33 32.25
N SER B 67 -40.53 -18.55 32.78
CA SER B 67 -40.99 -18.67 34.16
C SER B 67 -39.98 -18.07 35.13
N LEU B 68 -38.70 -18.31 34.87
CA LEU B 68 -37.65 -17.70 35.67
C LEU B 68 -37.79 -16.18 35.67
N TRP B 69 -37.76 -15.57 34.49
CA TRP B 69 -37.79 -14.10 34.43
C TRP B 69 -39.07 -13.53 35.02
N ASP B 70 -40.21 -14.20 34.84
CA ASP B 70 -41.45 -13.67 35.38
C ASP B 70 -41.59 -13.91 36.88
N GLU B 71 -40.77 -14.79 37.45
CA GLU B 71 -40.73 -14.95 38.90
C GLU B 71 -39.64 -14.11 39.57
N SER B 72 -38.63 -13.67 38.82
CA SER B 72 -37.46 -13.02 39.39
C SER B 72 -37.41 -11.52 39.09
N LEU B 73 -37.43 -11.13 37.82
CA LEU B 73 -37.39 -9.72 37.44
C LEU B 73 -38.81 -9.17 37.30
N LYS B 74 -39.49 -9.11 38.43
CA LYS B 74 -40.83 -8.57 38.44
C LYS B 74 -40.77 -7.07 38.13
N PRO B 75 -41.49 -6.59 37.12
CA PRO B 75 -41.52 -5.17 36.79
C PRO B 75 -42.53 -4.38 37.60
N CYS B 76 -42.20 -3.11 37.82
CA CYS B 76 -43.15 -2.19 38.44
C CYS B 76 -44.49 -2.23 37.73
N VAL B 77 -44.47 -2.18 36.40
CA VAL B 77 -45.69 -2.25 35.62
C VAL B 77 -45.47 -3.18 34.43
N LYS B 78 -46.55 -3.84 34.02
CA LYS B 78 -46.53 -4.71 32.85
C LYS B 78 -47.77 -4.38 32.03
N LEU B 79 -47.57 -3.93 30.80
CA LEU B 79 -48.64 -3.61 29.87
C LEU B 79 -48.75 -4.73 28.86
N THR B 80 -49.85 -5.49 28.92
CA THR B 80 -50.10 -6.57 27.97
C THR B 80 -51.47 -6.30 27.34
N GLY B 81 -51.46 -5.88 26.09
CA GLY B 81 -52.71 -5.52 25.44
C GLY B 81 -53.36 -4.37 26.18
N GLY B 82 -54.60 -4.59 26.65
CA GLY B 82 -55.26 -3.58 27.43
C GLY B 82 -54.89 -3.59 28.90
N SER B 83 -54.40 -4.71 29.41
CA SER B 83 -54.15 -4.86 30.84
C SER B 83 -52.88 -4.13 31.26
N ALA B 84 -52.93 -3.55 32.45
CA ALA B 84 -51.77 -2.98 33.12
C ALA B 84 -51.70 -3.54 34.53
N ILE B 85 -50.72 -4.38 34.79
CA ILE B 85 -50.54 -5.05 36.08
C ILE B 85 -49.39 -4.39 36.83
N THR B 86 -49.59 -4.11 38.11
CA THR B 86 -48.55 -3.50 38.93
C THR B 86 -48.16 -4.45 40.07
N GLN B 87 -46.86 -4.52 40.36
CA GLN B 87 -46.34 -5.40 41.40
C GLN B 87 -45.21 -4.66 42.13
N ALA B 88 -44.56 -5.37 43.05
CA ALA B 88 -43.33 -4.87 43.64
C ALA B 88 -42.17 -5.16 42.68
N CYS B 89 -41.33 -4.16 42.45
CA CYS B 89 -40.18 -4.28 41.55
C CYS B 89 -38.89 -4.11 42.33
N PRO B 90 -38.65 -4.94 43.34
CA PRO B 90 -37.45 -4.77 44.16
C PRO B 90 -36.21 -5.13 43.37
N LYS B 91 -35.15 -4.33 43.54
CA LYS B 91 -33.89 -4.66 42.92
C LYS B 91 -33.37 -5.98 43.48
N VAL B 92 -32.67 -6.76 42.66
CA VAL B 92 -32.27 -8.10 43.07
C VAL B 92 -30.94 -8.45 42.43
N SER B 93 -30.18 -9.31 43.10
CA SER B 93 -28.94 -9.81 42.53
C SER B 93 -29.27 -10.72 41.35
N PHE B 94 -28.59 -10.50 40.23
CA PHE B 94 -28.98 -11.11 38.96
C PHE B 94 -27.73 -11.53 38.20
N ASP B 95 -27.44 -12.84 38.20
CA ASP B 95 -26.29 -13.37 37.47
C ASP B 95 -26.59 -14.79 36.98
N PRO B 96 -26.65 -15.00 35.67
CA PRO B 96 -27.10 -16.29 35.14
C PRO B 96 -26.27 -17.44 35.69
N ILE B 97 -26.94 -18.55 35.97
CA ILE B 97 -26.27 -19.76 36.45
C ILE B 97 -26.53 -20.88 35.44
N PRO B 98 -25.56 -21.76 35.19
CA PRO B 98 -25.78 -22.83 34.21
C PRO B 98 -26.91 -23.75 34.64
N LEU B 99 -27.72 -24.16 33.66
CA LEU B 99 -28.79 -25.14 33.85
C LEU B 99 -28.56 -26.30 32.90
N HIS B 100 -28.71 -27.52 33.41
CA HIS B 100 -28.68 -28.70 32.56
C HIS B 100 -30.09 -29.20 32.34
N TYR B 101 -30.39 -29.61 31.11
CA TYR B 101 -31.68 -30.21 30.80
C TYR B 101 -31.50 -31.71 30.61
N CYS B 102 -32.22 -32.48 31.41
CA CYS B 102 -32.08 -33.93 31.50
C CYS B 102 -33.38 -34.59 31.07
N ALA B 103 -33.23 -35.79 30.39
CA ALA B 103 -34.24 -36.73 29.87
C ALA B 103 -34.77 -37.61 31.00
N PRO B 104 -36.10 -37.64 31.22
CA PRO B 104 -36.66 -38.50 32.29
C PRO B 104 -36.46 -39.98 32.01
N ALA B 105 -37.00 -40.84 32.88
CA ALA B 105 -36.83 -42.28 32.73
C ALA B 105 -37.49 -42.78 31.45
N GLY B 106 -36.83 -43.72 30.78
CA GLY B 106 -37.32 -44.23 29.51
C GLY B 106 -37.03 -43.33 28.34
N PHE B 107 -36.10 -42.38 28.49
CA PHE B 107 -35.79 -41.39 27.46
C PHE B 107 -34.32 -41.05 27.54
N ALA B 108 -33.73 -40.74 26.39
CA ALA B 108 -32.31 -40.39 26.31
C ALA B 108 -32.14 -39.08 25.58
N ILE B 109 -30.95 -38.48 25.69
CA ILE B 109 -30.61 -37.28 24.92
C ILE B 109 -29.42 -37.62 24.05
N LEU B 110 -29.63 -37.62 22.74
CA LEU B 110 -28.55 -37.83 21.79
C LEU B 110 -27.78 -36.54 21.58
N LYS B 111 -26.46 -36.66 21.50
CA LYS B 111 -25.55 -35.52 21.39
C LYS B 111 -24.65 -35.74 20.19
N CYS B 112 -24.75 -34.84 19.20
CA CYS B 112 -23.90 -34.92 18.03
C CYS B 112 -22.49 -34.44 18.37
N ASN B 113 -21.48 -35.23 18.00
CA ASN B 113 -20.09 -34.95 18.35
C ASN B 113 -19.26 -34.48 17.16
N ASN B 114 -19.86 -34.33 15.99
CA ASN B 114 -19.17 -33.74 14.84
C ASN B 114 -18.84 -32.29 15.15
N LYS B 115 -17.57 -32.00 15.39
CA LYS B 115 -17.15 -30.64 15.77
C LYS B 115 -17.47 -29.59 14.70
N THR B 116 -18.02 -29.95 13.54
CA THR B 116 -18.39 -28.95 12.53
C THR B 116 -19.86 -29.04 12.11
N PHE B 117 -20.65 -29.86 12.80
CA PHE B 117 -22.07 -29.98 12.54
C PHE B 117 -22.74 -28.61 12.47
N ASN B 118 -23.41 -28.33 11.35
CA ASN B 118 -24.06 -27.05 11.17
C ASN B 118 -25.51 -27.05 11.63
N GLY B 119 -25.91 -28.06 12.41
CA GLY B 119 -27.21 -28.10 13.04
C GLY B 119 -28.32 -28.74 12.24
N THR B 120 -28.15 -28.89 10.93
CA THR B 120 -29.15 -29.52 10.06
C THR B 120 -28.55 -30.77 9.45
N GLY B 121 -29.28 -31.88 9.54
CA GLY B 121 -28.91 -33.06 8.79
C GLY B 121 -28.26 -34.15 9.63
N PRO B 122 -27.46 -34.99 9.00
CA PRO B 122 -26.94 -36.20 9.66
C PRO B 122 -25.64 -35.99 10.40
N CYS B 123 -25.44 -36.80 11.43
CA CYS B 123 -24.28 -36.73 12.30
C CYS B 123 -23.57 -38.07 12.32
N ARG B 124 -22.24 -38.03 12.22
CA ARG B 124 -21.45 -39.26 12.22
C ARG B 124 -21.36 -39.85 13.62
N ASN B 125 -20.75 -39.12 14.55
CA ASN B 125 -20.45 -39.59 15.90
C ASN B 125 -21.53 -39.06 16.86
N VAL B 126 -22.41 -39.96 17.31
CA VAL B 126 -23.55 -39.58 18.14
C VAL B 126 -23.46 -40.31 19.48
N SER B 127 -23.51 -39.56 20.58
CA SER B 127 -23.43 -40.09 21.92
C SER B 127 -24.80 -40.06 22.60
N THR B 128 -24.89 -40.75 23.74
CA THR B 128 -26.10 -40.85 24.53
C THR B 128 -25.82 -40.33 25.93
N VAL B 129 -26.59 -39.32 26.35
CA VAL B 129 -26.40 -38.72 27.66
C VAL B 129 -27.74 -38.62 28.38
N GLN B 130 -27.65 -38.44 29.70
CA GLN B 130 -28.80 -38.19 30.54
C GLN B 130 -29.13 -36.71 30.64
N CYS B 131 -28.12 -35.84 30.53
CA CYS B 131 -28.28 -34.41 30.73
C CYS B 131 -27.49 -33.63 29.69
N THR B 132 -28.05 -32.53 29.22
CA THR B 132 -27.29 -31.59 28.41
C THR B 132 -26.22 -30.90 29.27
N HIS B 133 -25.21 -30.37 28.60
CA HIS B 133 -24.20 -29.61 29.33
C HIS B 133 -24.84 -28.42 30.04
N GLY B 134 -24.04 -27.75 30.85
CA GLY B 134 -24.51 -26.60 31.61
C GLY B 134 -24.71 -25.37 30.74
N ILE B 135 -25.96 -24.98 30.53
CA ILE B 135 -26.31 -23.89 29.63
C ILE B 135 -26.75 -22.69 30.45
N LYS B 136 -26.25 -21.51 30.07
CA LYS B 136 -26.58 -20.28 30.79
C LYS B 136 -27.68 -19.53 30.04
N PRO B 137 -28.86 -19.36 30.62
CA PRO B 137 -29.93 -18.63 29.94
C PRO B 137 -29.65 -17.14 29.85
N VAL B 138 -28.78 -16.75 28.92
CA VAL B 138 -28.37 -15.36 28.76
C VAL B 138 -29.23 -14.71 27.68
N VAL B 139 -30.03 -13.74 28.08
CA VAL B 139 -30.95 -13.03 27.20
C VAL B 139 -30.23 -11.83 26.58
N SER B 140 -30.08 -11.84 25.26
CA SER B 140 -29.41 -10.74 24.57
C SER B 140 -29.78 -10.76 23.10
N THR B 141 -29.39 -9.69 22.40
CA THR B 141 -29.60 -9.56 20.97
C THR B 141 -28.28 -9.21 20.30
N GLN B 142 -28.27 -9.30 18.96
CA GLN B 142 -27.07 -8.98 18.18
C GLN B 142 -25.91 -9.90 18.54
N LEU B 143 -25.43 -9.82 19.79
CA LEU B 143 -24.29 -10.60 20.25
C LEU B 143 -24.78 -11.65 21.24
N LEU B 144 -24.35 -12.90 21.02
CA LEU B 144 -24.58 -13.99 21.96
C LEU B 144 -23.50 -13.97 23.03
N LEU B 145 -23.90 -13.91 24.30
CA LEU B 145 -22.97 -13.71 25.40
C LEU B 145 -22.84 -14.94 26.27
N ASN B 146 -21.63 -15.14 26.81
CA ASN B 146 -21.37 -16.15 27.83
C ASN B 146 -21.86 -17.53 27.41
N GLY B 147 -21.54 -17.91 26.17
CA GLY B 147 -21.89 -19.21 25.65
C GLY B 147 -20.68 -20.12 25.50
N SER B 148 -20.93 -21.30 24.95
CA SER B 148 -19.88 -22.26 24.64
C SER B 148 -19.40 -22.05 23.21
N LEU B 149 -18.11 -22.28 22.99
CA LEU B 149 -17.47 -21.96 21.72
C LEU B 149 -17.44 -23.17 20.80
N ALA B 150 -17.13 -22.92 19.53
CA ALA B 150 -16.92 -23.99 18.58
C ALA B 150 -15.56 -24.63 18.81
N GLU B 151 -15.52 -25.96 18.87
CA GLU B 151 -14.29 -26.64 19.25
C GLU B 151 -13.22 -26.54 18.18
N GLU B 152 -13.60 -26.54 16.90
CA GLU B 152 -12.65 -26.56 15.81
C GLU B 152 -12.68 -25.19 15.14
N GLU B 153 -13.46 -25.00 14.09
CA GLU B 153 -13.52 -23.74 13.36
C GLU B 153 -14.90 -23.12 13.50
N ILE B 154 -15.02 -21.87 13.04
CA ILE B 154 -16.30 -21.17 13.08
C ILE B 154 -17.35 -21.97 12.29
N ILE B 155 -18.59 -21.99 12.81
CA ILE B 155 -19.71 -22.58 12.10
C ILE B 155 -20.75 -21.51 11.77
N ILE B 156 -21.42 -21.68 10.64
CA ILE B 156 -22.54 -20.82 10.24
C ILE B 156 -23.79 -21.67 10.23
N ARG B 157 -24.68 -21.43 11.20
CA ARG B 157 -25.94 -22.15 11.30
C ARG B 157 -27.06 -21.31 10.71
N SER B 158 -27.99 -21.97 10.03
CA SER B 158 -29.18 -21.30 9.54
C SER B 158 -30.13 -22.36 8.99
N GLU B 159 -31.43 -22.08 9.14
CA GLU B 159 -32.45 -22.98 8.62
C GLU B 159 -32.44 -23.01 7.09
N ASN B 160 -32.21 -21.85 6.47
CA ASN B 160 -32.20 -21.74 5.01
C ASN B 160 -31.27 -20.59 4.65
N LEU B 161 -30.03 -20.91 4.30
CA LEU B 161 -29.06 -19.85 4.06
C LEU B 161 -29.45 -18.95 2.90
N THR B 162 -30.39 -19.36 2.06
CA THR B 162 -30.80 -18.57 0.91
C THR B 162 -32.10 -17.81 1.16
N ASN B 163 -32.61 -17.85 2.39
CA ASN B 163 -33.80 -17.10 2.79
C ASN B 163 -33.36 -15.94 3.66
N ASN B 164 -33.50 -14.71 3.16
CA ASN B 164 -33.09 -13.55 3.93
C ASN B 164 -33.74 -13.53 5.31
N ALA B 165 -34.95 -14.07 5.42
CA ALA B 165 -35.69 -13.99 6.69
C ALA B 165 -35.07 -14.87 7.76
N LYS B 166 -34.48 -16.00 7.38
CA LYS B 166 -33.91 -16.91 8.37
C LYS B 166 -32.74 -16.26 9.10
N THR B 167 -32.85 -16.22 10.43
CA THR B 167 -31.77 -15.71 11.26
C THR B 167 -30.53 -16.59 11.12
N ILE B 168 -29.39 -15.97 10.86
CA ILE B 168 -28.11 -16.66 10.82
C ILE B 168 -27.47 -16.63 12.20
N ILE B 169 -27.03 -17.79 12.68
CA ILE B 169 -26.28 -17.87 13.93
C ILE B 169 -24.84 -18.15 13.57
N VAL B 170 -23.97 -17.19 13.82
CA VAL B 170 -22.53 -17.38 13.66
C VAL B 170 -22.00 -17.89 14.99
N HIS B 171 -21.44 -19.10 15.00
CA HIS B 171 -20.89 -19.73 16.19
C HIS B 171 -19.37 -19.64 16.12
N LEU B 172 -18.78 -18.85 17.01
CA LEU B 172 -17.33 -18.60 17.01
C LEU B 172 -16.56 -19.71 17.71
N ASN B 173 -15.24 -19.70 17.52
CA ASN B 173 -14.35 -20.60 18.23
C ASN B 173 -13.38 -19.88 19.15
N GLU B 174 -13.25 -18.56 19.01
CA GLU B 174 -12.39 -17.75 19.87
C GLU B 174 -13.22 -16.61 20.44
N SER B 175 -13.40 -16.60 21.76
CA SER B 175 -14.23 -15.59 22.38
C SER B 175 -13.60 -14.20 22.27
N VAL B 176 -14.45 -13.18 22.37
CA VAL B 176 -14.04 -11.78 22.25
C VAL B 176 -14.55 -11.03 23.47
N ASN B 177 -13.65 -10.38 24.18
CA ASN B 177 -14.03 -9.74 25.44
C ASN B 177 -14.81 -8.45 25.19
N ILE B 178 -15.98 -8.34 25.81
CA ILE B 178 -16.74 -7.09 25.83
C ILE B 178 -16.98 -6.71 27.29
N VAL B 179 -16.59 -5.49 27.65
CA VAL B 179 -16.79 -5.00 29.02
C VAL B 179 -17.73 -3.82 28.98
N CYS B 180 -18.81 -3.88 29.75
CA CYS B 180 -19.82 -2.82 29.77
C CYS B 180 -19.95 -2.28 31.18
N THR B 181 -20.11 -0.97 31.32
CA THR B 181 -20.07 -0.36 32.63
C THR B 181 -20.80 0.97 32.64
N ARG B 182 -21.51 1.22 33.74
CA ARG B 182 -22.03 2.53 34.14
C ARG B 182 -21.35 2.90 35.44
N PRO B 183 -20.43 3.87 35.44
CA PRO B 183 -19.66 4.13 36.66
C PRO B 183 -20.29 5.21 37.53
N ASN B 184 -19.51 5.80 38.44
CA ASN B 184 -19.98 6.90 39.27
C ASN B 184 -19.66 8.27 38.66
N ASN B 193 -25.94 12.17 33.86
CA ASN B 193 -26.85 11.13 33.39
C ASN B 193 -26.57 9.80 34.06
N ILE B 194 -27.52 9.35 34.89
CA ILE B 194 -27.36 8.08 35.60
C ILE B 194 -27.57 6.89 34.68
N ARG B 195 -28.15 7.09 33.49
CA ARG B 195 -28.39 6.01 32.54
C ARG B 195 -27.34 5.94 31.45
N GLN B 196 -26.28 6.75 31.52
CA GLN B 196 -25.22 6.73 30.53
C GLN B 196 -24.17 5.68 30.90
N ALA B 197 -23.85 4.80 29.97
CA ALA B 197 -22.83 3.79 30.18
C ALA B 197 -22.13 3.50 28.86
N HIS B 198 -21.08 2.70 28.92
CA HIS B 198 -20.27 2.45 27.74
C HIS B 198 -19.70 1.04 27.78
N CYS B 199 -19.36 0.54 26.59
CA CYS B 199 -18.77 -0.78 26.43
C CYS B 199 -17.48 -0.68 25.62
N ASN B 200 -16.52 -1.54 25.94
CA ASN B 200 -15.24 -1.58 25.26
C ASN B 200 -14.95 -2.98 24.74
N ILE B 201 -14.47 -3.02 23.50
CA ILE B 201 -14.02 -4.23 22.82
C ILE B 201 -12.66 -3.94 22.19
N ASN B 202 -11.87 -4.99 22.01
CA ASN B 202 -10.55 -4.84 21.39
C ASN B 202 -10.69 -4.81 19.86
N GLU B 203 -10.19 -3.73 19.23
CA GLU B 203 -10.32 -3.63 17.79
C GLU B 203 -9.56 -4.72 17.06
N SER B 204 -8.44 -5.19 17.62
CA SER B 204 -7.66 -6.22 16.93
C SER B 204 -8.40 -7.56 16.92
N LYS B 205 -8.96 -7.95 18.06
CA LYS B 205 -9.63 -9.24 18.10
C LYS B 205 -10.94 -9.18 17.34
N TRP B 206 -11.61 -8.02 17.34
CA TRP B 206 -12.76 -7.84 16.46
C TRP B 206 -12.36 -7.96 15.00
N ASN B 207 -11.24 -7.32 14.62
CA ASN B 207 -10.62 -7.58 13.31
C ASN B 207 -10.69 -9.05 12.96
N ASN B 208 -9.92 -9.83 13.71
CA ASN B 208 -9.72 -11.23 13.37
C ASN B 208 -11.06 -11.96 13.31
N THR B 209 -11.93 -11.71 14.29
CA THR B 209 -13.21 -12.43 14.34
C THR B 209 -14.04 -12.13 13.10
N LEU B 210 -14.20 -10.84 12.76
CA LEU B 210 -15.02 -10.49 11.62
C LEU B 210 -14.37 -10.93 10.32
N GLN B 211 -13.04 -10.95 10.24
CA GLN B 211 -12.41 -11.39 9.00
C GLN B 211 -12.59 -12.88 8.79
N LYS B 212 -12.47 -13.68 9.84
CA LYS B 212 -12.67 -15.12 9.67
C LYS B 212 -14.14 -15.45 9.45
N VAL B 213 -15.04 -14.72 10.11
CA VAL B 213 -16.47 -14.87 9.82
C VAL B 213 -16.74 -14.50 8.38
N GLY B 214 -16.05 -13.49 7.85
CA GLY B 214 -16.21 -13.12 6.46
C GLY B 214 -15.71 -14.20 5.51
N GLU B 215 -14.59 -14.84 5.86
CA GLU B 215 -14.12 -15.95 5.04
C GLU B 215 -15.18 -17.06 4.98
N GLU B 216 -15.74 -17.43 6.13
CA GLU B 216 -16.73 -18.50 6.12
C GLU B 216 -17.99 -18.08 5.36
N LEU B 217 -18.47 -16.87 5.63
CA LEU B 217 -19.63 -16.37 4.92
C LEU B 217 -19.38 -16.34 3.41
N ALA B 218 -18.12 -16.15 3.00
CA ALA B 218 -17.80 -16.19 1.58
C ALA B 218 -17.81 -17.61 1.05
N LYS B 219 -17.33 -18.56 1.86
CA LYS B 219 -17.56 -19.98 1.54
C LYS B 219 -19.01 -20.22 1.17
N HIS B 220 -19.95 -19.62 1.93
CA HIS B 220 -21.36 -19.84 1.60
C HIS B 220 -21.87 -18.88 0.51
N PHE B 221 -21.44 -17.62 0.52
CA PHE B 221 -21.74 -16.69 -0.57
C PHE B 221 -20.44 -16.35 -1.29
N PRO B 222 -20.18 -16.93 -2.45
CA PRO B 222 -18.82 -16.88 -3.01
C PRO B 222 -18.49 -15.60 -3.78
N SER B 223 -19.18 -15.38 -4.91
CA SER B 223 -18.84 -14.27 -5.80
C SER B 223 -18.92 -12.94 -5.07
N LYS B 224 -20.07 -12.64 -4.47
CA LYS B 224 -20.29 -11.33 -3.88
C LYS B 224 -19.30 -11.08 -2.75
N THR B 225 -18.99 -9.79 -2.53
CA THR B 225 -18.08 -9.39 -1.47
C THR B 225 -18.88 -9.07 -0.21
N ILE B 226 -18.43 -9.59 0.94
CA ILE B 226 -19.21 -9.53 2.17
C ILE B 226 -19.15 -8.14 2.78
N LYS B 227 -20.25 -7.72 3.41
CA LYS B 227 -20.29 -6.41 4.03
C LYS B 227 -21.01 -6.52 5.37
N PHE B 228 -20.51 -5.83 6.39
CA PHE B 228 -21.14 -5.80 7.71
C PHE B 228 -21.62 -4.37 7.98
N GLU B 229 -22.92 -4.22 8.22
CA GLU B 229 -23.50 -2.90 8.42
C GLU B 229 -24.39 -2.89 9.66
N PRO B 230 -24.66 -1.72 10.22
CA PRO B 230 -25.41 -1.66 11.48
C PRO B 230 -26.86 -2.06 11.28
N SER B 231 -27.57 -2.16 12.40
CA SER B 231 -28.93 -2.68 12.39
C SER B 231 -29.86 -1.75 11.63
N SER B 232 -30.62 -2.31 10.67
CA SER B 232 -31.51 -1.52 9.81
C SER B 232 -32.52 -0.72 10.61
N GLY B 233 -33.52 -1.39 11.17
CA GLY B 233 -34.53 -0.68 11.95
C GLY B 233 -35.37 -1.65 12.76
N GLY B 234 -36.13 -1.07 13.68
CA GLY B 234 -37.01 -1.81 14.55
C GLY B 234 -36.97 -1.25 15.95
N ASP B 235 -37.66 -1.93 16.86
CA ASP B 235 -37.62 -1.53 18.27
C ASP B 235 -36.19 -1.36 18.74
N LEU B 236 -36.00 -0.44 19.71
CA LEU B 236 -34.67 -0.20 20.21
C LEU B 236 -34.01 -1.47 20.72
N GLU B 237 -34.80 -2.43 21.19
CA GLU B 237 -34.23 -3.65 21.75
C GLU B 237 -33.54 -4.52 20.72
N ILE B 238 -33.84 -4.34 19.42
CA ILE B 238 -33.20 -5.14 18.38
C ILE B 238 -32.25 -4.33 17.51
N THR B 239 -32.45 -3.02 17.40
CA THR B 239 -31.50 -2.19 16.66
C THR B 239 -30.24 -1.92 17.46
N THR B 240 -30.18 -2.38 18.71
CA THR B 240 -28.98 -2.25 19.52
C THR B 240 -28.70 -3.58 20.20
N HIS B 241 -27.45 -3.74 20.66
CA HIS B 241 -27.08 -4.88 21.50
C HIS B 241 -27.67 -4.64 22.88
N SER B 242 -28.71 -5.39 23.22
CA SER B 242 -29.40 -5.20 24.49
C SER B 242 -29.21 -6.42 25.37
N PHE B 243 -29.21 -6.19 26.68
CA PHE B 243 -28.99 -7.30 27.60
C PHE B 243 -29.26 -6.84 29.03
N ASN B 244 -29.28 -7.79 29.95
CA ASN B 244 -29.46 -7.49 31.36
C ASN B 244 -28.17 -7.75 32.11
N CYS B 245 -27.79 -6.81 32.96
CA CYS B 245 -26.50 -6.83 33.63
C CYS B 245 -26.71 -6.45 35.09
N ARG B 246 -26.38 -7.37 36.00
CA ARG B 246 -26.57 -7.12 37.42
C ARG B 246 -28.00 -6.71 37.73
N GLY B 247 -28.87 -6.72 36.72
CA GLY B 247 -30.25 -6.34 36.93
C GLY B 247 -30.75 -5.31 35.94
N GLU B 248 -29.90 -4.33 35.63
CA GLU B 248 -30.33 -3.23 34.77
C GLU B 248 -30.34 -3.66 33.30
N PHE B 249 -31.23 -3.03 32.53
CA PHE B 249 -31.35 -3.30 31.10
C PHE B 249 -30.47 -2.32 30.33
N PHE B 250 -29.43 -2.84 29.70
CA PHE B 250 -28.50 -2.05 28.90
C PHE B 250 -28.92 -2.12 27.44
N TYR B 251 -28.90 -0.98 26.77
CA TYR B 251 -29.08 -0.88 25.33
C TYR B 251 -27.84 -0.20 24.77
N CYS B 252 -27.10 -0.90 23.90
CA CYS B 252 -25.81 -0.42 23.43
C CYS B 252 -25.81 -0.29 21.91
N ASN B 253 -25.19 0.78 21.43
CA ASN B 253 -25.08 1.05 20.00
C ASN B 253 -23.98 0.19 19.39
N THR B 254 -24.26 -0.40 18.23
CA THR B 254 -23.31 -1.29 17.59
C THR B 254 -22.80 -0.78 16.24
N SER B 255 -23.15 0.45 15.85
CA SER B 255 -22.79 0.90 14.51
C SER B 255 -21.29 0.96 14.32
N ASP B 256 -20.54 1.21 15.38
CA ASP B 256 -19.09 1.13 15.33
C ASP B 256 -18.57 -0.29 15.46
N LEU B 257 -19.47 -1.28 15.44
CA LEU B 257 -19.06 -2.67 15.58
C LEU B 257 -19.34 -3.45 14.31
N PHE B 258 -20.60 -3.51 13.87
CA PHE B 258 -20.95 -4.11 12.59
C PHE B 258 -20.81 -3.05 11.51
N ASN B 259 -19.60 -2.92 10.97
CA ASN B 259 -19.24 -1.79 10.12
C ASN B 259 -17.92 -2.06 9.42
N GLY B 260 -17.93 -2.95 8.42
CA GLY B 260 -16.71 -3.29 7.71
C GLY B 260 -17.02 -3.92 6.37
N THR B 261 -15.95 -4.20 5.62
CA THR B 261 -16.09 -4.78 4.29
C THR B 261 -15.04 -5.86 4.09
N TYR B 262 -15.44 -6.94 3.41
CA TYR B 262 -14.59 -8.10 3.14
C TYR B 262 -14.48 -8.26 1.63
N ARG B 263 -13.28 -8.03 1.10
CA ARG B 263 -12.98 -8.14 -0.33
C ARG B 263 -11.62 -8.82 -0.50
N ASN B 264 -11.55 -9.81 -1.40
CA ASN B 264 -10.34 -10.59 -1.62
C ASN B 264 -9.61 -10.91 -0.32
N GLY B 265 -10.24 -11.69 0.55
CA GLY B 265 -9.59 -12.17 1.76
C GLY B 265 -9.16 -11.09 2.73
N THR B 266 -9.42 -9.83 2.41
CA THR B 266 -9.08 -8.70 3.27
C THR B 266 -10.36 -8.17 3.91
N TYR B 267 -10.40 -8.14 5.24
CA TYR B 267 -11.47 -7.47 5.97
C TYR B 267 -10.95 -6.14 6.47
N ASN B 268 -11.47 -5.05 5.91
CA ASN B 268 -11.16 -3.69 6.36
C ASN B 268 -12.32 -3.26 7.25
N HIS B 269 -12.01 -2.94 8.50
CA HIS B 269 -13.03 -2.47 9.44
C HIS B 269 -13.20 -0.97 9.29
N THR B 270 -14.42 -0.54 8.98
CA THR B 270 -14.73 0.85 8.73
C THR B 270 -15.43 1.52 9.93
N GLY B 271 -15.31 0.93 11.13
CA GLY B 271 -15.85 1.54 12.33
C GLY B 271 -14.83 2.41 13.04
N ARG B 272 -15.34 3.33 13.87
CA ARG B 272 -14.50 4.33 14.54
C ARG B 272 -13.91 3.73 15.80
N SER B 273 -12.64 3.32 15.72
CA SER B 273 -11.92 2.86 16.90
C SER B 273 -11.18 4.03 17.52
N SER B 274 -10.33 3.74 18.50
CA SER B 274 -9.61 4.80 19.21
C SER B 274 -8.64 4.22 20.24
N ASN B 275 -7.34 4.40 20.01
CA ASN B 275 -6.30 3.83 20.87
C ASN B 275 -6.35 2.30 20.88
N GLY B 276 -7.03 1.69 19.91
CA GLY B 276 -7.09 0.26 19.79
C GLY B 276 -8.32 -0.41 20.36
N THR B 277 -9.29 0.37 20.87
CA THR B 277 -10.51 -0.20 21.44
C THR B 277 -11.73 0.55 20.92
N ILE B 278 -12.76 -0.22 20.58
CA ILE B 278 -14.05 0.33 20.18
C ILE B 278 -14.90 0.49 21.42
N THR B 279 -15.44 1.69 21.64
CA THR B 279 -16.41 1.90 22.69
C THR B 279 -17.79 2.10 22.08
N LEU B 280 -18.79 1.61 22.81
CA LEU B 280 -20.19 1.67 22.43
C LEU B 280 -20.94 2.49 23.47
N GLN B 281 -21.75 3.43 23.01
CA GLN B 281 -22.57 4.26 23.89
C GLN B 281 -23.86 3.52 24.23
N CYS B 282 -24.19 3.48 25.53
CA CYS B 282 -25.31 2.71 26.02
C CYS B 282 -26.17 3.54 26.95
N LYS B 283 -27.48 3.29 26.88
CA LYS B 283 -28.44 3.86 27.81
C LYS B 283 -29.10 2.72 28.59
N ILE B 284 -29.40 2.97 29.86
CA ILE B 284 -30.10 2.03 30.71
C ILE B 284 -31.57 2.44 30.69
N LYS B 285 -32.36 1.78 29.85
CA LYS B 285 -33.75 2.15 29.68
C LYS B 285 -34.60 1.55 30.79
N GLN B 286 -35.74 2.19 31.06
CA GLN B 286 -36.70 1.71 32.06
C GLN B 286 -37.94 1.10 31.43
N ILE B 287 -38.30 1.50 30.21
CA ILE B 287 -39.44 0.96 29.50
C ILE B 287 -38.90 -0.08 28.51
N ILE B 288 -39.03 -1.34 28.86
CA ILE B 288 -38.48 -2.44 28.08
C ILE B 288 -39.58 -3.05 27.23
N ASN B 289 -39.22 -3.51 26.04
CA ASN B 289 -40.13 -4.22 25.16
C ASN B 289 -39.90 -5.71 25.40
N MET B 290 -40.85 -6.33 26.09
CA MET B 290 -40.66 -7.69 26.59
C MET B 290 -40.34 -8.65 25.46
N TRP B 291 -39.40 -9.57 25.72
CA TRP B 291 -39.10 -10.64 24.78
C TRP B 291 -40.01 -11.85 25.00
N GLN B 292 -40.55 -11.98 26.21
CA GLN B 292 -41.38 -13.13 26.53
C GLN B 292 -42.70 -13.10 25.75
N GLU B 293 -43.29 -11.92 25.60
CA GLU B 293 -44.56 -11.77 24.91
C GLU B 293 -44.65 -10.35 24.38
N VAL B 294 -45.67 -10.09 23.57
CA VAL B 294 -45.81 -8.76 22.98
C VAL B 294 -46.41 -7.86 24.05
N GLY B 295 -45.57 -7.02 24.64
CA GLY B 295 -45.99 -6.12 25.68
C GLY B 295 -44.81 -5.29 26.14
N ARG B 296 -45.08 -4.42 27.11
CA ARG B 296 -44.05 -3.55 27.66
C ARG B 296 -43.94 -3.76 29.15
N ALA B 297 -42.76 -3.48 29.70
CA ALA B 297 -42.50 -3.63 31.12
C ALA B 297 -41.75 -2.42 31.62
N ILE B 298 -42.29 -1.76 32.64
CA ILE B 298 -41.65 -0.61 33.25
C ILE B 298 -41.01 -1.04 34.56
N TYR B 299 -39.69 -0.86 34.65
CA TYR B 299 -38.89 -1.25 35.80
C TYR B 299 -38.44 -0.01 36.56
N ALA B 300 -37.87 -0.24 37.74
CA ALA B 300 -37.42 0.83 38.63
C ALA B 300 -36.14 1.48 38.11
N PRO B 301 -35.91 2.74 38.47
CA PRO B 301 -34.71 3.45 37.99
C PRO B 301 -33.45 2.73 38.41
N PRO B 302 -32.34 2.96 37.70
CA PRO B 302 -31.11 2.20 37.98
C PRO B 302 -30.58 2.47 39.38
N ILE B 303 -29.98 1.44 39.96
CA ILE B 303 -29.36 1.52 41.28
C ILE B 303 -28.15 2.44 41.23
N GLU B 304 -27.36 2.46 42.31
CA GLU B 304 -26.13 3.23 42.37
C GLU B 304 -24.91 2.32 42.43
N GLY B 305 -23.75 2.94 42.36
CA GLY B 305 -22.50 2.23 42.20
C GLY B 305 -22.17 2.09 40.74
N GLU B 306 -21.00 1.50 40.48
CA GLU B 306 -20.61 1.20 39.11
C GLU B 306 -21.15 -0.18 38.78
N ILE B 307 -22.11 -0.24 37.86
CA ILE B 307 -22.65 -1.51 37.38
C ILE B 307 -21.80 -1.95 36.20
N THR B 308 -21.16 -3.13 36.32
CA THR B 308 -20.26 -3.56 35.26
C THR B 308 -20.36 -5.07 35.04
N CYS B 309 -20.37 -5.44 33.76
CA CYS B 309 -20.38 -6.83 33.32
C CYS B 309 -19.23 -7.07 32.35
N ASN B 310 -18.52 -8.17 32.57
CA ASN B 310 -17.38 -8.56 31.75
C ASN B 310 -17.78 -9.86 31.06
N SER B 311 -18.13 -9.78 29.77
CA SER B 311 -18.76 -10.88 29.06
C SER B 311 -17.91 -11.32 27.89
N ASN B 312 -18.17 -12.55 27.43
CA ASN B 312 -17.57 -13.12 26.23
C ASN B 312 -18.58 -13.09 25.09
N ILE B 313 -18.17 -12.56 23.94
CA ILE B 313 -18.98 -12.62 22.73
C ILE B 313 -18.67 -13.96 22.08
N THR B 314 -19.51 -14.96 22.33
CA THR B 314 -19.30 -16.30 21.77
C THR B 314 -20.12 -16.56 20.51
N GLY B 315 -20.87 -15.58 20.01
CA GLY B 315 -21.65 -15.80 18.82
C GLY B 315 -22.24 -14.51 18.30
N LEU B 316 -22.80 -14.60 17.09
CA LEU B 316 -23.45 -13.48 16.45
C LEU B 316 -24.80 -13.91 15.90
N LEU B 317 -25.75 -12.97 15.86
CA LEU B 317 -27.03 -13.16 15.18
C LEU B 317 -27.10 -12.16 14.04
N LEU B 318 -27.11 -12.64 12.81
CA LEU B 318 -27.08 -11.78 11.64
C LEU B 318 -28.26 -12.06 10.71
N LEU B 319 -28.54 -11.08 9.85
CA LEU B 319 -29.60 -11.18 8.86
C LEU B 319 -29.13 -10.53 7.57
N ARG B 320 -29.05 -11.31 6.50
CA ARG B 320 -28.68 -10.79 5.18
C ARG B 320 -29.82 -9.92 4.64
N ASP B 321 -29.68 -9.42 3.42
CA ASP B 321 -30.76 -8.68 2.77
C ASP B 321 -31.14 -9.33 1.44
N ASP B 330 -22.75 -5.96 -7.25
CA ASP B 330 -23.55 -6.85 -6.43
C ASP B 330 -22.71 -7.53 -5.35
N THR B 331 -23.11 -7.29 -4.10
CA THR B 331 -22.43 -7.85 -2.94
C THR B 331 -23.46 -8.11 -1.84
N GLU B 332 -23.12 -9.03 -0.95
CA GLU B 332 -24.03 -9.46 0.12
C GLU B 332 -23.66 -8.73 1.41
N THR B 333 -24.67 -8.15 2.06
CA THR B 333 -24.48 -7.38 3.28
C THR B 333 -25.30 -7.97 4.42
N PHE B 334 -24.70 -8.04 5.60
CA PHE B 334 -25.27 -8.63 6.79
C PHE B 334 -25.36 -7.60 7.90
N ARG B 335 -26.37 -7.77 8.75
CA ARG B 335 -26.69 -6.80 9.79
C ARG B 335 -26.98 -7.54 11.09
N PRO B 336 -26.77 -6.88 12.24
CA PRO B 336 -27.06 -7.52 13.51
C PRO B 336 -28.56 -7.73 13.67
N GLY B 337 -28.95 -8.95 14.05
CA GLY B 337 -30.34 -9.25 14.29
C GLY B 337 -30.59 -9.85 15.66
N GLY B 338 -31.78 -10.40 15.87
CA GLY B 338 -32.13 -11.01 17.14
C GLY B 338 -33.54 -10.65 17.56
N GLY B 339 -33.97 -11.14 18.72
CA GLY B 339 -35.30 -10.81 19.22
C GLY B 339 -36.12 -12.02 19.57
N ASP B 340 -35.94 -13.11 18.83
CA ASP B 340 -36.53 -14.40 19.16
C ASP B 340 -35.58 -15.12 20.12
N MET B 341 -35.76 -14.86 21.42
CA MET B 341 -34.86 -15.42 22.42
C MET B 341 -34.68 -16.92 22.29
N ARG B 342 -35.55 -17.56 21.51
CA ARG B 342 -35.41 -18.98 21.24
C ARG B 342 -34.14 -19.28 20.44
N ASP B 343 -33.71 -18.33 19.59
CA ASP B 343 -32.47 -18.55 18.84
C ASP B 343 -31.27 -18.66 19.78
N ASN B 344 -31.27 -17.90 20.87
CA ASN B 344 -30.21 -18.07 21.86
C ASN B 344 -30.14 -19.51 22.35
N TRP B 345 -31.28 -20.03 22.83
CA TRP B 345 -31.29 -21.40 23.30
C TRP B 345 -30.86 -22.36 22.21
N ARG B 346 -31.36 -22.17 20.99
CA ARG B 346 -30.98 -23.00 19.86
C ARG B 346 -29.47 -23.04 19.68
N SER B 347 -28.82 -21.88 19.79
CA SER B 347 -27.38 -21.79 19.62
C SER B 347 -26.62 -22.74 20.53
N GLU B 348 -27.26 -23.26 21.58
CA GLU B 348 -26.62 -24.16 22.52
C GLU B 348 -27.17 -25.57 22.47
N LEU B 349 -28.48 -25.71 22.24
CA LEU B 349 -29.14 -27.01 22.16
C LEU B 349 -29.07 -27.61 20.77
N TYR B 350 -28.37 -26.98 19.84
CA TYR B 350 -28.29 -27.50 18.47
C TYR B 350 -27.83 -28.95 18.44
N LYS B 351 -26.88 -29.32 19.30
CA LYS B 351 -26.31 -30.67 19.25
C LYS B 351 -27.01 -31.64 20.19
N TYR B 352 -28.34 -31.59 20.29
CA TYR B 352 -29.04 -32.46 21.22
C TYR B 352 -30.39 -32.84 20.61
N LYS B 353 -30.92 -33.98 21.05
CA LYS B 353 -32.22 -34.45 20.57
C LYS B 353 -32.77 -35.47 21.55
N VAL B 354 -34.02 -35.31 21.94
CA VAL B 354 -34.64 -36.22 22.91
C VAL B 354 -35.20 -37.43 22.18
N VAL B 355 -34.99 -38.63 22.75
CA VAL B 355 -35.25 -39.87 22.03
C VAL B 355 -35.88 -40.91 22.95
N GLU B 356 -36.66 -41.80 22.33
CA GLU B 356 -37.22 -42.99 22.95
C GLU B 356 -38.44 -42.71 23.82
N LYS C 6 11.20 40.21 -12.15
CA LYS C 6 11.92 41.18 -11.34
C LYS C 6 13.38 41.31 -11.80
N THR C 7 14.16 40.25 -11.59
CA THR C 7 15.58 40.22 -11.94
C THR C 7 16.01 38.77 -12.04
N THR C 8 17.31 38.55 -12.22
CA THR C 8 17.90 37.21 -12.29
C THR C 8 18.49 36.85 -10.93
N LEU C 9 17.90 35.85 -10.27
CA LEU C 9 18.43 35.31 -9.02
C LEU C 9 19.47 34.25 -9.32
N PHE C 10 20.46 34.14 -8.44
CA PHE C 10 21.46 33.09 -8.57
C PHE C 10 21.29 32.09 -7.43
N CYS C 11 22.05 31.00 -7.49
CA CYS C 11 21.89 29.92 -6.54
C CYS C 11 23.21 29.66 -5.82
N ALA C 12 23.14 29.59 -4.50
CA ALA C 12 24.26 29.19 -3.65
C ALA C 12 23.91 27.86 -3.01
N SER C 13 24.71 26.84 -3.28
CA SER C 13 24.53 25.52 -2.71
C SER C 13 25.61 25.27 -1.68
N ASP C 14 25.63 24.05 -1.16
CA ASP C 14 26.70 23.61 -0.27
C ASP C 14 27.29 22.31 -0.79
N ALA C 15 27.35 22.16 -2.11
CA ALA C 15 27.71 20.91 -2.73
C ALA C 15 29.22 20.70 -2.69
N LYS C 16 29.61 19.44 -2.72
CA LYS C 16 31.00 19.03 -2.74
C LYS C 16 31.36 18.56 -4.15
N ALA C 17 32.50 19.02 -4.65
CA ALA C 17 32.86 18.75 -6.03
C ALA C 17 33.25 17.30 -6.26
N TYR C 18 33.82 16.64 -5.24
CA TYR C 18 34.22 15.24 -5.38
C TYR C 18 33.02 14.30 -5.54
N GLU C 19 31.83 14.71 -5.12
CA GLU C 19 30.68 13.81 -5.15
C GLU C 19 30.26 13.55 -6.60
N LYS C 20 29.99 12.29 -6.91
CA LYS C 20 29.45 11.91 -8.22
C LYS C 20 27.93 12.01 -8.27
N GLU C 21 27.30 12.45 -7.19
CA GLU C 21 25.86 12.63 -7.18
C GLU C 21 25.46 13.77 -8.11
N VAL C 22 24.41 13.53 -8.91
CA VAL C 22 24.07 14.46 -9.99
C VAL C 22 23.74 15.84 -9.43
N HIS C 23 23.02 15.90 -8.31
CA HIS C 23 22.69 17.19 -7.72
C HIS C 23 23.95 17.98 -7.39
N ASN C 24 24.93 17.32 -6.76
CA ASN C 24 26.18 18.00 -6.42
C ASN C 24 26.90 18.52 -7.65
N VAL C 25 26.95 17.70 -8.71
CA VAL C 25 27.64 18.10 -9.94
C VAL C 25 26.97 19.33 -10.54
N TRP C 26 25.66 19.25 -10.76
CA TRP C 26 24.96 20.40 -11.34
C TRP C 26 25.15 21.63 -10.48
N ALA C 27 25.06 21.50 -9.15
CA ALA C 27 25.21 22.65 -8.28
C ALA C 27 26.60 23.27 -8.41
N THR C 28 27.65 22.46 -8.27
CA THR C 28 29.00 22.99 -8.38
C THR C 28 29.27 23.61 -9.73
N HIS C 29 28.55 23.22 -10.78
CA HIS C 29 28.75 23.90 -12.06
C HIS C 29 27.93 25.19 -12.16
N ALA C 30 26.75 25.25 -11.55
CA ALA C 30 25.88 26.41 -11.71
C ALA C 30 25.63 27.20 -10.43
N CYS C 31 25.94 26.64 -9.26
CA CYS C 31 25.66 27.30 -7.99
C CYS C 31 26.97 27.74 -7.33
N VAL C 32 26.95 28.94 -6.75
CA VAL C 32 28.13 29.46 -6.05
C VAL C 32 28.16 28.88 -4.65
N PRO C 33 29.27 29.04 -3.92
CA PRO C 33 29.33 28.52 -2.55
C PRO C 33 28.42 29.28 -1.61
N THR C 34 27.96 28.59 -0.57
CA THR C 34 27.05 29.17 0.41
C THR C 34 27.81 30.07 1.37
N ASP C 35 27.24 31.23 1.65
CA ASP C 35 27.92 32.20 2.51
C ASP C 35 27.84 31.74 3.96
N PRO C 36 28.97 31.65 4.68
CA PRO C 36 28.92 31.04 6.02
C PRO C 36 28.15 31.87 7.04
N ASN C 37 28.39 33.22 7.10
CA ASN C 37 27.69 34.07 8.06
C ASN C 37 26.32 34.48 7.53
N PRO C 38 25.28 34.42 8.38
CA PRO C 38 23.92 34.71 7.90
C PRO C 38 23.59 36.20 8.02
N GLN C 39 23.44 36.86 6.88
CA GLN C 39 23.09 38.28 6.83
C GLN C 39 21.57 38.39 6.80
N GLU C 40 20.97 38.70 7.94
CA GLU C 40 19.53 38.91 8.03
C GLU C 40 19.25 40.23 8.73
N MET C 41 18.22 40.93 8.27
CA MET C 41 17.93 42.31 8.67
C MET C 41 16.46 42.38 9.07
N VAL C 42 16.19 42.49 10.37
CA VAL C 42 14.82 42.40 10.85
C VAL C 42 14.15 43.77 10.74
N LEU C 43 12.81 43.74 10.83
CA LEU C 43 11.97 44.94 10.80
C LEU C 43 10.63 44.61 11.44
N ALA C 44 10.18 45.44 12.36
CA ALA C 44 9.01 45.17 13.21
C ALA C 44 7.67 45.47 12.54
N ASN C 45 7.49 46.69 12.04
CA ASN C 45 6.21 47.14 11.50
C ASN C 45 6.26 47.42 10.00
N VAL C 46 7.28 46.93 9.31
CA VAL C 46 7.45 47.21 7.88
C VAL C 46 6.50 46.35 7.06
N THR C 47 5.21 46.66 7.13
CA THR C 47 4.20 45.85 6.45
C THR C 47 4.47 45.78 4.94
N GLU C 48 4.30 44.59 4.38
CA GLU C 48 4.48 44.34 2.95
C GLU C 48 3.52 43.23 2.53
N ASN C 49 3.26 43.17 1.22
CA ASN C 49 2.34 42.19 0.64
C ASN C 49 3.10 41.15 -0.17
N PHE C 50 2.61 39.90 -0.10
CA PHE C 50 3.16 38.79 -0.85
C PHE C 50 2.03 38.08 -1.60
N ASN C 51 2.40 37.40 -2.68
CA ASN C 51 1.50 36.47 -3.35
C ASN C 51 2.34 35.28 -3.83
N MET C 52 2.29 34.19 -3.07
CA MET C 52 3.05 33.00 -3.45
C MET C 52 2.66 32.51 -4.84
N TRP C 53 1.41 32.76 -5.25
CA TRP C 53 0.87 32.22 -6.48
C TRP C 53 1.32 32.98 -7.73
N LYS C 54 1.79 34.22 -7.57
CA LYS C 54 2.35 34.99 -8.68
C LYS C 54 3.85 35.21 -8.52
N ASN C 55 4.47 34.59 -7.52
CA ASN C 55 5.91 34.69 -7.33
C ASN C 55 6.68 34.31 -8.58
N ASP C 56 7.71 35.10 -8.90
CA ASP C 56 8.58 34.83 -10.04
C ASP C 56 9.79 33.99 -9.62
N MET C 57 10.18 34.06 -8.35
CA MET C 57 11.19 33.16 -7.82
C MET C 57 10.83 31.71 -8.15
N VAL C 58 9.56 31.36 -8.00
CA VAL C 58 9.12 30.00 -8.30
C VAL C 58 9.47 29.64 -9.73
N GLU C 59 9.24 30.57 -10.67
CA GLU C 59 9.51 30.28 -12.07
C GLU C 59 11.01 30.09 -12.31
N GLN C 60 11.84 30.96 -11.72
CA GLN C 60 13.28 30.79 -11.91
C GLN C 60 13.75 29.45 -11.36
N MET C 61 13.32 29.08 -10.16
CA MET C 61 13.74 27.81 -9.60
C MET C 61 13.22 26.64 -10.44
N HIS C 62 12.02 26.77 -10.99
CA HIS C 62 11.48 25.73 -11.87
C HIS C 62 12.40 25.54 -13.08
N GLU C 63 12.82 26.65 -13.70
CA GLU C 63 13.76 26.56 -14.81
C GLU C 63 15.03 25.83 -14.37
N ASP C 64 15.61 26.23 -13.23
CA ASP C 64 16.87 25.61 -12.82
C ASP C 64 16.69 24.13 -12.51
N ILE C 65 15.58 23.75 -11.87
CA ILE C 65 15.34 22.34 -11.58
C ILE C 65 15.17 21.54 -12.86
N ILE C 66 14.52 22.14 -13.88
CA ILE C 66 14.40 21.46 -15.16
C ILE C 66 15.77 21.25 -15.79
N SER C 67 16.64 22.26 -15.70
CA SER C 67 17.98 22.12 -16.24
C SER C 67 18.74 21.01 -15.50
N LEU C 68 18.58 20.96 -14.19
CA LEU C 68 19.17 19.88 -13.40
C LEU C 68 18.72 18.52 -13.92
N TRP C 69 17.41 18.28 -13.95
CA TRP C 69 16.92 16.97 -14.33
C TRP C 69 17.30 16.62 -15.76
N ASP C 70 17.31 17.60 -16.68
CA ASP C 70 17.65 17.28 -18.06
C ASP C 70 19.15 17.12 -18.26
N GLU C 71 19.98 17.55 -17.31
CA GLU C 71 21.41 17.27 -17.35
C GLU C 71 21.80 16.02 -16.57
N SER C 72 20.97 15.55 -15.65
CA SER C 72 21.32 14.47 -14.74
C SER C 72 20.60 13.17 -15.04
N LEU C 73 19.27 13.17 -15.05
CA LEU C 73 18.50 11.96 -15.34
C LEU C 73 18.18 11.89 -16.83
N LYS C 74 19.23 11.70 -17.60
CA LYS C 74 19.07 11.55 -19.03
C LYS C 74 18.33 10.25 -19.33
N PRO C 75 17.21 10.30 -20.06
CA PRO C 75 16.47 9.08 -20.41
C PRO C 75 17.01 8.40 -21.65
N CYS C 76 16.84 7.07 -21.68
CA CYS C 76 17.16 6.31 -22.89
C CYS C 76 16.47 6.91 -24.11
N VAL C 77 15.18 7.24 -23.98
CA VAL C 77 14.45 7.85 -25.08
C VAL C 77 13.60 8.98 -24.52
N LYS C 78 13.38 10.00 -25.35
CA LYS C 78 12.52 11.13 -25.01
C LYS C 78 11.64 11.40 -26.22
N LEU C 79 10.33 11.27 -26.02
CA LEU C 79 9.33 11.53 -27.06
C LEU C 79 8.70 12.88 -26.78
N THR C 80 8.98 13.85 -27.65
CA THR C 80 8.39 15.18 -27.54
C THR C 80 7.69 15.48 -28.86
N GLY C 81 6.37 15.45 -28.86
CA GLY C 81 5.63 15.65 -30.09
C GLY C 81 5.99 14.55 -31.07
N GLY C 82 6.49 14.95 -32.25
CA GLY C 82 6.94 13.98 -33.21
C GLY C 82 8.35 13.47 -32.99
N SER C 83 9.17 14.23 -32.27
CA SER C 83 10.58 13.89 -32.13
C SER C 83 10.77 12.76 -31.13
N ALA C 84 11.74 11.89 -31.42
CA ALA C 84 12.21 10.86 -30.50
C ALA C 84 13.73 10.97 -30.43
N ILE C 85 14.24 11.41 -29.29
CA ILE C 85 15.67 11.59 -29.06
C ILE C 85 16.20 10.47 -28.19
N THR C 86 17.34 9.90 -28.57
CA THR C 86 17.96 8.83 -27.80
C THR C 86 19.33 9.28 -27.28
N GLN C 87 19.65 8.91 -26.05
CA GLN C 87 20.90 9.27 -25.40
C GLN C 87 21.39 8.10 -24.57
N ALA C 88 22.48 8.30 -23.85
CA ALA C 88 22.91 7.34 -22.84
C ALA C 88 22.10 7.58 -21.57
N CYS C 89 21.58 6.49 -20.98
CA CYS C 89 20.77 6.56 -19.77
C CYS C 89 21.48 5.82 -18.65
N PRO C 90 22.69 6.24 -18.30
CA PRO C 90 23.43 5.52 -17.25
C PRO C 90 22.80 5.75 -15.89
N LYS C 91 22.73 4.68 -15.10
CA LYS C 91 22.25 4.82 -13.73
C LYS C 91 23.19 5.73 -12.95
N VAL C 92 22.63 6.49 -12.02
CA VAL C 92 23.43 7.50 -11.32
C VAL C 92 22.94 7.65 -9.90
N SER C 93 23.85 8.05 -9.00
CA SER C 93 23.46 8.33 -7.63
C SER C 93 22.61 9.59 -7.60
N PHE C 94 21.47 9.53 -6.91
CA PHE C 94 20.44 10.56 -7.02
C PHE C 94 19.85 10.83 -5.64
N ASP C 95 20.25 11.94 -5.02
CA ASP C 95 19.72 12.33 -3.72
C ASP C 95 19.66 13.86 -3.61
N PRO C 96 18.47 14.44 -3.50
CA PRO C 96 18.35 15.90 -3.55
C PRO C 96 19.23 16.57 -2.51
N ILE C 97 19.82 17.70 -2.89
CA ILE C 97 20.63 18.51 -1.99
C ILE C 97 20.00 19.88 -1.86
N PRO C 98 20.04 20.50 -0.68
CA PRO C 98 19.42 21.82 -0.53
C PRO C 98 20.09 22.86 -1.42
N LEU C 99 19.27 23.73 -2.01
CA LEU C 99 19.73 24.85 -2.81
C LEU C 99 19.18 26.14 -2.21
N HIS C 100 20.02 27.16 -2.09
CA HIS C 100 19.56 28.48 -1.68
C HIS C 100 19.49 29.38 -2.90
N TYR C 101 18.43 30.19 -2.97
CA TYR C 101 18.30 31.18 -4.04
C TYR C 101 18.58 32.56 -3.46
N CYS C 102 19.56 33.24 -4.03
CA CYS C 102 20.08 34.51 -3.54
C CYS C 102 19.84 35.60 -4.58
N ALA C 103 19.55 36.85 -4.07
CA ALA C 103 19.33 38.12 -4.76
C ALA C 103 20.66 38.77 -5.14
N PRO C 104 20.88 39.08 -6.44
CA PRO C 104 22.13 39.72 -6.86
C PRO C 104 22.32 41.10 -6.25
N ALA C 105 23.40 41.80 -6.64
CA ALA C 105 23.68 43.12 -6.08
C ALA C 105 22.61 44.13 -6.49
N GLY C 106 22.25 45.01 -5.55
CA GLY C 106 21.18 45.95 -5.79
C GLY C 106 19.79 45.39 -5.63
N PHE C 107 19.67 44.22 -5.00
CA PHE C 107 18.40 43.53 -4.85
C PHE C 107 18.39 42.79 -3.53
N ALA C 108 17.21 42.67 -2.94
CA ALA C 108 17.05 42.00 -1.65
C ALA C 108 15.95 40.94 -1.75
N ILE C 109 15.89 40.05 -0.77
CA ILE C 109 14.81 39.07 -0.69
C ILE C 109 14.09 39.30 0.62
N LEU C 110 12.84 39.74 0.54
CA LEU C 110 12.00 39.90 1.72
C LEU C 110 11.43 38.56 2.14
N LYS C 111 11.40 38.35 3.46
CA LYS C 111 10.97 37.08 4.06
C LYS C 111 9.89 37.38 5.08
N CYS C 112 8.68 36.87 4.85
CA CYS C 112 7.58 37.03 5.80
C CYS C 112 7.79 36.12 7.00
N ASN C 113 7.68 36.69 8.20
CA ASN C 113 7.94 35.95 9.44
C ASN C 113 6.68 35.63 10.22
N ASN C 114 5.51 35.98 9.71
CA ASN C 114 4.25 35.59 10.34
C ASN C 114 4.11 34.07 10.26
N LYS C 115 4.27 33.39 11.39
CA LYS C 115 4.22 31.93 11.40
C LYS C 115 2.88 31.35 10.93
N THR C 116 1.87 32.16 10.59
CA THR C 116 0.62 31.63 10.08
C THR C 116 0.23 32.22 8.73
N PHE C 117 1.13 32.99 8.11
CA PHE C 117 0.90 33.56 6.79
C PHE C 117 0.41 32.50 5.81
N ASN C 118 -0.74 32.75 5.18
CA ASN C 118 -1.31 31.80 4.25
C ASN C 118 -0.87 32.06 2.81
N GLY C 119 0.17 32.87 2.62
CA GLY C 119 0.77 33.08 1.32
C GLY C 119 0.17 34.19 0.48
N THR C 120 -1.03 34.65 0.80
CA THR C 120 -1.67 35.74 0.08
C THR C 120 -1.88 36.91 1.03
N GLY C 121 -1.47 38.11 0.60
CA GLY C 121 -1.83 39.30 1.33
C GLY C 121 -0.70 39.90 2.15
N PRO C 122 -1.05 40.63 3.20
CA PRO C 122 -0.04 41.42 3.94
C PRO C 122 0.60 40.65 5.08
N CYS C 123 1.83 41.06 5.38
CA CYS C 123 2.66 40.43 6.40
C CYS C 123 3.08 41.47 7.42
N ARG C 124 2.99 41.11 8.70
CA ARG C 124 3.35 42.02 9.78
C ARG C 124 4.88 42.14 9.90
N ASN C 125 5.54 41.04 10.21
CA ASN C 125 6.98 41.01 10.49
C ASN C 125 7.72 40.55 9.24
N VAL C 126 8.41 41.48 8.57
CA VAL C 126 9.09 41.20 7.31
C VAL C 126 10.59 41.47 7.47
N SER C 127 11.40 40.48 7.12
CA SER C 127 12.85 40.58 7.22
C SER C 127 13.48 40.71 5.83
N THR C 128 14.77 41.05 5.83
CA THR C 128 15.53 41.24 4.60
C THR C 128 16.72 40.29 4.61
N VAL C 129 16.82 39.45 3.58
CA VAL C 129 17.90 38.47 3.49
C VAL C 129 18.54 38.55 2.11
N GLN C 130 19.74 37.98 2.04
CA GLN C 130 20.46 37.82 0.79
C GLN C 130 20.11 36.51 0.09
N CYS C 131 19.76 35.47 0.86
CA CYS C 131 19.52 34.14 0.32
C CYS C 131 18.29 33.52 0.98
N THR C 132 17.53 32.77 0.19
CA THR C 132 16.48 31.93 0.76
C THR C 132 17.10 30.78 1.53
N HIS C 133 16.31 30.20 2.43
CA HIS C 133 16.79 29.03 3.14
C HIS C 133 17.11 27.90 2.16
N GLY C 134 17.70 26.83 2.70
CA GLY C 134 18.07 25.69 1.89
C GLY C 134 16.88 24.86 1.45
N ILE C 135 16.54 24.91 0.17
CA ILE C 135 15.36 24.25 -0.37
C ILE C 135 15.78 23.02 -1.17
N LYS C 136 15.08 21.91 -0.96
CA LYS C 136 15.38 20.67 -1.65
C LYS C 136 14.44 20.48 -2.83
N PRO C 137 14.94 20.48 -4.06
CA PRO C 137 14.06 20.30 -5.21
C PRO C 137 13.53 18.87 -5.31
N VAL C 138 12.53 18.54 -4.50
CA VAL C 138 11.96 17.19 -4.44
C VAL C 138 10.74 17.14 -5.34
N VAL C 139 10.83 16.34 -6.40
CA VAL C 139 9.76 16.19 -7.38
C VAL C 139 8.83 15.07 -6.94
N SER C 140 7.56 15.42 -6.67
CA SER C 140 6.58 14.42 -6.25
C SER C 140 5.17 14.95 -6.46
N THR C 141 4.20 14.06 -6.30
CA THR C 141 2.79 14.40 -6.41
C THR C 141 2.06 13.92 -5.16
N GLN C 142 0.82 14.37 -5.01
CA GLN C 142 -0.02 13.99 -3.87
C GLN C 142 0.61 14.40 -2.55
N LEU C 143 1.78 13.85 -2.22
CA LEU C 143 2.47 14.14 -0.98
C LEU C 143 3.73 14.95 -1.25
N LEU C 144 3.89 16.05 -0.50
CA LEU C 144 5.10 16.84 -0.54
C LEU C 144 6.13 16.24 0.41
N LEU C 145 7.32 15.92 -0.10
CA LEU C 145 8.32 15.17 0.63
C LEU C 145 9.53 16.03 1.00
N ASN C 146 10.11 15.73 2.17
CA ASN C 146 11.39 16.30 2.59
C ASN C 146 11.39 17.83 2.50
N GLY C 147 10.33 18.44 3.01
CA GLY C 147 10.21 19.88 3.06
C GLY C 147 10.35 20.43 4.47
N SER C 148 10.17 21.75 4.57
CA SER C 148 10.16 22.43 5.85
C SER C 148 8.74 22.52 6.39
N LEU C 149 8.62 22.44 7.72
CA LEU C 149 7.32 22.33 8.36
C LEU C 149 6.81 23.70 8.78
N ALA C 150 5.52 23.75 9.13
CA ALA C 150 4.92 24.96 9.69
C ALA C 150 5.36 25.10 11.14
N GLU C 151 5.80 26.31 11.51
CA GLU C 151 6.39 26.49 12.84
C GLU C 151 5.34 26.41 13.94
N GLU C 152 4.11 26.88 13.68
CA GLU C 152 3.09 26.94 14.71
C GLU C 152 2.04 25.88 14.39
N GLU C 153 0.98 26.22 13.68
CA GLU C 153 -0.10 25.28 13.37
C GLU C 153 -0.16 25.04 11.86
N ILE C 154 -0.97 24.06 11.48
CA ILE C 154 -1.15 23.76 10.06
C ILE C 154 -1.68 24.98 9.32
N ILE C 155 -1.19 25.19 8.09
CA ILE C 155 -1.70 26.25 7.22
C ILE C 155 -2.34 25.63 5.98
N ILE C 156 -3.38 26.29 5.46
CA ILE C 156 -4.03 25.91 4.22
C ILE C 156 -3.79 27.03 3.23
N ARG C 157 -2.96 26.78 2.22
CA ARG C 157 -2.65 27.75 1.18
C ARG C 157 -3.48 27.44 -0.06
N SER C 158 -3.95 28.50 -0.72
CA SER C 158 -4.62 28.34 -2.00
C SER C 158 -4.84 29.72 -2.60
N GLU C 159 -4.80 29.77 -3.94
CA GLU C 159 -5.02 31.03 -4.63
C GLU C 159 -6.48 31.48 -4.48
N ASN C 160 -7.41 30.53 -4.49
CA ASN C 160 -8.84 30.84 -4.39
C ASN C 160 -9.52 29.63 -3.76
N LEU C 161 -9.75 29.70 -2.45
CA LEU C 161 -10.27 28.53 -1.77
C LEU C 161 -11.66 28.13 -2.26
N THR C 162 -12.35 29.01 -2.99
CA THR C 162 -13.68 28.72 -3.49
C THR C 162 -13.68 28.29 -4.95
N ASN C 163 -12.51 28.11 -5.55
CA ASN C 163 -12.36 27.64 -6.91
C ASN C 163 -11.86 26.20 -6.85
N ASN C 164 -12.72 25.25 -7.26
CA ASN C 164 -12.32 23.85 -7.24
C ASN C 164 -11.01 23.62 -7.99
N ALA C 165 -10.76 24.41 -9.04
CA ALA C 165 -9.59 24.18 -9.87
C ALA C 165 -8.29 24.52 -9.15
N LYS C 166 -8.31 25.51 -8.26
CA LYS C 166 -7.09 25.91 -7.57
C LYS C 166 -6.58 24.79 -6.67
N THR C 167 -5.32 24.41 -6.90
CA THR C 167 -4.67 23.41 -6.07
C THR C 167 -4.53 23.92 -4.64
N ILE C 168 -4.93 23.11 -3.67
CA ILE C 168 -4.77 23.42 -2.26
C ILE C 168 -3.46 22.83 -1.78
N ILE C 169 -2.64 23.63 -1.10
CA ILE C 169 -1.42 23.16 -0.47
C ILE C 169 -1.66 23.13 1.03
N VAL C 170 -1.71 21.94 1.59
CA VAL C 170 -1.78 21.78 3.04
C VAL C 170 -0.35 21.72 3.57
N HIS C 171 0.01 22.69 4.41
CA HIS C 171 1.34 22.77 4.99
C HIS C 171 1.26 22.30 6.45
N LEU C 172 1.88 21.17 6.74
CA LEU C 172 1.82 20.55 8.06
C LEU C 172 2.84 21.16 9.02
N ASN C 173 2.66 20.85 10.31
CA ASN C 173 3.62 21.24 11.33
C ASN C 173 4.30 20.05 12.00
N GLU C 174 3.78 18.84 11.80
CA GLU C 174 4.35 17.61 12.35
C GLU C 174 4.55 16.63 11.20
N SER C 175 5.80 16.30 10.92
CA SER C 175 6.09 15.42 9.80
C SER C 175 5.57 14.00 10.07
N VAL C 176 5.36 13.26 8.99
CA VAL C 176 4.82 11.89 9.02
C VAL C 176 5.76 11.00 8.23
N ASN C 177 6.26 9.94 8.87
CA ASN C 177 7.27 9.10 8.23
C ASN C 177 6.65 8.20 7.18
N ILE C 178 7.19 8.24 5.96
CA ILE C 178 6.83 7.28 4.92
C ILE C 178 8.10 6.59 4.46
N VAL C 179 8.09 5.26 4.49
CA VAL C 179 9.25 4.48 4.06
C VAL C 179 8.85 3.65 2.85
N CYS C 180 9.59 3.78 1.76
CA CYS C 180 9.28 3.06 0.52
C CYS C 180 10.49 2.21 0.12
N THR C 181 10.21 1.01 -0.38
CA THR C 181 11.28 0.06 -0.61
C THR C 181 10.90 -0.98 -1.66
N ARG C 182 11.87 -1.32 -2.50
CA ARG C 182 11.84 -2.49 -3.36
C ARG C 182 12.98 -3.40 -2.93
N PRO C 183 12.71 -4.53 -2.28
CA PRO C 183 13.80 -5.33 -1.71
C PRO C 183 14.31 -6.39 -2.67
N ASN C 184 15.00 -7.40 -2.15
CA ASN C 184 15.47 -8.53 -2.96
C ASN C 184 14.49 -9.70 -2.95
N ASN C 193 8.67 -10.24 -9.56
CA ASN C 193 8.53 -8.90 -10.13
C ASN C 193 9.57 -7.95 -9.58
N ILE C 194 10.49 -7.51 -10.45
CA ILE C 194 11.54 -6.58 -10.04
C ILE C 194 11.01 -5.16 -9.85
N ARG C 195 9.81 -4.87 -10.37
CA ARG C 195 9.23 -3.55 -10.24
C ARG C 195 8.21 -3.44 -9.10
N GLN C 196 8.05 -4.49 -8.30
CA GLN C 196 7.12 -4.48 -7.18
C GLN C 196 7.80 -3.91 -5.94
N ALA C 197 7.17 -2.91 -5.32
CA ALA C 197 7.69 -2.32 -4.10
C ALA C 197 6.51 -1.87 -3.24
N HIS C 198 6.83 -1.43 -2.03
CA HIS C 198 5.78 -1.09 -1.07
C HIS C 198 6.24 0.05 -0.17
N CYS C 199 5.25 0.76 0.38
CA CYS C 199 5.50 1.86 1.30
C CYS C 199 4.71 1.64 2.59
N ASN C 200 5.28 2.09 3.70
CA ASN C 200 4.65 1.97 5.01
C ASN C 200 4.58 3.34 5.70
N ILE C 201 3.41 3.60 6.28
CA ILE C 201 3.13 4.78 7.08
C ILE C 201 2.45 4.32 8.36
N ASN C 202 2.59 5.12 9.42
CA ASN C 202 1.98 4.81 10.70
C ASN C 202 0.51 5.25 10.69
N GLU C 203 -0.41 4.31 10.96
CA GLU C 203 -1.82 4.65 10.93
C GLU C 203 -2.18 5.67 12.01
N SER C 204 -1.50 5.64 13.16
CA SER C 204 -1.83 6.57 14.23
C SER C 204 -1.45 8.00 13.87
N LYS C 205 -0.25 8.20 13.32
CA LYS C 205 0.16 9.55 13.00
C LYS C 205 -0.61 10.06 11.79
N TRP C 206 -0.96 9.17 10.85
CA TRP C 206 -1.85 9.57 9.77
C TRP C 206 -3.21 9.98 10.33
N ASN C 207 -3.76 9.21 11.27
CA ASN C 207 -4.91 9.65 12.05
C ASN C 207 -4.81 11.12 12.39
N ASN C 208 -3.85 11.41 13.27
CA ASN C 208 -3.77 12.75 13.83
C ASN C 208 -3.62 13.79 12.74
N THR C 209 -2.77 13.52 11.75
CA THR C 209 -2.53 14.51 10.70
C THR C 209 -3.80 14.81 9.93
N LEU C 210 -4.50 13.77 9.48
CA LEU C 210 -5.71 14.00 8.71
C LEU C 210 -6.82 14.59 9.56
N GLN C 211 -6.87 14.27 10.85
CA GLN C 211 -7.92 14.85 11.68
C GLN C 211 -7.69 16.34 11.90
N LYS C 212 -6.44 16.74 12.13
CA LYS C 212 -6.17 18.16 12.32
C LYS C 212 -6.29 18.93 11.01
N VAL C 213 -5.89 18.31 9.89
CA VAL C 213 -6.14 18.92 8.59
C VAL C 213 -7.63 19.07 8.35
N GLY C 214 -8.43 18.09 8.81
CA GLY C 214 -9.87 18.19 8.69
C GLY C 214 -10.44 19.32 9.52
N GLU C 215 -9.92 19.51 10.73
CA GLU C 215 -10.36 20.64 11.54
C GLU C 215 -10.10 21.96 10.82
N GLU C 216 -8.90 22.13 10.27
CA GLU C 216 -8.59 23.38 9.58
C GLU C 216 -9.45 23.55 8.33
N LEU C 217 -9.57 22.49 7.53
CA LEU C 217 -10.41 22.55 6.36
C LEU C 217 -11.85 22.87 6.73
N ALA C 218 -12.29 22.47 7.92
CA ALA C 218 -13.63 22.83 8.37
C ALA C 218 -13.71 24.29 8.77
N LYS C 219 -12.65 24.81 9.40
CA LYS C 219 -12.54 26.26 9.58
C LYS C 219 -12.83 26.98 8.26
N HIS C 220 -12.29 26.47 7.14
CA HIS C 220 -12.56 27.14 5.87
C HIS C 220 -13.88 26.71 5.23
N PHE C 221 -14.25 25.43 5.32
CA PHE C 221 -15.56 24.96 4.90
C PHE C 221 -16.34 24.50 6.12
N PRO C 222 -17.28 25.30 6.64
CA PRO C 222 -17.82 25.04 7.98
C PRO C 222 -18.93 24.00 8.04
N SER C 223 -20.08 24.30 7.42
CA SER C 223 -21.25 23.44 7.55
C SER C 223 -20.95 22.03 7.07
N LYS C 224 -20.48 21.90 5.82
CA LYS C 224 -20.31 20.59 5.22
C LYS C 224 -19.29 19.76 6.00
N THR C 225 -19.46 18.44 5.97
CA THR C 225 -18.56 17.53 6.65
C THR C 225 -17.46 17.08 5.68
N ILE C 226 -16.21 17.11 6.14
CA ILE C 226 -15.05 16.92 5.27
C ILE C 226 -14.89 15.44 4.92
N LYS C 227 -14.42 15.17 3.70
CA LYS C 227 -14.22 13.80 3.27
C LYS C 227 -12.92 13.73 2.48
N PHE C 228 -12.14 12.66 2.70
CA PHE C 228 -10.90 12.43 1.96
C PHE C 228 -11.06 11.18 1.12
N GLU C 229 -10.90 11.30 -0.19
CA GLU C 229 -11.11 10.19 -1.11
C GLU C 229 -9.94 10.09 -2.07
N PRO C 230 -9.75 8.91 -2.68
CA PRO C 230 -8.58 8.70 -3.54
C PRO C 230 -8.66 9.52 -4.81
N SER C 231 -7.56 9.49 -5.56
CA SER C 231 -7.43 10.33 -6.75
C SER C 231 -8.45 9.93 -7.82
N SER C 232 -9.20 10.93 -8.32
CA SER C 232 -10.27 10.69 -9.28
C SER C 232 -9.76 10.00 -10.54
N GLY C 233 -9.02 10.72 -11.39
CA GLY C 233 -8.50 10.13 -12.61
C GLY C 233 -7.46 11.01 -13.24
N GLY C 234 -6.76 10.42 -14.21
CA GLY C 234 -5.71 11.09 -14.95
C GLY C 234 -4.54 10.16 -15.17
N ASP C 235 -3.47 10.72 -15.73
CA ASP C 235 -2.24 9.95 -15.93
C ASP C 235 -1.84 9.26 -14.64
N LEU C 236 -1.19 8.10 -14.77
CA LEU C 236 -0.76 7.36 -13.59
C LEU C 236 0.11 8.22 -12.69
N GLU C 237 0.83 9.19 -13.24
CA GLU C 237 1.74 9.98 -12.44
C GLU C 237 1.01 10.90 -11.46
N ILE C 238 -0.28 11.19 -11.67
CA ILE C 238 -1.03 12.04 -10.77
C ILE C 238 -2.09 11.29 -9.98
N THR C 239 -2.59 10.17 -10.50
CA THR C 239 -3.53 9.35 -9.74
C THR C 239 -2.84 8.54 -8.66
N THR C 240 -1.51 8.59 -8.58
CA THR C 240 -0.75 7.91 -7.54
C THR C 240 0.29 8.87 -6.99
N HIS C 241 0.79 8.56 -5.79
CA HIS C 241 1.93 9.26 -5.22
C HIS C 241 3.17 8.81 -5.97
N SER C 242 3.72 9.68 -6.81
CA SER C 242 4.85 9.34 -7.64
C SER C 242 6.06 10.16 -7.23
N PHE C 243 7.24 9.58 -7.39
CA PHE C 243 8.46 10.29 -6.99
C PHE C 243 9.68 9.52 -7.49
N ASN C 244 10.85 10.14 -7.35
CA ASN C 244 12.10 9.51 -7.73
C ASN C 244 12.90 9.19 -6.48
N CYS C 245 13.45 7.98 -6.43
CA CYS C 245 14.10 7.47 -5.25
C CYS C 245 15.38 6.75 -5.67
N ARG C 246 16.52 7.25 -5.21
CA ARG C 246 17.81 6.67 -5.57
C ARG C 246 17.97 6.58 -7.08
N GLY C 247 17.00 7.11 -7.83
CA GLY C 247 17.07 7.09 -9.28
C GLY C 247 15.81 6.55 -9.93
N GLU C 248 15.23 5.51 -9.34
CA GLU C 248 14.08 4.86 -9.95
C GLU C 248 12.80 5.67 -9.73
N PHE C 249 11.88 5.55 -10.67
CA PHE C 249 10.59 6.24 -10.58
C PHE C 249 9.56 5.32 -9.93
N PHE C 250 9.13 5.69 -8.72
CA PHE C 250 8.15 4.95 -7.96
C PHE C 250 6.77 5.54 -8.22
N TYR C 251 5.79 4.67 -8.43
CA TYR C 251 4.38 5.04 -8.50
C TYR C 251 3.65 4.24 -7.43
N CYS C 252 3.05 4.93 -6.47
CA CYS C 252 2.47 4.28 -5.30
C CYS C 252 0.98 4.59 -5.19
N ASN C 253 0.20 3.57 -4.83
CA ASN C 253 -1.24 3.69 -4.67
C ASN C 253 -1.56 4.36 -3.34
N THR C 254 -2.49 5.31 -3.35
CA THR C 254 -2.83 6.06 -2.15
C THR C 254 -4.26 5.83 -1.67
N SER C 255 -5.01 4.91 -2.28
CA SER C 255 -6.42 4.77 -1.94
C SER C 255 -6.60 4.37 -0.48
N ASP C 256 -5.66 3.65 0.08
CA ASP C 256 -5.67 3.34 1.49
C ASP C 256 -5.11 4.47 2.34
N LEU C 257 -4.85 5.62 1.74
CA LEU C 257 -4.30 6.76 2.47
C LEU C 257 -5.28 7.92 2.52
N PHE C 258 -5.70 8.42 1.36
CA PHE C 258 -6.75 9.44 1.28
C PHE C 258 -8.09 8.73 1.25
N ASN C 259 -8.64 8.44 2.43
CA ASN C 259 -9.77 7.55 2.55
C ASN C 259 -10.35 7.64 3.97
N GLY C 260 -11.05 8.74 4.27
CA GLY C 260 -11.60 8.93 5.59
C GLY C 260 -12.69 9.97 5.58
N THR C 261 -13.31 10.16 6.75
CA THR C 261 -14.41 11.10 6.88
C THR C 261 -14.28 11.88 8.19
N TYR C 262 -14.60 13.17 8.13
CA TYR C 262 -14.52 14.08 9.26
C TYR C 262 -15.91 14.63 9.54
N ARG C 263 -16.47 14.25 10.69
CA ARG C 263 -17.80 14.67 11.13
C ARG C 263 -17.74 14.97 12.63
N ASN C 264 -18.31 16.12 13.03
CA ASN C 264 -18.28 16.57 14.42
C ASN C 264 -16.93 16.32 15.09
N GLY C 265 -15.87 16.95 14.59
CA GLY C 265 -14.57 16.87 15.24
C GLY C 265 -13.95 15.49 15.30
N THR C 266 -14.65 14.49 14.76
CA THR C 266 -14.16 13.12 14.71
C THR C 266 -13.72 12.79 13.28
N TYR C 267 -12.46 12.39 13.13
CA TYR C 267 -11.97 11.86 11.86
C TYR C 267 -11.89 10.35 11.99
N ASN C 268 -12.75 9.65 11.25
CA ASN C 268 -12.72 8.20 11.16
C ASN C 268 -12.00 7.85 9.86
N HIS C 269 -10.89 7.12 9.96
CA HIS C 269 -10.16 6.69 8.78
C HIS C 269 -10.75 5.39 8.24
N THR C 270 -11.19 5.43 6.99
CA THR C 270 -11.83 4.29 6.35
C THR C 270 -10.90 3.53 5.40
N GLY C 271 -9.58 3.70 5.56
CA GLY C 271 -8.64 2.93 4.78
C GLY C 271 -8.19 1.65 5.48
N ARG C 272 -7.68 0.71 4.69
CA ARG C 272 -7.33 -0.62 5.16
C ARG C 272 -5.94 -0.60 5.80
N SER C 273 -5.88 -0.53 7.12
CA SER C 273 -4.62 -0.62 7.82
C SER C 273 -4.35 -2.09 8.18
N SER C 274 -3.33 -2.34 8.99
CA SER C 274 -2.96 -3.69 9.36
C SER C 274 -1.80 -3.71 10.33
N ASN C 275 -2.05 -4.17 11.56
CA ASN C 275 -1.05 -4.16 12.63
C ASN C 275 -0.59 -2.75 12.97
N GLY C 276 -1.35 -1.73 12.56
CA GLY C 276 -1.03 -0.36 12.88
C GLY C 276 -0.30 0.42 11.81
N THR C 277 -0.05 -0.17 10.63
CA THR C 277 0.65 0.51 9.56
C THR C 277 -0.09 0.30 8.24
N ILE C 278 -0.19 1.38 7.47
CA ILE C 278 -0.75 1.33 6.13
C ILE C 278 0.38 1.08 5.15
N THR C 279 0.22 0.06 4.31
CA THR C 279 1.16 -0.18 3.23
C THR C 279 0.50 0.18 1.90
N LEU C 280 1.33 0.68 0.99
CA LEU C 280 0.94 1.12 -0.34
C LEU C 280 1.68 0.27 -1.35
N GLN C 281 0.96 -0.25 -2.34
CA GLN C 281 1.54 -1.03 -3.41
C GLN C 281 2.09 -0.10 -4.49
N CYS C 282 3.32 -0.34 -4.92
CA CYS C 282 4.01 0.53 -5.85
C CYS C 282 4.64 -0.28 -6.97
N LYS C 283 4.64 0.33 -8.15
CA LYS C 283 5.34 -0.19 -9.31
C LYS C 283 6.42 0.80 -9.73
N ILE C 284 7.55 0.28 -10.19
CA ILE C 284 8.64 1.11 -10.71
C ILE C 284 8.49 1.14 -12.22
N LYS C 285 7.87 2.19 -12.74
CA LYS C 285 7.59 2.27 -14.16
C LYS C 285 8.82 2.74 -14.92
N GLN C 286 8.88 2.38 -16.21
CA GLN C 286 9.95 2.80 -17.10
C GLN C 286 9.53 3.88 -18.08
N ILE C 287 8.24 3.94 -18.42
CA ILE C 287 7.71 4.96 -19.32
C ILE C 287 7.08 6.04 -18.45
N ILE C 288 7.78 7.14 -18.28
CA ILE C 288 7.39 8.22 -17.40
C ILE C 288 6.75 9.32 -18.23
N ASN C 289 5.73 9.98 -17.66
CA ASN C 289 5.10 11.14 -18.28
C ASN C 289 5.78 12.38 -17.70
N MET C 290 6.62 13.01 -18.52
CA MET C 290 7.50 14.06 -18.03
C MET C 290 6.71 15.19 -17.37
N TRP C 291 7.23 15.70 -16.27
CA TRP C 291 6.66 16.88 -15.62
C TRP C 291 7.22 18.17 -16.20
N GLN C 292 8.41 18.09 -16.80
CA GLN C 292 9.05 19.28 -17.35
C GLN C 292 8.27 19.83 -18.54
N GLU C 293 7.79 18.95 -19.39
CA GLU C 293 7.06 19.35 -20.61
C GLU C 293 6.14 18.21 -21.00
N VAL C 294 5.28 18.48 -21.98
CA VAL C 294 4.32 17.47 -22.40
C VAL C 294 5.07 16.49 -23.29
N GLY C 295 5.39 15.33 -22.75
CA GLY C 295 6.11 14.31 -23.48
C GLY C 295 6.31 13.10 -22.60
N ARG C 296 6.98 12.11 -23.17
CA ARG C 296 7.25 10.87 -22.45
C ARG C 296 8.75 10.61 -22.43
N ALA C 297 9.18 9.87 -21.41
CA ALA C 297 10.60 9.54 -21.24
C ALA C 297 10.72 8.08 -20.88
N ILE C 298 11.50 7.33 -21.65
CA ILE C 298 11.73 5.92 -21.38
C ILE C 298 13.12 5.77 -20.77
N TYR C 299 13.17 5.24 -19.56
CA TYR C 299 14.39 5.05 -18.79
C TYR C 299 14.75 3.56 -18.74
N ALA C 300 15.96 3.29 -18.24
CA ALA C 300 16.49 1.94 -18.15
C ALA C 300 15.81 1.14 -17.05
N PRO C 301 15.78 -0.18 -17.17
CA PRO C 301 15.13 -1.03 -16.16
C PRO C 301 15.75 -0.82 -14.79
N PRO C 302 15.02 -1.13 -13.72
CA PRO C 302 15.52 -0.84 -12.37
C PRO C 302 16.78 -1.64 -12.05
N ILE C 303 17.65 -1.01 -11.26
CA ILE C 303 18.90 -1.62 -10.80
C ILE C 303 18.58 -2.78 -9.87
N GLU C 304 19.62 -3.32 -9.21
CA GLU C 304 19.46 -4.39 -8.22
C GLU C 304 19.80 -3.88 -6.83
N GLY C 305 19.56 -4.75 -5.85
CA GLY C 305 19.64 -4.39 -4.45
C GLY C 305 18.28 -3.94 -3.97
N GLU C 306 18.22 -3.63 -2.68
CA GLU C 306 17.00 -3.07 -2.11
C GLU C 306 17.09 -1.56 -2.24
N ILE C 307 16.22 -0.99 -3.06
CA ILE C 307 16.13 0.46 -3.22
C ILE C 307 15.15 0.97 -2.19
N THR C 308 15.62 1.85 -1.29
CA THR C 308 14.75 2.31 -0.21
C THR C 308 14.98 3.78 0.09
N CYS C 309 13.87 4.49 0.30
CA CYS C 309 13.86 5.90 0.67
C CYS C 309 13.03 6.09 1.92
N ASN C 310 13.57 6.84 2.88
CA ASN C 310 12.91 7.13 4.15
C ASN C 310 12.63 8.63 4.15
N SER C 311 11.37 9.02 3.91
CA SER C 311 11.02 10.39 3.64
C SER C 311 10.03 10.92 4.69
N ASN C 312 9.97 12.24 4.79
CA ASN C 312 9.00 12.94 5.61
C ASN C 312 7.89 13.51 4.74
N ILE C 313 6.64 13.24 5.10
CA ILE C 313 5.49 13.86 4.45
C ILE C 313 5.27 15.20 5.14
N THR C 314 5.79 16.27 4.57
CA THR C 314 5.66 17.61 5.15
C THR C 314 4.53 18.42 4.54
N GLY C 315 3.75 17.86 3.62
CA GLY C 315 2.67 18.62 3.02
C GLY C 315 1.79 17.74 2.17
N LEU C 316 0.66 18.31 1.77
CA LEU C 316 -0.29 17.64 0.91
C LEU C 316 -0.70 18.56 -0.23
N LEU C 317 -1.03 17.96 -1.37
CA LEU C 317 -1.64 18.67 -2.50
C LEU C 317 -3.02 18.09 -2.72
N LEU C 318 -4.06 18.90 -2.50
CA LEU C 318 -5.43 18.41 -2.58
C LEU C 318 -6.25 19.26 -3.56
N LEU C 319 -7.36 18.68 -4.01
CA LEU C 319 -8.29 19.34 -4.92
C LEU C 319 -9.71 18.97 -4.51
N ARG C 320 -10.49 19.98 -4.15
CA ARG C 320 -11.90 19.78 -3.81
C ARG C 320 -12.69 19.43 -5.07
N ASP C 321 -14.00 19.28 -4.94
CA ASP C 321 -14.85 19.07 -6.12
C ASP C 321 -15.93 20.14 -6.21
N ASP C 330 -25.16 17.25 1.80
CA ASP C 330 -24.11 18.06 1.18
C ASP C 330 -22.86 18.15 2.06
N THR C 331 -21.75 17.68 1.52
CA THR C 331 -20.47 17.68 2.20
C THR C 331 -19.36 17.90 1.17
N GLU C 332 -18.22 18.40 1.65
CA GLU C 332 -17.09 18.72 0.80
C GLU C 332 -16.06 17.60 0.85
N THR C 333 -15.62 17.16 -0.33
CA THR C 333 -14.69 16.04 -0.45
C THR C 333 -13.44 16.48 -1.20
N PHE C 334 -12.28 16.05 -0.70
CA PHE C 334 -10.98 16.42 -1.20
C PHE C 334 -10.22 15.17 -1.67
N ARG C 335 -9.37 15.36 -2.66
CA ARG C 335 -8.66 14.25 -3.31
C ARG C 335 -7.21 14.64 -3.52
N PRO C 336 -6.32 13.66 -3.58
CA PRO C 336 -4.90 13.97 -3.82
C PRO C 336 -4.70 14.51 -5.22
N GLY C 337 -4.00 15.64 -5.31
CA GLY C 337 -3.68 16.21 -6.61
C GLY C 337 -2.20 16.45 -6.81
N GLY C 338 -1.84 17.22 -7.84
CA GLY C 338 -0.45 17.50 -8.14
C GLY C 338 -0.18 17.44 -9.62
N GLY C 339 1.07 17.68 -10.01
CA GLY C 339 1.43 17.59 -11.42
C GLY C 339 2.13 18.83 -11.95
N ASP C 340 1.74 19.99 -11.42
CA ASP C 340 2.44 21.24 -11.69
C ASP C 340 3.58 21.37 -10.68
N MET C 341 4.75 20.81 -11.03
CA MET C 341 5.88 20.79 -10.11
C MET C 341 6.20 22.17 -9.55
N ARG C 342 5.63 23.22 -10.15
CA ARG C 342 5.80 24.57 -9.63
C ARG C 342 5.14 24.71 -8.26
N ASP C 343 4.05 23.98 -8.00
CA ASP C 343 3.41 24.05 -6.69
C ASP C 343 4.34 23.56 -5.60
N ASN C 344 5.17 22.56 -5.89
CA ASN C 344 6.17 22.15 -4.91
C ASN C 344 7.07 23.31 -4.53
N TRP C 345 7.66 23.96 -5.53
CA TRP C 345 8.53 25.09 -5.23
C TRP C 345 7.78 26.17 -4.47
N ARG C 346 6.54 26.47 -4.90
CA ARG C 346 5.72 27.46 -4.21
C ARG C 346 5.58 27.14 -2.74
N SER C 347 5.34 25.86 -2.42
CA SER C 347 5.16 25.44 -1.04
C SER C 347 6.32 25.85 -0.15
N GLU C 348 7.47 26.20 -0.72
CA GLU C 348 8.65 26.59 0.05
C GLU C 348 9.01 28.06 -0.14
N LEU C 349 8.83 28.61 -1.33
CA LEU C 349 9.13 29.99 -1.63
C LEU C 349 7.98 30.93 -1.29
N TYR C 350 6.90 30.41 -0.69
CA TYR C 350 5.76 31.27 -0.36
C TYR C 350 6.16 32.49 0.46
N LYS C 351 7.11 32.33 1.39
CA LYS C 351 7.47 33.42 2.29
C LYS C 351 8.65 34.24 1.77
N TYR C 352 8.72 34.53 0.48
CA TYR C 352 9.85 35.26 -0.08
C TYR C 352 9.38 36.14 -1.22
N LYS C 353 10.12 37.21 -1.46
CA LYS C 353 9.79 38.13 -2.56
C LYS C 353 11.02 38.94 -2.92
N VAL C 354 11.35 39.02 -4.20
CA VAL C 354 12.53 39.74 -4.65
C VAL C 354 12.19 41.21 -4.82
N VAL C 355 13.08 42.10 -4.37
CA VAL C 355 12.77 43.52 -4.23
C VAL C 355 13.95 44.38 -4.65
N GLU C 356 13.61 45.58 -5.13
CA GLU C 356 14.56 46.67 -5.41
C GLU C 356 15.28 46.49 -6.74
N LYS D 6 1.96 -28.15 -43.32
CA LYS D 6 1.59 -28.79 -44.57
C LYS D 6 2.48 -28.30 -45.73
N THR D 7 2.31 -27.03 -46.09
CA THR D 7 3.06 -26.42 -47.18
C THR D 7 3.01 -24.91 -47.01
N THR D 8 3.54 -24.17 -47.99
CA THR D 8 3.53 -22.72 -47.99
C THR D 8 2.37 -22.22 -48.84
N LEU D 9 1.40 -21.57 -48.20
CA LEU D 9 0.28 -20.94 -48.88
C LEU D 9 0.67 -19.53 -49.31
N PHE D 10 0.13 -19.08 -50.44
CA PHE D 10 0.35 -17.71 -50.87
C PHE D 10 -0.95 -16.92 -50.76
N CYS D 11 -0.86 -15.62 -51.00
CA CYS D 11 -2.00 -14.72 -50.80
C CYS D 11 -2.33 -14.00 -52.10
N ALA D 12 -3.60 -14.04 -52.47
CA ALA D 12 -4.13 -13.26 -53.59
C ALA D 12 -5.07 -12.22 -53.02
N SER D 13 -4.76 -10.96 -53.26
CA SER D 13 -5.59 -9.85 -52.82
C SER D 13 -6.29 -9.23 -54.02
N ASP D 14 -6.99 -8.14 -53.78
CA ASP D 14 -7.59 -7.35 -54.84
C ASP D 14 -7.17 -5.89 -54.71
N ALA D 15 -5.94 -5.68 -54.26
CA ALA D 15 -5.47 -4.36 -53.90
C ALA D 15 -5.10 -3.56 -55.15
N LYS D 16 -5.19 -2.24 -55.02
CA LYS D 16 -4.83 -1.31 -56.08
C LYS D 16 -3.49 -0.68 -55.73
N ALA D 17 -2.59 -0.60 -56.71
CA ALA D 17 -1.24 -0.14 -56.46
C ALA D 17 -1.17 1.36 -56.18
N TYR D 18 -2.07 2.14 -56.80
CA TYR D 18 -2.08 3.58 -56.57
C TYR D 18 -2.46 3.97 -55.15
N GLU D 19 -3.13 3.09 -54.42
CA GLU D 19 -3.61 3.45 -53.08
C GLU D 19 -2.43 3.60 -52.12
N LYS D 20 -2.45 4.66 -51.32
CA LYS D 20 -1.45 4.85 -50.27
C LYS D 20 -1.83 4.16 -48.97
N GLU D 21 -2.95 3.45 -48.96
CA GLU D 21 -3.36 2.70 -47.78
C GLU D 21 -2.40 1.54 -47.51
N VAL D 22 -2.00 1.39 -46.25
CA VAL D 22 -0.93 0.45 -45.92
C VAL D 22 -1.29 -0.97 -46.31
N HIS D 23 -2.55 -1.37 -46.11
CA HIS D 23 -2.97 -2.71 -46.49
C HIS D 23 -2.76 -2.95 -47.98
N ASN D 24 -3.17 -1.98 -48.82
CA ASN D 24 -3.00 -2.13 -50.25
C ASN D 24 -1.53 -2.24 -50.64
N VAL D 25 -0.68 -1.42 -50.03
CA VAL D 25 0.75 -1.45 -50.34
C VAL D 25 1.34 -2.81 -50.00
N TRP D 26 1.15 -3.25 -48.75
CA TRP D 26 1.68 -4.56 -48.36
C TRP D 26 1.16 -5.65 -49.28
N ALA D 27 -0.14 -5.63 -49.61
CA ALA D 27 -0.70 -6.67 -50.46
C ALA D 27 -0.06 -6.67 -51.83
N THR D 28 -0.01 -5.51 -52.49
CA THR D 28 0.58 -5.45 -53.82
C THR D 28 2.05 -5.85 -53.82
N HIS D 29 2.74 -5.71 -52.69
CA HIS D 29 4.13 -6.22 -52.66
C HIS D 29 4.21 -7.71 -52.38
N ALA D 30 3.29 -8.27 -51.59
CA ALA D 30 3.40 -9.66 -51.21
C ALA D 30 2.27 -10.55 -51.71
N CYS D 31 1.16 -9.98 -52.19
CA CYS D 31 0.01 -10.76 -52.63
C CYS D 31 -0.14 -10.67 -54.14
N VAL D 32 -0.47 -11.80 -54.76
CA VAL D 32 -0.67 -11.84 -56.20
C VAL D 32 -2.10 -11.36 -56.51
N PRO D 33 -2.41 -11.11 -57.78
CA PRO D 33 -3.77 -10.67 -58.11
C PRO D 33 -4.79 -11.78 -57.93
N THR D 34 -6.03 -11.37 -57.64
CA THR D 34 -7.10 -12.32 -57.40
C THR D 34 -7.61 -12.90 -58.71
N ASP D 35 -7.84 -14.21 -58.74
CA ASP D 35 -8.27 -14.86 -59.97
C ASP D 35 -9.74 -14.53 -60.24
N PRO D 36 -10.09 -14.04 -61.43
CA PRO D 36 -11.47 -13.57 -61.63
C PRO D 36 -12.49 -14.69 -61.62
N ASN D 37 -12.25 -15.83 -62.33
CA ASN D 37 -13.20 -16.94 -62.36
C ASN D 37 -13.04 -17.84 -61.14
N PRO D 38 -14.14 -18.24 -60.51
CA PRO D 38 -14.06 -19.03 -59.28
C PRO D 38 -14.00 -20.52 -59.57
N GLN D 39 -12.84 -21.14 -59.28
CA GLN D 39 -12.65 -22.57 -59.47
C GLN D 39 -13.04 -23.28 -58.19
N GLU D 40 -14.24 -23.87 -58.17
CA GLU D 40 -14.72 -24.63 -57.03
C GLU D 40 -15.22 -25.99 -57.51
N MET D 41 -14.97 -27.02 -56.70
CA MET D 41 -15.18 -28.42 -57.09
C MET D 41 -15.97 -29.10 -55.99
N VAL D 42 -17.24 -29.37 -56.24
CA VAL D 42 -18.13 -29.86 -55.20
C VAL D 42 -17.98 -31.38 -55.05
N LEU D 43 -18.47 -31.89 -53.92
CA LEU D 43 -18.45 -33.32 -53.61
C LEU D 43 -19.52 -33.58 -52.55
N ALA D 44 -20.37 -34.59 -52.78
CA ALA D 44 -21.56 -34.84 -51.97
C ALA D 44 -21.27 -35.61 -50.69
N ASN D 45 -20.64 -36.78 -50.79
CA ASN D 45 -20.43 -37.67 -49.66
C ASN D 45 -18.96 -37.84 -49.28
N VAL D 46 -18.10 -36.95 -49.75
CA VAL D 46 -16.67 -37.07 -49.51
C VAL D 46 -16.34 -36.62 -48.09
N THR D 47 -16.73 -37.42 -47.11
CA THR D 47 -16.53 -37.05 -45.71
C THR D 47 -15.06 -36.81 -45.40
N GLU D 48 -14.79 -35.76 -44.63
CA GLU D 48 -13.46 -35.38 -44.20
C GLU D 48 -13.53 -34.74 -42.82
N ASN D 49 -12.40 -34.73 -42.11
CA ASN D 49 -12.31 -34.16 -40.77
C ASN D 49 -11.51 -32.87 -40.77
N PHE D 50 -11.95 -31.93 -39.92
CA PHE D 50 -11.29 -30.64 -39.74
C PHE D 50 -11.05 -30.41 -38.25
N ASN D 51 -10.05 -29.58 -37.95
CA ASN D 51 -9.85 -29.06 -36.59
C ASN D 51 -9.38 -27.63 -36.73
N MET D 52 -10.30 -26.67 -36.56
CA MET D 52 -9.94 -25.26 -36.65
C MET D 52 -8.85 -24.91 -35.66
N TRP D 53 -8.78 -25.62 -34.53
CA TRP D 53 -7.88 -25.27 -33.44
C TRP D 53 -6.45 -25.73 -33.67
N LYS D 54 -6.23 -26.68 -34.59
CA LYS D 54 -4.89 -27.10 -34.97
C LYS D 54 -4.54 -26.71 -36.40
N ASN D 55 -5.41 -25.95 -37.07
CA ASN D 55 -5.15 -25.47 -38.41
C ASN D 55 -3.81 -24.75 -38.50
N ASP D 56 -3.07 -25.05 -39.57
CA ASP D 56 -1.79 -24.39 -39.84
C ASP D 56 -1.97 -23.16 -40.72
N MET D 57 -3.03 -23.13 -41.52
CA MET D 57 -3.39 -21.93 -42.26
C MET D 57 -3.45 -20.73 -41.31
N VAL D 58 -4.04 -20.92 -40.13
CA VAL D 58 -4.13 -19.84 -39.16
C VAL D 58 -2.75 -19.30 -38.84
N GLU D 59 -1.77 -20.19 -38.64
CA GLU D 59 -0.42 -19.75 -38.30
C GLU D 59 0.21 -18.98 -39.44
N GLN D 60 0.06 -19.46 -40.67
CA GLN D 60 0.63 -18.72 -41.80
C GLN D 60 0.02 -17.34 -41.92
N MET D 61 -1.30 -17.23 -41.82
CA MET D 61 -1.93 -15.92 -41.92
C MET D 61 -1.52 -15.03 -40.76
N HIS D 62 -1.34 -15.59 -39.57
CA HIS D 62 -0.86 -14.82 -38.44
C HIS D 62 0.52 -14.22 -38.74
N GLU D 63 1.42 -15.03 -39.29
CA GLU D 63 2.73 -14.51 -39.70
C GLU D 63 2.56 -13.35 -40.68
N ASP D 64 1.74 -13.54 -41.71
CA ASP D 64 1.61 -12.50 -42.72
C ASP D 64 1.00 -11.23 -42.15
N ILE D 65 0.00 -11.36 -41.27
CA ILE D 65 -0.60 -10.18 -40.64
C ILE D 65 0.41 -9.45 -39.77
N ILE D 66 1.28 -10.20 -39.08
CA ILE D 66 2.32 -9.57 -38.28
C ILE D 66 3.27 -8.80 -39.18
N SER D 67 3.64 -9.38 -40.32
CA SER D 67 4.52 -8.68 -41.25
C SER D 67 3.85 -7.40 -41.76
N LEU D 68 2.55 -7.48 -42.06
CA LEU D 68 1.79 -6.30 -42.46
C LEU D 68 1.90 -5.21 -41.40
N TRP D 69 1.49 -5.52 -40.17
CA TRP D 69 1.48 -4.49 -39.13
C TRP D 69 2.87 -3.94 -38.84
N ASP D 70 3.90 -4.79 -38.89
CA ASP D 70 5.24 -4.30 -38.60
C ASP D 70 5.85 -3.54 -39.76
N GLU D 71 5.28 -3.65 -40.96
CA GLU D 71 5.70 -2.82 -42.09
C GLU D 71 4.86 -1.56 -42.25
N SER D 72 3.65 -1.50 -41.67
CA SER D 72 2.72 -0.42 -41.91
C SER D 72 2.55 0.50 -40.71
N LEU D 73 2.15 -0.04 -39.55
CA LEU D 73 1.97 0.76 -38.34
C LEU D 73 3.26 0.79 -37.52
N LYS D 74 4.26 1.43 -38.10
CA LYS D 74 5.54 1.56 -37.41
C LYS D 74 5.35 2.47 -36.19
N PRO D 75 5.71 2.01 -34.99
CA PRO D 75 5.61 2.85 -33.80
C PRO D 75 6.81 3.75 -33.58
N CYS D 76 6.54 4.90 -32.96
CA CYS D 76 7.63 5.78 -32.53
C CYS D 76 8.67 5.01 -31.73
N VAL D 77 8.23 4.20 -30.79
CA VAL D 77 9.14 3.40 -29.99
C VAL D 77 8.58 1.99 -29.85
N LYS D 78 9.48 1.02 -29.75
CA LYS D 78 9.11 -0.37 -29.53
C LYS D 78 10.03 -0.92 -28.44
N LEU D 79 9.43 -1.34 -27.33
CA LEU D 79 10.15 -1.92 -26.21
C LEU D 79 9.95 -3.42 -26.24
N THR D 80 11.02 -4.16 -26.53
CA THR D 80 10.99 -5.62 -26.53
C THR D 80 12.08 -6.11 -25.59
N GLY D 81 11.66 -6.61 -24.43
CA GLY D 81 12.64 -7.02 -23.43
C GLY D 81 13.47 -5.82 -23.01
N GLY D 82 14.79 -5.93 -23.18
CA GLY D 82 15.66 -4.81 -22.88
C GLY D 82 15.77 -3.80 -24.00
N SER D 83 15.48 -4.20 -25.23
CA SER D 83 15.70 -3.33 -26.39
C SER D 83 14.62 -2.27 -26.49
N ALA D 84 15.03 -1.07 -26.91
CA ALA D 84 14.12 0.01 -27.27
C ALA D 84 14.53 0.53 -28.64
N ILE D 85 13.68 0.28 -29.64
CA ILE D 85 13.94 0.65 -31.03
C ILE D 85 13.06 1.86 -31.38
N THR D 86 13.66 2.85 -32.02
CA THR D 86 12.92 4.04 -32.45
C THR D 86 12.93 4.16 -33.97
N GLN D 87 11.80 4.56 -34.53
CA GLN D 87 11.64 4.70 -35.98
C GLN D 87 10.78 5.93 -36.26
N ALA D 88 10.48 6.14 -37.54
CA ALA D 88 9.48 7.14 -37.90
C ALA D 88 8.09 6.54 -37.73
N CYS D 89 7.19 7.30 -37.09
CA CYS D 89 5.82 6.85 -36.83
C CYS D 89 4.84 7.75 -37.57
N PRO D 90 4.96 7.83 -38.89
CA PRO D 90 4.06 8.73 -39.63
C PRO D 90 2.65 8.20 -39.64
N LYS D 91 1.69 9.12 -39.46
CA LYS D 91 0.29 8.73 -39.57
C LYS D 91 0.01 8.23 -40.98
N VAL D 92 -0.90 7.26 -41.11
CA VAL D 92 -1.13 6.63 -42.40
C VAL D 92 -2.60 6.22 -42.51
N SER D 93 -3.08 6.18 -43.74
CA SER D 93 -4.44 5.69 -43.99
C SER D 93 -4.48 4.20 -43.72
N PHE D 94 -5.48 3.77 -42.95
CA PHE D 94 -5.50 2.41 -42.39
C PHE D 94 -6.92 1.86 -42.45
N ASP D 95 -7.18 0.97 -43.40
CA ASP D 95 -8.48 0.33 -43.54
C ASP D 95 -8.32 -1.08 -44.08
N PRO D 96 -8.68 -2.10 -43.30
CA PRO D 96 -8.40 -3.49 -43.71
C PRO D 96 -8.99 -3.80 -45.07
N ILE D 97 -8.25 -4.58 -45.85
CA ILE D 97 -8.71 -5.03 -47.16
C ILE D 97 -8.77 -6.55 -47.16
N PRO D 98 -9.75 -7.15 -47.82
CA PRO D 98 -9.83 -8.63 -47.82
C PRO D 98 -8.61 -9.25 -48.47
N LEU D 99 -8.14 -10.34 -47.87
CA LEU D 99 -7.05 -11.16 -48.39
C LEU D 99 -7.55 -12.58 -48.58
N HIS D 100 -7.23 -13.19 -49.73
CA HIS D 100 -7.50 -14.60 -49.94
C HIS D 100 -6.22 -15.39 -49.78
N TYR D 101 -6.32 -16.54 -49.13
CA TYR D 101 -5.18 -17.46 -49.01
C TYR D 101 -5.39 -18.63 -49.95
N CYS D 102 -4.44 -18.83 -50.85
CA CYS D 102 -4.51 -19.80 -51.92
C CYS D 102 -3.40 -20.85 -51.75
N ALA D 103 -3.74 -22.13 -52.13
CA ALA D 103 -2.94 -23.36 -52.16
C ALA D 103 -2.06 -23.38 -53.41
N PRO D 104 -0.72 -23.53 -53.27
CA PRO D 104 0.15 -23.58 -54.44
C PRO D 104 -0.10 -24.81 -55.31
N ALA D 105 0.71 -24.99 -56.36
CA ALA D 105 0.51 -26.12 -57.27
C ALA D 105 0.76 -27.44 -56.56
N GLY D 106 -0.07 -28.44 -56.90
CA GLY D 106 0.00 -29.73 -56.24
C GLY D 106 -0.66 -29.77 -54.88
N PHE D 107 -1.51 -28.79 -54.57
CA PHE D 107 -2.14 -28.67 -53.28
C PHE D 107 -3.53 -28.06 -53.46
N ALA D 108 -4.45 -28.46 -52.59
CA ALA D 108 -5.83 -27.97 -52.65
C ALA D 108 -6.25 -27.44 -51.29
N ILE D 109 -7.35 -26.70 -51.25
CA ILE D 109 -7.92 -26.24 -49.99
C ILE D 109 -9.32 -26.81 -49.90
N LEU D 110 -9.54 -27.70 -48.94
CA LEU D 110 -10.86 -28.25 -48.69
C LEU D 110 -11.67 -27.27 -47.86
N LYS D 111 -12.95 -27.16 -48.20
CA LYS D 111 -13.87 -26.20 -47.58
C LYS D 111 -15.10 -26.96 -47.11
N CYS D 112 -15.34 -26.96 -45.79
CA CYS D 112 -16.52 -27.61 -45.23
C CYS D 112 -17.76 -26.74 -45.49
N ASN D 113 -18.81 -27.37 -46.02
CA ASN D 113 -20.02 -26.65 -46.41
C ASN D 113 -21.19 -26.91 -45.47
N ASN D 114 -20.99 -27.67 -44.40
CA ASN D 114 -22.03 -27.85 -43.39
C ASN D 114 -22.28 -26.52 -42.69
N LYS D 115 -23.41 -25.89 -42.96
CA LYS D 115 -23.70 -24.56 -42.41
C LYS D 115 -23.76 -24.55 -40.89
N THR D 116 -23.60 -25.67 -40.18
CA THR D 116 -23.59 -25.67 -38.72
C THR D 116 -22.33 -26.30 -38.13
N PHE D 117 -21.34 -26.60 -38.97
CA PHE D 117 -20.07 -27.16 -38.52
C PHE D 117 -19.49 -26.33 -37.39
N ASN D 118 -19.20 -26.98 -36.26
CA ASN D 118 -18.66 -26.30 -35.10
C ASN D 118 -17.14 -26.29 -35.08
N GLY D 119 -16.50 -26.62 -36.21
CA GLY D 119 -15.07 -26.49 -36.36
C GLY D 119 -14.26 -27.71 -35.95
N THR D 120 -14.83 -28.62 -35.18
CA THR D 120 -14.14 -29.84 -34.77
C THR D 120 -14.89 -31.05 -35.35
N GLY D 121 -14.15 -31.96 -35.98
CA GLY D 121 -14.72 -33.23 -36.35
C GLY D 121 -15.04 -33.36 -37.83
N PRO D 122 -16.00 -34.23 -38.16
CA PRO D 122 -16.26 -34.57 -39.56
C PRO D 122 -17.27 -33.67 -40.25
N CYS D 123 -17.11 -33.58 -41.56
CA CYS D 123 -17.93 -32.72 -42.40
C CYS D 123 -18.58 -33.54 -43.50
N ARG D 124 -19.87 -33.32 -43.72
CA ARG D 124 -20.60 -34.06 -44.75
C ARG D 124 -20.24 -33.57 -46.14
N ASN D 125 -20.53 -32.31 -46.43
CA ASN D 125 -20.37 -31.71 -47.76
C ASN D 125 -19.06 -30.93 -47.81
N VAL D 126 -18.06 -31.48 -48.52
CA VAL D 126 -16.73 -30.88 -48.56
C VAL D 126 -16.39 -30.54 -50.01
N SER D 127 -16.00 -29.29 -50.25
CA SER D 127 -15.64 -28.79 -51.57
C SER D 127 -14.13 -28.60 -51.67
N THR D 128 -13.67 -28.39 -52.91
CA THR D 128 -12.26 -28.20 -53.22
C THR D 128 -12.10 -26.86 -53.91
N VAL D 129 -11.26 -25.99 -53.35
CA VAL D 129 -11.03 -24.66 -53.89
C VAL D 129 -9.54 -24.41 -54.00
N GLN D 130 -9.22 -23.40 -54.81
CA GLN D 130 -7.85 -22.90 -54.94
C GLN D 130 -7.54 -21.81 -53.92
N CYS D 131 -8.55 -21.04 -53.51
CA CYS D 131 -8.37 -19.89 -52.63
C CYS D 131 -9.45 -19.85 -51.57
N THR D 132 -9.08 -19.43 -50.37
CA THR D 132 -10.08 -19.12 -49.36
C THR D 132 -10.82 -17.85 -49.74
N HIS D 133 -12.01 -17.68 -49.16
CA HIS D 133 -12.75 -16.45 -49.40
C HIS D 133 -11.94 -15.25 -48.93
N GLY D 134 -12.47 -14.06 -49.24
CA GLY D 134 -11.79 -12.82 -48.87
C GLY D 134 -11.90 -12.52 -47.39
N ILE D 135 -10.79 -12.63 -46.68
CA ILE D 135 -10.76 -12.48 -45.22
C ILE D 135 -10.10 -11.16 -44.88
N LYS D 136 -10.70 -10.43 -43.93
CA LYS D 136 -10.19 -9.13 -43.51
C LYS D 136 -9.40 -9.29 -42.22
N PRO D 137 -8.11 -9.01 -42.22
CA PRO D 137 -7.32 -9.14 -41.00
C PRO D 137 -7.65 -8.05 -39.99
N VAL D 138 -8.76 -8.18 -39.29
CA VAL D 138 -9.23 -7.19 -38.34
C VAL D 138 -8.77 -7.58 -36.94
N VAL D 139 -7.89 -6.76 -36.37
CA VAL D 139 -7.32 -7.00 -35.05
C VAL D 139 -8.22 -6.38 -33.99
N SER D 140 -8.78 -7.21 -33.10
CA SER D 140 -9.65 -6.71 -32.05
C SER D 140 -9.76 -7.75 -30.94
N THR D 141 -10.36 -7.34 -29.84
CA THR D 141 -10.62 -8.21 -28.69
C THR D 141 -12.09 -8.12 -28.32
N GLN D 142 -12.53 -9.05 -27.47
CA GLN D 142 -13.91 -9.08 -26.99
C GLN D 142 -14.89 -9.28 -28.14
N LEU D 143 -14.95 -8.32 -29.07
CA LEU D 143 -15.86 -8.37 -30.20
C LEU D 143 -15.09 -8.61 -31.48
N LEU D 144 -15.54 -9.57 -32.28
CA LEU D 144 -14.99 -9.81 -33.61
C LEU D 144 -15.69 -8.89 -34.61
N LEU D 145 -14.90 -8.10 -35.34
CA LEU D 145 -15.44 -7.05 -36.20
C LEU D 145 -15.27 -7.37 -37.67
N ASN D 146 -16.24 -6.92 -38.48
CA ASN D 146 -16.15 -6.95 -39.94
C ASN D 146 -15.78 -8.35 -40.46
N GLY D 147 -16.48 -9.35 -39.94
CA GLY D 147 -16.29 -10.72 -40.38
C GLY D 147 -17.47 -11.23 -41.18
N SER D 148 -17.38 -12.52 -41.53
CA SER D 148 -18.46 -13.21 -42.22
C SER D 148 -19.38 -13.88 -41.20
N LEU D 149 -20.67 -13.93 -41.52
CA LEU D 149 -21.68 -14.40 -40.59
C LEU D 149 -21.97 -15.87 -40.78
N ALA D 150 -22.68 -16.44 -39.80
CA ALA D 150 -23.15 -17.81 -39.92
C ALA D 150 -24.37 -17.85 -40.84
N GLU D 151 -24.36 -18.79 -41.79
CA GLU D 151 -25.39 -18.78 -42.82
C GLU D 151 -26.75 -19.19 -42.27
N GLU D 152 -26.79 -20.09 -41.28
CA GLU D 152 -28.04 -20.61 -40.77
C GLU D 152 -28.25 -20.05 -39.37
N GLU D 153 -27.84 -20.76 -38.32
CA GLU D 153 -28.03 -20.32 -36.96
C GLU D 153 -26.68 -20.04 -36.30
N ILE D 154 -26.74 -19.45 -35.10
CA ILE D 154 -25.52 -19.18 -34.34
C ILE D 154 -24.76 -20.47 -34.08
N ILE D 155 -23.44 -20.41 -34.15
CA ILE D 155 -22.58 -21.54 -33.78
C ILE D 155 -21.72 -21.16 -32.58
N ILE D 156 -21.42 -22.15 -31.74
CA ILE D 156 -20.52 -22.00 -30.61
C ILE D 156 -19.32 -22.89 -30.88
N ARG D 157 -18.18 -22.26 -31.17
CA ARG D 157 -16.94 -22.99 -31.42
C ARG D 157 -16.07 -22.97 -30.17
N SER D 158 -15.39 -24.09 -29.92
CA SER D 158 -14.42 -24.16 -28.83
C SER D 158 -13.67 -25.47 -28.93
N GLU D 159 -12.41 -25.44 -28.53
CA GLU D 159 -11.59 -26.64 -28.54
C GLU D 159 -12.08 -27.64 -27.50
N ASN D 160 -12.52 -27.15 -26.34
CA ASN D 160 -12.99 -28.02 -25.26
C ASN D 160 -13.99 -27.21 -24.45
N LEU D 161 -15.29 -27.44 -24.72
CA LEU D 161 -16.29 -26.61 -24.08
C LEU D 161 -16.32 -26.78 -22.57
N THR D 162 -15.68 -27.82 -22.04
CA THR D 162 -15.66 -28.05 -20.60
C THR D 162 -14.36 -27.60 -19.95
N ASN D 163 -13.49 -26.93 -20.70
CA ASN D 163 -12.25 -26.37 -20.17
C ASN D 163 -12.42 -24.86 -20.11
N ASN D 164 -12.46 -24.31 -18.88
CA ASN D 164 -12.63 -22.87 -18.73
C ASN D 164 -11.57 -22.10 -19.52
N ALA D 165 -10.37 -22.67 -19.67
CA ALA D 165 -9.28 -21.94 -20.32
C ALA D 165 -9.51 -21.77 -21.81
N LYS D 166 -10.18 -22.73 -22.45
CA LYS D 166 -10.38 -22.64 -23.90
C LYS D 166 -11.27 -21.46 -24.24
N THR D 167 -10.76 -20.59 -25.11
CA THR D 167 -11.53 -19.45 -25.61
C THR D 167 -12.72 -19.94 -26.40
N ILE D 168 -13.91 -19.41 -26.09
CA ILE D 168 -15.13 -19.70 -26.84
C ILE D 168 -15.28 -18.65 -27.92
N ILE D 169 -15.53 -19.10 -29.16
CA ILE D 169 -15.85 -18.20 -30.26
C ILE D 169 -17.33 -18.36 -30.55
N VAL D 170 -18.09 -17.30 -30.28
CA VAL D 170 -19.50 -17.27 -30.66
C VAL D 170 -19.58 -16.67 -32.06
N HIS D 171 -20.08 -17.44 -33.01
CA HIS D 171 -20.22 -17.02 -34.40
C HIS D 171 -21.68 -16.69 -34.66
N LEU D 172 -21.99 -15.42 -34.89
CA LEU D 172 -23.35 -14.95 -35.06
C LEU D 172 -23.84 -15.14 -36.50
N ASN D 173 -25.16 -15.00 -36.68
CA ASN D 173 -25.75 -15.02 -38.00
C ASN D 173 -26.40 -13.69 -38.39
N GLU D 174 -26.59 -12.79 -37.43
CA GLU D 174 -27.16 -11.47 -37.68
C GLU D 174 -26.20 -10.42 -37.11
N SER D 175 -25.62 -9.61 -37.98
CA SER D 175 -24.65 -8.63 -37.51
C SER D 175 -25.31 -7.55 -36.65
N VAL D 176 -24.50 -6.90 -35.82
CA VAL D 176 -24.94 -5.87 -34.88
C VAL D 176 -24.08 -4.64 -35.09
N ASN D 177 -24.72 -3.51 -35.37
CA ASN D 177 -23.98 -2.31 -35.72
C ASN D 177 -23.33 -1.68 -34.49
N ILE D 178 -22.04 -1.42 -34.54
CA ILE D 178 -21.33 -0.65 -33.53
C ILE D 178 -20.66 0.52 -34.23
N VAL D 179 -20.92 1.73 -33.75
CA VAL D 179 -20.31 2.93 -34.32
C VAL D 179 -19.46 3.60 -33.26
N CYS D 180 -18.18 3.82 -33.57
CA CYS D 180 -17.25 4.42 -32.63
C CYS D 180 -16.68 5.70 -33.21
N THR D 181 -16.51 6.71 -32.37
CA THR D 181 -16.14 8.02 -32.88
C THR D 181 -15.46 8.87 -31.80
N ARG D 182 -14.45 9.61 -32.23
CA ARG D 182 -13.86 10.71 -31.49
C ARG D 182 -14.09 11.98 -32.31
N PRO D 183 -14.99 12.87 -31.88
CA PRO D 183 -15.34 14.02 -32.73
C PRO D 183 -14.48 15.24 -32.46
N ASN D 184 -14.94 16.42 -32.87
CA ASN D 184 -14.25 17.67 -32.59
C ASN D 184 -14.78 18.35 -31.32
N ASN D 193 -10.41 16.84 -23.80
CA ASN D 193 -9.67 15.59 -23.96
C ASN D 193 -9.70 15.11 -25.41
N ILE D 194 -8.53 15.13 -26.06
CA ILE D 194 -8.43 14.68 -27.44
C ILE D 194 -8.51 13.15 -27.56
N ARG D 195 -8.33 12.43 -26.46
CA ARG D 195 -8.38 10.97 -26.47
C ARG D 195 -9.73 10.42 -26.03
N GLN D 196 -10.72 11.28 -25.77
CA GLN D 196 -12.05 10.83 -25.37
C GLN D 196 -12.91 10.52 -26.59
N ALA D 197 -13.49 9.32 -26.62
CA ALA D 197 -14.37 8.92 -27.70
C ALA D 197 -15.45 8.01 -27.14
N HIS D 198 -16.41 7.67 -28.00
CA HIS D 198 -17.55 6.88 -27.53
C HIS D 198 -18.05 5.99 -28.65
N CYS D 199 -18.73 4.92 -28.25
CA CYS D 199 -19.33 3.96 -29.18
C CYS D 199 -20.81 3.78 -28.86
N ASN D 200 -21.60 3.55 -29.90
CA ASN D 200 -23.03 3.33 -29.76
C ASN D 200 -23.45 2.02 -30.43
N ILE D 201 -24.29 1.29 -29.71
CA ILE D 201 -24.91 0.05 -30.18
C ILE D 201 -26.41 0.12 -29.87
N ASN D 202 -27.21 -0.59 -30.64
CA ASN D 202 -28.65 -0.63 -30.44
C ASN D 202 -28.99 -1.61 -29.32
N GLU D 203 -29.69 -1.13 -28.28
CA GLU D 203 -30.02 -2.02 -27.17
C GLU D 203 -30.96 -3.14 -27.59
N SER D 204 -31.83 -2.90 -28.57
CA SER D 204 -32.77 -3.94 -28.98
C SER D 204 -32.05 -5.08 -29.71
N LYS D 205 -31.15 -4.74 -30.63
CA LYS D 205 -30.49 -5.81 -31.36
C LYS D 205 -29.48 -6.52 -30.47
N TRP D 206 -28.87 -5.80 -29.53
CA TRP D 206 -28.05 -6.46 -28.52
C TRP D 206 -28.90 -7.41 -27.68
N ASN D 207 -30.09 -6.97 -27.25
CA ASN D 207 -31.08 -7.89 -26.68
C ASN D 207 -31.10 -9.20 -27.40
N ASN D 208 -31.59 -9.14 -28.65
CA ASN D 208 -31.85 -10.35 -29.41
C ASN D 208 -30.59 -11.19 -29.53
N THR D 209 -29.46 -10.55 -29.82
CA THR D 209 -28.23 -11.30 -30.04
C THR D 209 -27.82 -12.05 -28.77
N LEU D 210 -27.81 -11.35 -27.64
CA LEU D 210 -27.39 -12.01 -26.40
C LEU D 210 -28.42 -13.03 -25.95
N GLN D 211 -29.69 -12.83 -26.24
CA GLN D 211 -30.68 -13.83 -25.82
C GLN D 211 -30.55 -15.11 -26.64
N LYS D 212 -30.32 -14.99 -27.95
CA LYS D 212 -30.16 -16.18 -28.76
C LYS D 212 -28.83 -16.87 -28.48
N VAL D 213 -27.77 -16.09 -28.21
CA VAL D 213 -26.52 -16.68 -27.77
C VAL D 213 -26.71 -17.39 -26.44
N GLY D 214 -27.55 -16.84 -25.57
CA GLY D 214 -27.84 -17.52 -24.31
C GLY D 214 -28.60 -18.81 -24.51
N GLU D 215 -29.54 -18.84 -25.45
CA GLU D 215 -30.23 -20.10 -25.75
C GLU D 215 -29.23 -21.17 -26.20
N GLU D 216 -28.33 -20.80 -27.11
CA GLU D 216 -27.36 -21.79 -27.59
C GLU D 216 -26.42 -22.23 -26.48
N LEU D 217 -25.90 -21.27 -25.73
CA LEU D 217 -25.03 -21.60 -24.60
C LEU D 217 -25.75 -22.49 -23.60
N ALA D 218 -27.08 -22.36 -23.50
CA ALA D 218 -27.83 -23.25 -22.61
C ALA D 218 -27.96 -24.64 -23.21
N LYS D 219 -28.14 -24.72 -24.54
CA LYS D 219 -28.01 -26.01 -25.21
C LYS D 219 -26.73 -26.71 -24.77
N HIS D 220 -25.62 -25.98 -24.66
CA HIS D 220 -24.38 -26.64 -24.24
C HIS D 220 -24.25 -26.74 -22.71
N PHE D 221 -24.68 -25.72 -21.97
CA PHE D 221 -24.76 -25.81 -20.51
C PHE D 221 -26.22 -25.76 -20.09
N PRO D 222 -26.84 -26.89 -19.75
CA PRO D 222 -28.31 -26.93 -19.64
C PRO D 222 -28.88 -26.43 -18.33
N SER D 223 -28.59 -27.13 -17.23
CA SER D 223 -29.21 -26.83 -15.95
C SER D 223 -28.93 -25.38 -15.53
N LYS D 224 -27.65 -25.02 -15.47
CA LYS D 224 -27.27 -23.72 -14.93
C LYS D 224 -27.85 -22.59 -15.78
N THR D 225 -28.11 -21.45 -15.14
CA THR D 225 -28.65 -20.28 -15.84
C THR D 225 -27.50 -19.39 -16.29
N ILE D 226 -27.56 -18.94 -17.55
CA ILE D 226 -26.42 -18.25 -18.17
C ILE D 226 -26.31 -16.83 -17.67
N LYS D 227 -25.08 -16.33 -17.55
CA LYS D 227 -24.87 -14.97 -17.08
C LYS D 227 -23.75 -14.34 -17.91
N PHE D 228 -23.91 -13.07 -18.27
CA PHE D 228 -22.90 -12.32 -19.02
C PHE D 228 -22.39 -11.19 -18.12
N GLU D 229 -21.09 -11.18 -17.86
CA GLU D 229 -20.49 -10.21 -16.97
C GLU D 229 -19.27 -9.59 -17.62
N PRO D 230 -18.85 -8.40 -17.14
CA PRO D 230 -17.73 -7.70 -17.78
C PRO D 230 -16.42 -8.42 -17.56
N SER D 231 -15.39 -7.92 -18.24
CA SER D 231 -14.09 -8.57 -18.25
C SER D 231 -13.47 -8.57 -16.86
N SER D 232 -13.04 -9.75 -16.39
CA SER D 232 -12.49 -9.92 -15.05
C SER D 232 -11.28 -9.00 -14.81
N GLY D 233 -10.15 -9.33 -15.42
CA GLY D 233 -8.96 -8.52 -15.23
C GLY D 233 -7.88 -8.88 -16.24
N GLY D 234 -6.87 -8.01 -16.30
CA GLY D 234 -5.75 -8.17 -17.20
C GLY D 234 -5.36 -6.83 -17.79
N ASP D 235 -4.41 -6.88 -18.71
CA ASP D 235 -4.01 -5.68 -19.44
C ASP D 235 -5.22 -4.95 -19.99
N LEU D 236 -5.11 -3.63 -20.08
CA LEU D 236 -6.22 -2.84 -20.59
C LEU D 236 -6.67 -3.32 -21.98
N GLU D 237 -5.75 -3.88 -22.76
CA GLU D 237 -6.08 -4.29 -24.11
C GLU D 237 -7.06 -5.47 -24.14
N ILE D 238 -7.19 -6.23 -23.06
CA ILE D 238 -8.10 -7.37 -23.03
C ILE D 238 -9.30 -7.14 -22.11
N THR D 239 -9.16 -6.30 -21.10
CA THR D 239 -10.30 -5.97 -20.25
C THR D 239 -11.26 -4.99 -20.93
N THR D 240 -10.92 -4.52 -22.12
CA THR D 240 -11.80 -3.65 -22.90
C THR D 240 -11.82 -4.12 -24.34
N HIS D 241 -12.86 -3.71 -25.07
CA HIS D 241 -12.93 -3.91 -26.52
C HIS D 241 -11.94 -2.97 -27.16
N SER D 242 -10.83 -3.51 -27.66
CA SER D 242 -9.78 -2.68 -28.23
C SER D 242 -9.66 -2.97 -29.72
N PHE D 243 -9.25 -1.97 -30.48
CA PHE D 243 -9.14 -2.14 -31.92
C PHE D 243 -8.45 -0.93 -32.54
N ASN D 244 -8.13 -1.04 -33.82
CA ASN D 244 -7.51 0.07 -34.54
C ASN D 244 -8.49 0.62 -35.55
N CYS D 245 -8.60 1.94 -35.59
CA CYS D 245 -9.62 2.61 -36.39
C CYS D 245 -8.96 3.80 -37.10
N ARG D 246 -8.97 3.77 -38.42
CA ARG D 246 -8.35 4.84 -39.20
C ARG D 246 -6.89 5.05 -38.79
N GLY D 247 -6.39 4.22 -37.88
CA GLY D 247 -5.02 4.35 -37.44
C GLY D 247 -4.88 4.38 -35.93
N GLU D 248 -5.79 5.06 -35.25
CA GLU D 248 -5.68 5.22 -33.82
C GLU D 248 -6.13 3.96 -33.07
N PHE D 249 -5.54 3.74 -31.90
CA PHE D 249 -5.87 2.59 -31.06
C PHE D 249 -6.96 2.99 -30.08
N PHE D 250 -8.15 2.41 -30.25
CA PHE D 250 -9.29 2.66 -29.38
C PHE D 250 -9.36 1.59 -28.32
N TYR D 251 -9.61 2.00 -27.07
CA TYR D 251 -9.89 1.09 -25.96
C TYR D 251 -11.25 1.48 -25.42
N CYS D 252 -12.22 0.56 -25.47
CA CYS D 252 -13.61 0.86 -25.14
C CYS D 252 -14.09 -0.03 -24.00
N ASN D 253 -14.84 0.58 -23.09
CA ASN D 253 -15.40 -0.13 -21.94
C ASN D 253 -16.63 -0.92 -22.37
N THR D 254 -16.71 -2.17 -21.89
CA THR D 254 -17.81 -3.05 -22.28
C THR D 254 -18.72 -3.44 -21.13
N SER D 255 -18.54 -2.86 -19.93
CA SER D 255 -19.30 -3.33 -18.79
C SER D 255 -20.80 -3.11 -18.98
N ASP D 256 -21.17 -2.08 -19.74
CA ASP D 256 -22.56 -1.88 -20.10
C ASP D 256 -22.99 -2.74 -21.28
N LEU D 257 -22.14 -3.65 -21.72
CA LEU D 257 -22.45 -4.51 -22.86
C LEU D 257 -22.57 -5.96 -22.44
N PHE D 258 -21.52 -6.54 -21.86
CA PHE D 258 -21.58 -7.89 -21.30
C PHE D 258 -22.06 -7.77 -19.86
N ASN D 259 -23.39 -7.79 -19.69
CA ASN D 259 -24.01 -7.43 -18.43
C ASN D 259 -25.49 -7.82 -18.45
N GLY D 260 -25.77 -9.11 -18.35
CA GLY D 260 -27.15 -9.58 -18.39
C GLY D 260 -27.28 -10.97 -17.81
N THR D 261 -28.52 -11.45 -17.75
CA THR D 261 -28.80 -12.76 -17.18
C THR D 261 -29.84 -13.48 -18.03
N TYR D 262 -29.65 -14.79 -18.20
CA TYR D 262 -30.53 -15.65 -19.00
C TYR D 262 -31.10 -16.73 -18.09
N ARG D 263 -32.42 -16.65 -17.85
CA ARG D 263 -33.15 -17.59 -17.02
C ARG D 263 -34.48 -17.92 -17.68
N ASN D 264 -34.81 -19.22 -17.74
CA ASN D 264 -36.02 -19.70 -18.43
C ASN D 264 -36.29 -18.95 -19.72
N GLY D 265 -35.39 -19.08 -20.70
CA GLY D 265 -35.63 -18.52 -22.02
C GLY D 265 -35.75 -17.01 -22.07
N THR D 266 -35.63 -16.35 -20.93
CA THR D 266 -35.70 -14.90 -20.84
C THR D 266 -34.29 -14.35 -20.61
N TYR D 267 -33.85 -13.47 -21.51
CA TYR D 267 -32.60 -12.72 -21.30
C TYR D 267 -32.97 -11.31 -20.86
N ASN D 268 -32.66 -10.98 -19.62
CA ASN D 268 -32.83 -9.63 -19.08
C ASN D 268 -31.47 -8.97 -19.13
N HIS D 269 -31.36 -7.86 -19.86
CA HIS D 269 -30.11 -7.11 -19.95
C HIS D 269 -30.03 -6.14 -18.78
N THR D 270 -28.97 -6.28 -17.97
CA THR D 270 -28.77 -5.47 -16.78
C THR D 270 -27.75 -4.35 -16.99
N GLY D 271 -27.47 -3.99 -18.24
CA GLY D 271 -26.60 -2.87 -18.52
C GLY D 271 -27.35 -1.55 -18.68
N ARG D 272 -26.63 -0.45 -18.51
CA ARG D 272 -27.22 0.89 -18.49
C ARG D 272 -27.38 1.39 -19.93
N SER D 273 -28.60 1.28 -20.46
CA SER D 273 -28.90 1.85 -21.78
C SER D 273 -29.42 3.27 -21.59
N SER D 274 -29.93 3.86 -22.67
CA SER D 274 -30.40 5.25 -22.62
C SER D 274 -30.97 5.68 -23.96
N ASN D 275 -32.29 5.93 -24.00
CA ASN D 275 -32.99 6.26 -25.24
C ASN D 275 -32.92 5.15 -26.27
N GLY D 276 -32.56 3.93 -25.84
CA GLY D 276 -32.52 2.78 -26.71
C GLY D 276 -31.16 2.42 -27.26
N THR D 277 -30.10 3.12 -26.86
CA THR D 277 -28.75 2.84 -27.34
C THR D 277 -27.78 2.80 -26.17
N ILE D 278 -26.89 1.80 -26.20
CA ILE D 278 -25.79 1.69 -25.24
C ILE D 278 -24.60 2.44 -25.79
N THR D 279 -24.04 3.35 -24.99
CA THR D 279 -22.79 3.99 -25.35
C THR D 279 -21.68 3.46 -24.45
N LEU D 280 -20.49 3.38 -25.04
CA LEU D 280 -19.29 2.89 -24.40
C LEU D 280 -18.26 4.02 -24.38
N GLN D 281 -17.65 4.24 -23.22
CA GLN D 281 -16.61 5.26 -23.08
C GLN D 281 -15.27 4.68 -23.51
N CYS D 282 -14.54 5.42 -24.35
CA CYS D 282 -13.31 4.94 -24.94
C CYS D 282 -12.22 5.98 -24.81
N LYS D 283 -11.00 5.49 -24.61
CA LYS D 283 -9.80 6.31 -24.63
C LYS D 283 -8.90 5.85 -25.79
N ILE D 284 -8.23 6.80 -26.42
CA ILE D 284 -7.27 6.51 -27.48
C ILE D 284 -5.89 6.50 -26.84
N LYS D 285 -5.41 5.32 -26.51
CA LYS D 285 -4.14 5.20 -25.79
C LYS D 285 -2.97 5.30 -26.77
N GLN D 286 -1.82 5.72 -26.25
CA GLN D 286 -0.59 5.81 -27.02
C GLN D 286 0.41 4.71 -26.71
N ILE D 287 0.35 4.15 -25.49
CA ILE D 287 1.22 3.06 -25.10
C ILE D 287 0.42 1.77 -25.24
N ILE D 288 0.67 1.03 -26.31
CA ILE D 288 -0.08 -0.17 -26.65
C ILE D 288 0.71 -1.39 -26.21
N ASN D 289 -0.01 -2.42 -25.77
CA ASN D 289 0.59 -3.71 -25.43
C ASN D 289 0.48 -4.59 -26.66
N MET D 290 1.61 -4.80 -27.32
CA MET D 290 1.61 -5.43 -28.64
C MET D 290 0.96 -6.81 -28.59
N TRP D 291 0.17 -7.13 -29.61
CA TRP D 291 -0.39 -8.46 -29.76
C TRP D 291 0.56 -9.38 -30.51
N GLN D 292 1.46 -8.81 -31.31
CA GLN D 292 2.38 -9.61 -32.11
C GLN D 292 3.37 -10.36 -31.22
N GLU D 293 3.87 -9.72 -30.19
CA GLU D 293 4.85 -10.31 -29.29
C GLU D 293 4.74 -9.62 -27.94
N VAL D 294 5.45 -10.17 -26.95
CA VAL D 294 5.38 -9.60 -25.61
C VAL D 294 6.27 -8.36 -25.59
N GLY D 295 5.63 -7.20 -25.64
CA GLY D 295 6.36 -5.94 -25.65
C GLY D 295 5.37 -4.79 -25.69
N ARG D 296 5.91 -3.59 -25.72
CA ARG D 296 5.10 -2.39 -25.75
C ARG D 296 5.47 -1.55 -26.95
N ALA D 297 4.51 -0.75 -27.43
CA ALA D 297 4.71 0.11 -28.58
C ALA D 297 4.14 1.49 -28.29
N ILE D 298 4.96 2.51 -28.43
CA ILE D 298 4.53 3.89 -28.22
C ILE D 298 4.34 4.55 -29.57
N TYR D 299 3.12 5.00 -29.84
CA TYR D 299 2.73 5.62 -31.10
C TYR D 299 2.52 7.11 -30.89
N ALA D 300 2.35 7.83 -32.00
CA ALA D 300 2.19 9.28 -32.01
C ALA D 300 0.80 9.68 -31.53
N PRO D 301 0.68 10.88 -30.97
CA PRO D 301 -0.62 11.34 -30.46
C PRO D 301 -1.69 11.33 -31.54
N PRO D 302 -2.96 11.27 -31.16
CA PRO D 302 -4.02 11.14 -32.16
C PRO D 302 -4.09 12.35 -33.08
N ILE D 303 -4.46 12.09 -34.34
CA ILE D 303 -4.63 13.13 -35.35
C ILE D 303 -5.81 14.02 -34.99
N GLU D 304 -6.22 14.89 -35.90
CA GLU D 304 -7.38 15.75 -35.73
C GLU D 304 -8.50 15.35 -36.69
N GLY D 305 -9.64 16.01 -36.50
CA GLY D 305 -10.86 15.63 -37.18
C GLY D 305 -11.63 14.65 -36.34
N GLU D 306 -12.81 14.29 -36.84
CA GLU D 306 -13.61 13.26 -36.18
C GLU D 306 -13.18 11.91 -36.76
N ILE D 307 -12.56 11.08 -35.93
CA ILE D 307 -12.18 9.73 -36.33
C ILE D 307 -13.35 8.82 -36.02
N THR D 308 -13.89 8.15 -37.04
CA THR D 308 -15.07 7.33 -36.83
C THR D 308 -15.02 6.07 -37.66
N CYS D 309 -15.41 4.96 -37.03
CA CYS D 309 -15.51 3.65 -37.66
C CYS D 309 -16.90 3.08 -37.44
N ASN D 310 -17.49 2.56 -38.51
CA ASN D 310 -18.83 1.97 -38.49
C ASN D 310 -18.64 0.48 -38.78
N SER D 311 -18.72 -0.35 -37.75
CA SER D 311 -18.32 -1.75 -37.85
C SER D 311 -19.50 -2.67 -37.54
N ASN D 312 -19.37 -3.92 -38.00
CA ASN D 312 -20.31 -4.99 -37.69
C ASN D 312 -19.71 -5.91 -36.64
N ILE D 313 -20.47 -6.19 -35.58
CA ILE D 313 -20.10 -7.17 -34.59
C ILE D 313 -20.57 -8.53 -35.11
N THR D 314 -19.68 -9.27 -35.76
CA THR D 314 -20.02 -10.57 -36.34
C THR D 314 -19.63 -11.74 -35.44
N GLY D 315 -19.11 -11.49 -34.25
CA GLY D 315 -18.73 -12.59 -33.38
C GLY D 315 -18.36 -12.10 -31.99
N LEU D 316 -18.22 -13.05 -31.08
CA LEU D 316 -17.81 -12.77 -29.72
C LEU D 316 -16.70 -13.73 -29.30
N LEU D 317 -15.84 -13.25 -28.40
CA LEU D 317 -14.83 -14.08 -27.76
C LEU D 317 -15.14 -14.10 -26.27
N LEU D 318 -15.51 -15.26 -25.74
CA LEU D 318 -15.92 -15.37 -24.34
C LEU D 318 -15.10 -16.41 -23.60
N LEU D 319 -15.12 -16.31 -22.27
CA LEU D 319 -14.42 -17.24 -21.40
C LEU D 319 -15.29 -17.50 -20.17
N ARG D 320 -15.69 -18.75 -19.98
CA ARG D 320 -16.46 -19.16 -18.81
C ARG D 320 -15.56 -19.09 -17.57
N ASP D 321 -16.10 -19.49 -16.41
CA ASP D 321 -15.29 -19.57 -15.20
C ASP D 321 -15.34 -20.98 -14.63
N ASP D 330 -26.11 -22.43 -8.35
CA ASP D 330 -25.07 -22.73 -9.34
C ASP D 330 -25.51 -22.36 -10.74
N THR D 331 -24.75 -21.45 -11.36
CA THR D 331 -25.02 -20.97 -12.71
C THR D 331 -23.69 -20.67 -13.39
N GLU D 332 -23.70 -20.70 -14.72
CA GLU D 332 -22.51 -20.50 -15.53
C GLU D 332 -22.45 -19.06 -16.03
N THR D 333 -21.30 -18.42 -15.84
CA THR D 333 -21.11 -17.02 -16.20
C THR D 333 -19.96 -16.88 -17.19
N PHE D 334 -20.17 -16.05 -18.20
CA PHE D 334 -19.23 -15.84 -19.29
C PHE D 334 -18.81 -14.37 -19.34
N ARG D 335 -17.58 -14.14 -19.79
CA ARG D 335 -16.96 -12.83 -19.78
C ARG D 335 -16.26 -12.58 -21.12
N PRO D 336 -16.11 -11.33 -21.52
CA PRO D 336 -15.43 -11.03 -22.77
C PRO D 336 -13.95 -11.38 -22.65
N GLY D 337 -13.45 -12.12 -23.64
CA GLY D 337 -12.04 -12.46 -23.67
C GLY D 337 -11.36 -12.07 -24.98
N GLY D 338 -10.15 -12.58 -25.20
CA GLY D 338 -9.40 -12.27 -26.41
C GLY D 338 -7.94 -12.02 -26.12
N GLY D 339 -7.16 -11.72 -27.15
CA GLY D 339 -5.76 -11.41 -26.94
C GLY D 339 -4.83 -12.25 -27.81
N ASP D 340 -5.23 -13.48 -28.07
CA ASP D 340 -4.54 -14.34 -29.04
C ASP D 340 -5.11 -14.06 -30.42
N MET D 341 -4.54 -13.06 -31.11
CA MET D 341 -5.07 -12.64 -32.40
C MET D 341 -5.25 -13.80 -33.37
N ARG D 342 -4.67 -14.95 -33.04
CA ARG D 342 -4.87 -16.13 -33.86
C ARG D 342 -6.31 -16.61 -33.81
N ASP D 343 -7.01 -16.38 -32.70
CA ASP D 343 -8.42 -16.77 -32.61
C ASP D 343 -9.26 -16.01 -33.63
N ASN D 344 -8.92 -14.75 -33.88
CA ASN D 344 -9.61 -14.01 -34.93
C ASN D 344 -9.49 -14.74 -36.26
N TRP D 345 -8.26 -15.04 -36.68
CA TRP D 345 -8.07 -15.74 -37.94
C TRP D 345 -8.82 -17.07 -37.94
N ARG D 346 -8.72 -17.82 -36.83
CA ARG D 346 -9.43 -19.09 -36.71
C ARG D 346 -10.92 -18.93 -36.98
N SER D 347 -11.52 -17.87 -36.43
CA SER D 347 -12.94 -17.63 -36.60
C SER D 347 -13.36 -17.57 -38.05
N GLU D 348 -12.41 -17.42 -38.98
CA GLU D 348 -12.71 -17.34 -40.40
C GLU D 348 -12.17 -18.52 -41.19
N LEU D 349 -11.00 -19.03 -40.80
CA LEU D 349 -10.38 -20.17 -41.46
C LEU D 349 -10.87 -21.50 -40.93
N TYR D 350 -11.85 -21.50 -40.02
CA TYR D 350 -12.33 -22.75 -39.45
C TYR D 350 -12.76 -23.74 -40.52
N LYS D 351 -13.39 -23.27 -41.60
CA LYS D 351 -13.92 -24.16 -42.62
C LYS D 351 -12.94 -24.42 -43.75
N TYR D 352 -11.65 -24.59 -43.47
CA TYR D 352 -10.66 -24.78 -44.53
C TYR D 352 -9.58 -25.71 -44.04
N LYS D 353 -8.93 -26.39 -44.99
CA LYS D 353 -7.84 -27.30 -44.66
C LYS D 353 -6.98 -27.53 -45.89
N VAL D 354 -5.67 -27.40 -45.76
CA VAL D 354 -4.76 -27.56 -46.89
C VAL D 354 -4.45 -29.05 -47.06
N VAL D 355 -4.44 -29.52 -48.32
CA VAL D 355 -4.40 -30.95 -48.61
C VAL D 355 -3.50 -31.25 -49.80
N GLU D 356 -2.93 -32.45 -49.77
CA GLU D 356 -2.18 -33.05 -50.88
C GLU D 356 -0.76 -32.52 -50.99
#